data_5FO8
#
_entry.id   5FO8
#
_cell.length_a   82.830
_cell.length_b   130.630
_cell.length_c   233.830
_cell.angle_alpha   90.00
_cell.angle_beta   90.00
_cell.angle_gamma   90.00
#
_symmetry.space_group_name_H-M   'P 21 2 21'
#
loop_
_entity.id
_entity.type
_entity.pdbx_description
1 polymer 'COMPLEMENT C3'
2 polymer 'COMPLEMENT C3'
3 polymer 'MEMBRANE COFACTOR PROTEIN'
4 branched 2-acetamido-2-deoxy-beta-D-glucopyranose-(1-4)-2-acetamido-2-deoxy-beta-D-glucopyranose
5 branched beta-D-mannopyranose-(1-4)-2-acetamido-2-deoxy-beta-D-glucopyranose-(1-4)-2-acetamido-2-deoxy-beta-D-glucopyranose
6 non-polymer 1,2-ETHANEDIOL
7 water water
#
loop_
_entity_poly.entity_id
_entity_poly.type
_entity_poly.pdbx_seq_one_letter_code
_entity_poly.pdbx_strand_id
1 'polypeptide(L)'
;SPMYSIITPNILRLESEETMVLEAHDAQGDVPVTVTVHDFPGKKLVLSSEKTVLTPATNHMGNVTFTIPANREFKSEKGR
NKFVTVQATFGTQVVEKVVLVSLQSGYLFIQTDKTIYTPGSTVLYRIFTVNHKLLPVGRTVMVNIENPEGIPVKQDSLSS
QNQLGVLPLSWDIPELVNMGQWKIRAYYENSPQQVFSTEFEVKEYVLPSFEVIVEPTEKFYYIYNEKGLEVTITARFLYG
KKVEGTAFVIFGIQDGEQRISLPESLKRIPIEDGSGEVVLSRKVLLDGVQNPRAEDLVGKSLYVSATVILHSGSDMVQAE
RSGIPIVTSPYQIHFTKTPKYFKPGMPFDLMVFVTNPDGSPAYRVPVAVQGEDTVQSLTQGDGVAKLSINTHPSQKPLSI
TVRTKKQELSEAEQATRTMQALPYSTVGNSNNYLHLSVLRTELRPGETLNVNFLLRMDRAHEAKIRYYTYLIMNKGRLLK
AGRQVREPGQDLVVLPLSITTDFIPSFRLVAYYTLIGASGQREVVADSVWVDVKDSCVGSLVVKSGQSEDRQPVPGQQMT
LKIEGDHGARVVLVAVDKGVFVLNKKNKLTQSKIWDVVEKADIGCTPGSGKDYAGVFSDAGLTFTSSSGQQTAQRAELQC
PQPAA
;
A
2 'polypeptide(L)'
;SNLDEDIIAEENIVSRSEFPESWLWNVEDLKEPPKNGISTKLMNIFLKDSITTWEILAVSMSDKKGICVADPFEVTVMQD
FFIDLRLPYSVVRNEQVEIRAVLYNYRQNQELKVRVELLHNPAFCSLATTKRRHQQTVTIPPKSSLSVPYVIVPLKTGLQ
EVEVKAAVYHHFISDGVRKSLKVVPEGIRMNKTVAVRTLDPERLGREGVQKEDIPPADLSDQVPDTESETRILLQGTPVA
QMTEDAVDAERLKHLIVTPSGCGEENMIGMTPTVIAVHYLDETEQWEKFGLEKRQGALELIKKGYTQQLAFRQPSSAFAA
FVKRAPSTWLTAYVVKVFSLAVNLIAIDSQVLCGAVKWLILEKQKPDGVFQEDAPVIHQEMIGGLRNNNEKDMALTAFVL
ISLQEAKDICEEQVNSLPGSITKAGDFLEANYMNLQRSYTVAIAGYALAQMGRLKGPLLNKFLTTAKDKNRWEDPGKQLY
NVEATSYALLALLQLKDFDFVPPVVRWLNEQRYYGGGYGSTQATFMVFQALAQYQKDAPDHQELNLDVSLQLPSRSSKIT
HRIHWESASLLRSEETKENEGFTVTAEGKGQGTLSVVTMYHAKAKDQLTCNKFDLKVTIKPAPETEKRPQDAKNTMILEI
CTRYRGDQDATMSILDISMMTGFAPDTDDLKQLANGVDRYISKYELDKAFSDRNTLIIYLDKVSHSEDDCLAFKVHQYFN
VELIQPGAVKVYAYYNLEESCTRFYHPEKEDGKLNKLCRDELCRCAEENCFIQKSDDKVTLEERLDKACEPGVDYVYKTR
LVKVQLSNDFDEYIMAIEQTIKSGSDEVQVGQQRTFISPIKCREALKLEEKKHYLMWGLSSDFWGEKPNLSYIIGKDTWV
EHWPEEDECQDEENQKQCQDLGAFTESMVVFGCPN
;
B
3 'polypeptide(L)'
;CEEPPTFEAMELIGKPKPYYEIGERVDYKCKKGYFYIPPLATHTICDRNHTWLPVSDDACYRETCPYIRDPLNGQAVPAN
GTYEFGYQMHFICNEGYYLIGEEILYCELKGSVAIWSGKPPICEKVLCTPPPKIKNGKHTFSEVEVFEYLDAVTYSCDPA
PGPDPFSLIGESTIYCGDNSVWSRAAPECKVVKCRFPVVENGKQISGFGKKFYYKATVMFECDKGFYLDGSDTIVCDSNS
TWDPPVPKCLKV
;
C
#
loop_
_chem_comp.id
_chem_comp.type
_chem_comp.name
_chem_comp.formula
BMA D-saccharide, beta linking beta-D-mannopyranose 'C6 H12 O6'
EDO non-polymer 1,2-ETHANEDIOL 'C2 H6 O2'
NAG D-saccharide, beta linking 2-acetamido-2-deoxy-beta-D-glucopyranose 'C8 H15 N O6'
#
# COMPACT_ATOMS: atom_id res chain seq x y z
N SER A 1 -9.26 37.96 40.25
CA SER A 1 -10.10 36.81 40.59
C SER A 1 -10.79 36.08 39.43
N PRO A 2 -11.02 36.77 38.28
CA PRO A 2 -11.47 35.93 37.16
C PRO A 2 -10.37 34.99 36.70
N MET A 3 -10.72 33.75 36.40
CA MET A 3 -9.75 32.83 35.80
C MET A 3 -10.16 32.51 34.39
N TYR A 4 -9.26 32.72 33.44
CA TYR A 4 -9.55 32.42 32.04
C TYR A 4 -8.92 31.09 31.66
N SER A 5 -9.64 30.26 30.93
CA SER A 5 -9.14 28.95 30.54
C SER A 5 -9.45 28.58 29.10
N ILE A 6 -8.56 27.77 28.53
CA ILE A 6 -8.72 27.24 27.18
C ILE A 6 -8.51 25.73 27.17
N ILE A 7 -9.32 25.07 26.34
CA ILE A 7 -9.29 23.62 26.18
C ILE A 7 -9.29 23.25 24.70
N THR A 8 -8.32 22.43 24.30
CA THR A 8 -8.23 21.94 22.93
C THR A 8 -7.90 20.45 22.97
N PRO A 9 -8.02 19.75 21.83
CA PRO A 9 -7.49 18.38 21.80
C PRO A 9 -5.97 18.29 22.05
N ASN A 10 -5.55 17.12 22.54
CA ASN A 10 -4.14 16.77 22.83
C ASN A 10 -3.26 16.79 21.59
N ILE A 11 -3.88 16.52 20.44
CA ILE A 11 -3.20 16.36 19.17
C ILE A 11 -4.04 17.03 18.11
N LEU A 12 -3.44 17.95 17.34
CA LEU A 12 -4.19 18.65 16.30
C LEU A 12 -3.83 18.11 14.92
N ARG A 13 -4.83 17.79 14.12
CA ARG A 13 -4.61 17.26 12.77
C ARG A 13 -4.64 18.37 11.73
N LEU A 14 -3.98 18.13 10.60
CA LEU A 14 -3.96 19.09 9.50
C LEU A 14 -5.24 18.99 8.67
N GLU A 15 -5.72 20.14 8.18
CA GLU A 15 -6.89 20.20 7.30
C GLU A 15 -8.14 19.59 7.92
N SER A 16 -8.23 19.63 9.25
CA SER A 16 -9.40 19.15 9.95
C SER A 16 -9.96 20.23 10.87
N GLU A 17 -11.29 20.33 10.92
CA GLU A 17 -11.94 21.27 11.83
C GLU A 17 -11.58 20.94 13.27
N GLU A 18 -11.01 21.91 13.97
CA GLU A 18 -10.69 21.74 15.39
C GLU A 18 -11.40 22.82 16.19
N THR A 19 -11.80 22.49 17.41
CA THR A 19 -12.50 23.43 18.26
C THR A 19 -11.69 23.75 19.50
N MET A 20 -11.76 24.99 19.93
CA MET A 20 -11.12 25.44 21.13
C MET A 20 -12.12 26.10 22.07
N VAL A 21 -12.32 25.46 23.21
CA VAL A 21 -13.29 25.91 24.21
C VAL A 21 -12.68 26.97 25.13
N LEU A 22 -13.41 28.08 25.28
CA LEU A 22 -12.95 29.27 25.97
C LEU A 22 -13.88 29.59 27.14
N GLU A 23 -13.31 29.70 28.33
CA GLU A 23 -14.12 30.02 29.50
C GLU A 23 -13.53 31.18 30.30
N ALA A 24 -14.41 32.03 30.83
CA ALA A 24 -14.01 33.10 31.71
C ALA A 24 -14.72 32.94 33.05
N HIS A 25 -14.15 32.14 33.93
CA HIS A 25 -14.72 31.85 35.24
C HIS A 25 -14.69 33.09 36.13
N ASP A 26 -15.83 33.38 36.76
CA ASP A 26 -15.99 34.54 37.64
C ASP A 26 -15.79 35.88 36.93
N ALA A 27 -16.24 35.97 35.69
CA ALA A 27 -16.07 37.18 34.90
C ALA A 27 -17.35 38.00 34.83
N GLN A 28 -17.18 39.33 34.85
CA GLN A 28 -18.30 40.25 34.73
C GLN A 28 -18.26 40.96 33.38
N GLY A 29 -19.44 41.28 32.84
CA GLY A 29 -19.52 42.01 31.58
C GLY A 29 -19.06 41.20 30.39
N ASP A 30 -18.86 41.84 29.25
CA ASP A 30 -18.41 41.14 28.06
C ASP A 30 -16.89 41.00 28.04
N VAL A 31 -16.42 39.79 27.70
CA VAL A 31 -14.99 39.53 27.60
C VAL A 31 -14.60 39.23 26.16
N PRO A 32 -13.94 40.20 25.50
CA PRO A 32 -13.45 39.97 24.14
C PRO A 32 -12.33 38.93 24.14
N VAL A 33 -12.34 38.04 23.16
CA VAL A 33 -11.32 37.01 23.03
C VAL A 33 -10.79 36.92 21.60
N THR A 34 -9.46 36.97 21.47
CA THR A 34 -8.83 36.71 20.18
C THR A 34 -7.98 35.45 20.24
N VAL A 35 -8.26 34.51 19.35
CA VAL A 35 -7.56 33.22 19.32
C VAL A 35 -6.66 33.10 18.09
N THR A 36 -5.37 32.91 18.32
CA THR A 36 -4.40 32.81 17.25
C THR A 36 -3.59 31.53 17.36
N VAL A 37 -3.38 30.88 16.22
CA VAL A 37 -2.53 29.71 16.15
C VAL A 37 -1.31 29.99 15.29
N HIS A 38 -0.12 29.78 15.87
CA HIS A 38 1.18 30.01 15.23
C HIS A 38 1.98 28.71 15.10
N ASP A 39 2.96 28.70 14.19
CA ASP A 39 3.91 27.61 14.12
C ASP A 39 4.90 27.73 15.28
N PHE A 40 5.37 26.59 15.78
CA PHE A 40 6.36 26.57 16.85
C PHE A 40 7.67 26.03 16.28
N PRO A 41 8.80 26.66 16.62
CA PRO A 41 8.93 27.77 17.57
C PRO A 41 9.11 29.14 16.92
N GLY A 42 9.04 29.22 15.60
CA GLY A 42 9.40 30.45 14.90
C GLY A 42 8.34 31.52 14.82
N LYS A 43 7.08 31.14 14.97
CA LYS A 43 5.95 32.05 14.77
C LYS A 43 6.01 32.81 13.44
N LYS A 44 6.47 32.14 12.39
CA LYS A 44 6.59 32.78 11.10
C LYS A 44 5.25 32.90 10.39
N LEU A 45 4.33 32.01 10.75
CA LEU A 45 3.03 31.93 10.09
C LEU A 45 1.89 32.25 11.06
N VAL A 46 0.87 32.92 10.55
CA VAL A 46 -0.39 32.98 11.27
C VAL A 46 -1.27 31.86 10.73
N LEU A 47 -1.20 30.71 11.38
CA LEU A 47 -1.94 29.53 10.94
C LEU A 47 -3.43 29.78 11.12
N SER A 48 -3.80 30.45 12.20
CA SER A 48 -5.20 30.81 12.39
C SER A 48 -5.42 32.05 13.23
N SER A 49 -6.52 32.75 12.98
CA SER A 49 -6.92 33.88 13.80
C SER A 49 -8.44 34.05 13.76
N GLU A 50 -9.06 33.98 14.94
CA GLU A 50 -10.51 34.05 15.08
C GLU A 50 -10.89 34.93 16.27
N LYS A 51 -11.99 35.67 16.15
CA LYS A 51 -12.46 36.52 17.23
C LYS A 51 -13.77 36.00 17.82
N THR A 52 -14.01 36.24 19.11
CA THR A 52 -15.31 35.97 19.71
C THR A 52 -15.50 36.77 20.99
N VAL A 53 -16.72 36.79 21.51
CA VAL A 53 -17.00 37.52 22.75
C VAL A 53 -17.73 36.64 23.76
N LEU A 54 -17.22 36.60 24.99
CA LEU A 54 -17.84 35.84 26.07
C LEU A 54 -18.81 36.73 26.82
N THR A 55 -20.09 36.35 26.79
CA THR A 55 -21.15 37.17 27.35
C THR A 55 -21.90 36.47 28.47
N PRO A 56 -22.47 37.24 29.41
CA PRO A 56 -23.32 36.69 30.48
C PRO A 56 -24.46 35.81 29.93
N ALA A 57 -24.91 36.12 28.72
CA ALA A 57 -25.96 35.33 28.07
C ALA A 57 -25.48 33.92 27.74
N THR A 58 -24.22 33.80 27.35
CA THR A 58 -23.62 32.50 27.09
C THR A 58 -22.87 31.98 28.31
N ASN A 59 -23.12 32.60 29.46
CA ASN A 59 -22.45 32.25 30.72
C ASN A 59 -20.92 32.29 30.66
N HIS A 60 -20.40 33.23 29.87
CA HIS A 60 -18.96 33.41 29.72
C HIS A 60 -18.27 32.14 29.24
N MET A 61 -18.97 31.43 28.38
CA MET A 61 -18.43 30.22 27.77
C MET A 61 -18.65 30.30 26.26
N GLY A 62 -17.60 30.04 25.50
CA GLY A 62 -17.72 30.05 24.05
C GLY A 62 -16.69 29.16 23.41
N ASN A 63 -16.60 29.21 22.09
CA ASN A 63 -15.58 28.47 21.39
C ASN A 63 -15.13 29.19 20.14
N VAL A 64 -14.01 28.75 19.57
CA VAL A 64 -13.69 29.12 18.20
C VAL A 64 -13.32 27.86 17.45
N THR A 65 -13.63 27.80 16.15
CA THR A 65 -13.17 26.69 15.33
C THR A 65 -12.09 27.18 14.39
N PHE A 66 -11.10 26.33 14.14
CA PHE A 66 -9.99 26.70 13.29
C PHE A 66 -9.49 25.48 12.52
N THR A 67 -8.75 25.73 11.44
CA THR A 67 -8.20 24.66 10.63
C THR A 67 -6.73 24.94 10.33
N ILE A 68 -5.89 23.92 10.49
CA ILE A 68 -4.47 24.06 10.21
C ILE A 68 -4.14 23.54 8.80
N PRO A 69 -3.70 24.45 7.92
CA PRO A 69 -3.39 24.22 6.49
C PRO A 69 -2.29 23.18 6.28
N ALA A 70 -2.15 22.72 5.03
CA ALA A 70 -1.13 21.73 4.68
C ALA A 70 0.28 22.24 4.96
N ASN A 71 1.08 21.39 5.60
CA ASN A 71 2.38 21.79 6.13
C ASN A 71 3.43 22.08 5.06
N ARG A 72 4.18 23.15 5.27
CA ARG A 72 5.16 23.68 4.32
C ARG A 72 4.60 23.90 2.92
N GLU A 77 11.37 15.03 6.09
CA GLU A 77 10.60 14.95 7.32
C GLU A 77 11.44 14.47 8.48
N LYS A 78 12.11 13.33 8.29
CA LYS A 78 12.92 12.68 9.32
C LYS A 78 12.09 12.15 10.50
N GLY A 79 10.78 12.36 10.43
CA GLY A 79 9.86 11.83 11.42
C GLY A 79 9.85 12.52 12.78
N ARG A 80 10.39 13.73 12.85
CA ARG A 80 10.40 14.47 14.11
C ARG A 80 9.10 15.23 14.32
N ASN A 81 8.59 15.21 15.56
CA ASN A 81 7.28 15.81 15.89
C ASN A 81 7.18 17.32 15.65
N LYS A 82 6.04 17.75 15.11
CA LYS A 82 5.78 19.17 14.86
C LYS A 82 4.87 19.74 15.93
N PHE A 83 4.99 21.04 16.18
CA PHE A 83 4.20 21.68 17.23
C PHE A 83 3.64 23.03 16.78
N VAL A 84 2.52 23.42 17.37
CA VAL A 84 2.00 24.77 17.17
C VAL A 84 1.81 25.44 18.52
N THR A 85 1.77 26.77 18.53
CA THR A 85 1.38 27.49 19.73
C THR A 85 -0.05 28.00 19.56
N VAL A 86 -0.92 27.59 20.47
CA VAL A 86 -2.29 28.07 20.48
C VAL A 86 -2.42 29.14 21.56
N GLN A 87 -3.07 30.24 21.22
CA GLN A 87 -2.98 31.44 22.03
C GLN A 87 -4.35 32.10 22.11
N ALA A 88 -4.74 32.54 23.31
CA ALA A 88 -6.02 33.23 23.48
C ALA A 88 -5.83 34.47 24.35
N THR A 89 -6.28 35.60 23.84
CA THR A 89 -6.21 36.85 24.59
C THR A 89 -7.62 37.25 25.03
N PHE A 90 -7.84 37.19 26.34
CA PHE A 90 -9.07 37.61 26.99
C PHE A 90 -8.87 39.03 27.48
N GLY A 91 -9.48 40.00 26.80
CA GLY A 91 -9.22 41.40 27.10
C GLY A 91 -7.77 41.72 26.82
N THR A 92 -6.96 41.73 27.88
CA THR A 92 -5.54 41.98 27.77
C THR A 92 -4.71 40.74 28.14
N GLN A 93 -5.33 39.82 28.88
CA GLN A 93 -4.64 38.64 29.44
C GLN A 93 -4.42 37.50 28.43
N VAL A 94 -3.17 37.08 28.27
CA VAL A 94 -2.83 36.02 27.32
C VAL A 94 -2.68 34.65 28.00
N VAL A 95 -3.38 33.65 27.47
CA VAL A 95 -3.22 32.26 27.88
C VAL A 95 -2.74 31.46 26.67
N GLU A 96 -1.58 30.81 26.79
CA GLU A 96 -1.04 30.05 25.65
C GLU A 96 -0.63 28.62 25.99
N LYS A 97 -0.56 27.78 24.96
CA LYS A 97 -0.23 26.37 25.12
C LYS A 97 0.39 25.79 23.86
N VAL A 98 1.52 25.10 24.01
CA VAL A 98 2.14 24.41 22.88
C VAL A 98 1.49 23.04 22.69
N VAL A 99 1.09 22.74 21.46
CA VAL A 99 0.34 21.53 21.17
C VAL A 99 0.95 20.72 20.03
N LEU A 100 0.98 19.41 20.24
CA LEU A 100 1.46 18.45 19.26
C LEU A 100 0.56 18.38 18.03
N VAL A 101 1.18 18.15 16.88
CA VAL A 101 0.46 18.10 15.61
C VAL A 101 0.64 16.75 14.92
N SER A 102 -0.48 16.15 14.51
CA SER A 102 -0.45 14.97 13.65
C SER A 102 -0.54 15.41 12.20
N LEU A 103 0.30 14.83 11.33
CA LEU A 103 0.32 15.22 9.93
C LEU A 103 -0.77 14.56 9.07
N GLN A 104 -1.59 13.69 9.67
CA GLN A 104 -2.70 13.06 8.95
C GLN A 104 -3.79 14.06 8.59
N SER A 105 -4.38 13.88 7.42
CA SER A 105 -5.43 14.77 6.95
C SER A 105 -6.76 14.07 6.71
N GLY A 106 -6.82 12.77 7.04
CA GLY A 106 -8.04 12.01 6.88
C GLY A 106 -7.78 10.55 6.54
N TYR A 107 -8.79 9.87 6.01
CA TYR A 107 -8.66 8.46 5.66
C TYR A 107 -8.84 8.21 4.16
N LEU A 108 -8.16 7.18 3.68
CA LEU A 108 -8.42 6.62 2.35
C LEU A 108 -8.83 5.16 2.51
N PHE A 109 -9.92 4.77 1.86
CA PHE A 109 -10.32 3.36 1.87
C PHE A 109 -10.31 2.79 0.45
N ILE A 110 -9.81 1.57 0.29
CA ILE A 110 -9.66 1.00 -1.05
C ILE A 110 -10.46 -0.28 -1.26
N GLN A 111 -11.29 -0.31 -2.30
CA GLN A 111 -12.10 -1.49 -2.61
C GLN A 111 -11.73 -2.08 -3.96
N THR A 112 -11.40 -3.36 -4.01
CA THR A 112 -11.21 -4.04 -5.29
C THR A 112 -12.45 -4.86 -5.62
N ASP A 113 -12.74 -5.02 -6.91
CA ASP A 113 -13.94 -5.75 -7.32
C ASP A 113 -13.88 -7.22 -6.90
N LYS A 114 -12.67 -7.77 -6.83
CA LYS A 114 -12.48 -9.16 -6.43
C LYS A 114 -11.27 -9.31 -5.53
N THR A 115 -11.13 -10.48 -4.92
CA THR A 115 -10.03 -10.77 -4.02
C THR A 115 -8.88 -11.46 -4.72
N ILE A 116 -9.15 -11.98 -5.90
CA ILE A 116 -8.15 -12.77 -6.62
C ILE A 116 -8.34 -12.66 -8.14
N TYR A 117 -7.24 -12.60 -8.88
CA TYR A 117 -7.29 -12.41 -10.33
C TYR A 117 -6.33 -13.35 -11.07
N THR A 118 -6.68 -13.72 -12.29
CA THR A 118 -5.77 -14.41 -13.19
C THR A 118 -4.99 -13.37 -14.00
N PRO A 119 -3.80 -13.73 -14.51
CA PRO A 119 -3.10 -12.83 -15.44
C PRO A 119 -3.96 -12.54 -16.67
N GLY A 120 -3.83 -11.34 -17.23
CA GLY A 120 -4.64 -10.94 -18.37
C GLY A 120 -5.87 -10.14 -17.98
N SER A 121 -6.39 -10.38 -16.78
CA SER A 121 -7.58 -9.69 -16.33
C SER A 121 -7.30 -8.28 -15.84
N THR A 122 -8.36 -7.53 -15.57
CA THR A 122 -8.24 -6.15 -15.16
C THR A 122 -8.74 -5.96 -13.74
N VAL A 123 -7.91 -5.37 -12.89
CA VAL A 123 -8.33 -5.00 -11.55
C VAL A 123 -9.12 -3.71 -11.57
N LEU A 124 -10.40 -3.79 -11.19
CA LEU A 124 -11.22 -2.62 -11.00
C LEU A 124 -11.21 -2.24 -9.52
N TYR A 125 -10.85 -1.00 -9.21
CA TYR A 125 -10.81 -0.59 -7.81
C TYR A 125 -11.26 0.85 -7.58
N ARG A 126 -11.66 1.14 -6.35
CA ARG A 126 -12.16 2.45 -5.99
C ARG A 126 -11.52 2.98 -4.72
N ILE A 127 -11.12 4.25 -4.75
CA ILE A 127 -10.54 4.90 -3.58
C ILE A 127 -11.48 5.93 -3.00
N PHE A 128 -11.89 5.70 -1.75
CA PHE A 128 -12.78 6.61 -1.05
C PHE A 128 -11.96 7.58 -0.20
N THR A 129 -12.15 8.87 -0.47
CA THR A 129 -11.37 9.92 0.17
C THR A 129 -12.19 10.68 1.21
N VAL A 130 -11.98 10.37 2.49
CA VAL A 130 -12.74 11.05 3.54
C VAL A 130 -11.84 11.77 4.53
N ASN A 131 -12.43 12.64 5.33
CA ASN A 131 -11.68 13.30 6.40
C ASN A 131 -11.85 12.56 7.73
N HIS A 132 -11.42 13.17 8.82
CA HIS A 132 -11.47 12.49 10.11
C HIS A 132 -12.89 12.30 10.65
N LYS A 133 -13.84 13.01 10.06
CA LYS A 133 -15.24 12.82 10.42
C LYS A 133 -15.93 11.84 9.46
N LEU A 134 -15.12 11.17 8.63
CA LEU A 134 -15.60 10.22 7.64
C LEU A 134 -16.53 10.87 6.59
N LEU A 135 -16.42 12.18 6.45
CA LEU A 135 -17.19 12.89 5.44
C LEU A 135 -16.36 13.01 4.16
N PRO A 136 -17.03 12.92 3.00
CA PRO A 136 -16.32 12.95 1.72
C PRO A 136 -15.59 14.27 1.53
N VAL A 137 -14.40 14.22 0.94
CA VAL A 137 -13.60 15.41 0.73
C VAL A 137 -12.91 15.32 -0.63
N GLY A 138 -12.55 16.46 -1.19
CA GLY A 138 -11.89 16.50 -2.49
C GLY A 138 -10.44 16.91 -2.38
N ARG A 139 -9.53 15.97 -2.60
CA ARG A 139 -8.10 16.23 -2.43
C ARG A 139 -7.24 15.48 -3.45
N THR A 140 -5.95 15.77 -3.43
CA THR A 140 -5.02 15.13 -4.35
C THR A 140 -4.35 13.91 -3.71
N VAL A 141 -4.40 12.80 -4.44
CA VAL A 141 -3.98 11.50 -3.95
C VAL A 141 -2.95 10.87 -4.87
N MET A 142 -1.98 10.18 -4.27
CA MET A 142 -0.98 9.42 -5.02
C MET A 142 -1.20 7.92 -4.83
N VAL A 143 -1.22 7.17 -5.94
CA VAL A 143 -1.51 5.74 -5.95
C VAL A 143 -0.38 4.93 -6.57
N ASN A 144 0.03 3.86 -5.88
CA ASN A 144 1.06 2.95 -6.34
C ASN A 144 0.55 1.52 -6.42
N ILE A 145 0.91 0.82 -7.49
CA ILE A 145 0.72 -0.63 -7.56
C ILE A 145 2.06 -1.30 -7.22
N GLU A 146 2.02 -2.31 -6.36
CA GLU A 146 3.25 -3.00 -5.94
C GLU A 146 3.18 -4.51 -6.16
N ASN A 147 4.28 -5.08 -6.64
CA ASN A 147 4.40 -6.52 -6.86
C ASN A 147 4.73 -7.24 -5.54
N PRO A 148 4.68 -8.59 -5.52
CA PRO A 148 4.95 -9.30 -4.27
C PRO A 148 6.33 -9.09 -3.63
N GLU A 149 7.19 -8.28 -4.23
CA GLU A 149 8.49 -7.98 -3.63
C GLU A 149 8.51 -6.60 -3.00
N GLY A 150 7.46 -5.82 -3.28
CA GLY A 150 7.35 -4.50 -2.72
C GLY A 150 7.86 -3.41 -3.65
N ILE A 151 8.09 -3.77 -4.91
CA ILE A 151 8.52 -2.80 -5.90
C ILE A 151 7.31 -2.20 -6.64
N PRO A 152 7.27 -0.86 -6.71
CA PRO A 152 6.20 -0.15 -7.43
C PRO A 152 6.35 -0.35 -8.94
N VAL A 153 5.27 -0.67 -9.62
CA VAL A 153 5.29 -0.89 -11.07
C VAL A 153 4.42 0.12 -11.80
N LYS A 154 3.60 0.84 -11.04
CA LYS A 154 2.69 1.83 -11.61
C LYS A 154 2.42 2.91 -10.58
N GLN A 155 2.33 4.16 -11.02
CA GLN A 155 2.24 5.29 -10.12
C GLN A 155 1.43 6.43 -10.75
N ASP A 156 0.40 6.90 -10.04
CA ASP A 156 -0.47 7.94 -10.57
C ASP A 156 -0.88 9.02 -9.55
N SER A 157 -1.06 10.25 -10.01
CA SER A 157 -1.55 11.32 -9.15
C SER A 157 -2.93 11.77 -9.65
N LEU A 158 -3.92 11.72 -8.76
CA LEU A 158 -5.30 12.01 -9.16
C LEU A 158 -5.98 12.94 -8.17
N SER A 159 -6.87 13.80 -8.68
CA SER A 159 -7.67 14.64 -7.81
C SER A 159 -9.06 14.04 -7.65
N SER A 160 -9.59 14.12 -6.45
CA SER A 160 -10.93 13.61 -6.17
C SER A 160 -11.91 14.75 -6.01
N GLN A 161 -11.51 15.94 -6.44
CA GLN A 161 -12.37 17.11 -6.37
C GLN A 161 -13.62 16.94 -7.23
N ASN A 162 -14.76 17.31 -6.67
CA ASN A 162 -16.06 17.19 -7.32
C ASN A 162 -16.47 15.75 -7.65
N GLN A 163 -15.90 14.79 -6.93
CA GLN A 163 -16.16 13.38 -7.20
C GLN A 163 -16.94 12.71 -6.09
N LEU A 164 -17.38 13.51 -5.13
CA LEU A 164 -18.22 13.04 -4.02
C LEU A 164 -17.56 11.90 -3.24
N GLY A 165 -16.24 11.91 -3.17
CA GLY A 165 -15.51 10.99 -2.33
C GLY A 165 -15.07 9.70 -2.99
N VAL A 166 -15.37 9.55 -4.29
CA VAL A 166 -15.09 8.30 -4.99
C VAL A 166 -14.14 8.47 -6.19
N LEU A 167 -13.02 7.76 -6.16
CA LEU A 167 -12.07 7.73 -7.26
C LEU A 167 -12.08 6.37 -7.94
N PRO A 168 -12.72 6.27 -9.12
CA PRO A 168 -12.78 5.03 -9.90
C PRO A 168 -11.49 4.81 -10.68
N LEU A 169 -10.89 3.63 -10.54
CA LEU A 169 -9.61 3.34 -11.16
C LEU A 169 -9.54 1.89 -11.65
N SER A 170 -8.55 1.62 -12.50
CA SER A 170 -8.34 0.28 -13.01
C SER A 170 -6.86 0.04 -13.27
N TRP A 171 -6.48 -1.24 -13.31
CA TRP A 171 -5.12 -1.61 -13.69
C TRP A 171 -5.12 -2.95 -14.43
N ASP A 172 -4.50 -2.97 -15.61
CA ASP A 172 -4.47 -4.18 -16.42
C ASP A 172 -3.30 -5.10 -16.02
N ILE A 173 -3.63 -6.33 -15.63
CA ILE A 173 -2.60 -7.28 -15.22
C ILE A 173 -2.05 -8.02 -16.44
N PRO A 174 -0.74 -7.84 -16.71
CA PRO A 174 -0.08 -8.45 -17.87
C PRO A 174 -0.17 -9.97 -17.84
N GLU A 175 -0.18 -10.60 -19.02
CA GLU A 175 -0.20 -12.06 -19.13
C GLU A 175 1.03 -12.69 -18.49
N LEU A 176 2.19 -12.09 -18.71
CA LEU A 176 3.43 -12.54 -18.09
C LEU A 176 3.65 -11.74 -16.82
N VAL A 177 3.49 -12.39 -15.67
CA VAL A 177 3.58 -11.68 -14.40
C VAL A 177 3.92 -12.59 -13.23
N ASN A 178 4.49 -12.00 -12.17
CA ASN A 178 4.81 -12.75 -10.96
C ASN A 178 3.56 -13.01 -10.12
N MET A 179 3.40 -14.24 -9.68
CA MET A 179 2.24 -14.63 -8.90
C MET A 179 2.39 -14.21 -7.45
N GLY A 180 1.30 -14.28 -6.70
CA GLY A 180 1.33 -13.99 -5.28
C GLY A 180 0.55 -12.75 -4.87
N GLN A 181 0.92 -12.19 -3.72
CA GLN A 181 0.21 -11.06 -3.15
C GLN A 181 0.67 -9.72 -3.71
N TRP A 182 -0.21 -9.06 -4.45
CA TRP A 182 0.03 -7.72 -4.94
C TRP A 182 -0.60 -6.68 -4.02
N LYS A 183 -0.18 -5.43 -4.15
CA LYS A 183 -0.64 -4.38 -3.25
C LYS A 183 -1.04 -3.08 -3.97
N ILE A 184 -2.02 -2.38 -3.40
CA ILE A 184 -2.38 -1.04 -3.82
C ILE A 184 -2.12 -0.13 -2.62
N ARG A 185 -1.28 0.88 -2.82
CA ARG A 185 -0.89 1.78 -1.73
C ARG A 185 -1.18 3.22 -2.10
N ALA A 186 -1.97 3.91 -1.29
CA ALA A 186 -2.36 5.28 -1.62
C ALA A 186 -2.13 6.23 -0.46
N TYR A 187 -1.80 7.48 -0.78
CA TYR A 187 -1.68 8.49 0.27
C TYR A 187 -2.16 9.85 -0.22
N TYR A 188 -2.73 10.65 0.69
CA TYR A 188 -2.99 12.05 0.40
C TYR A 188 -1.63 12.70 0.17
N GLU A 189 -1.51 13.48 -0.90
CA GLU A 189 -0.22 14.06 -1.24
C GLU A 189 0.28 15.14 -0.27
N ASN A 190 -0.61 15.63 0.58
CA ASN A 190 -0.20 16.56 1.62
C ASN A 190 0.24 15.85 2.88
N SER A 191 -0.17 14.58 3.02
CA SER A 191 0.20 13.76 4.16
C SER A 191 0.81 12.45 3.70
N PRO A 192 2.01 12.50 3.12
CA PRO A 192 2.62 11.35 2.44
C PRO A 192 3.05 10.22 3.37
N GLN A 193 3.15 10.51 4.67
CA GLN A 193 3.64 9.51 5.61
C GLN A 193 2.56 8.60 6.19
N GLN A 194 1.30 8.90 5.91
CA GLN A 194 0.25 7.93 6.22
C GLN A 194 -0.24 7.25 4.95
N VAL A 195 0.25 6.04 4.72
CA VAL A 195 -0.10 5.27 3.54
C VAL A 195 -1.18 4.25 3.88
N PHE A 196 -2.20 4.16 3.03
CA PHE A 196 -3.29 3.22 3.20
C PHE A 196 -3.17 2.13 2.13
N SER A 197 -3.40 0.88 2.52
CA SER A 197 -3.11 -0.24 1.62
C SER A 197 -4.21 -1.28 1.52
N THR A 198 -4.20 -2.01 0.41
CA THR A 198 -4.99 -3.23 0.31
C THR A 198 -4.25 -4.24 -0.57
N GLU A 199 -4.59 -5.51 -0.43
CA GLU A 199 -3.90 -6.55 -1.18
C GLU A 199 -4.87 -7.27 -2.12
N PHE A 200 -4.32 -7.80 -3.21
CA PHE A 200 -5.08 -8.71 -4.03
C PHE A 200 -4.17 -9.81 -4.56
N GLU A 201 -4.69 -11.03 -4.63
CA GLU A 201 -3.89 -12.17 -5.05
C GLU A 201 -3.96 -12.36 -6.56
N VAL A 202 -2.80 -12.61 -7.17
CA VAL A 202 -2.76 -12.99 -8.57
C VAL A 202 -2.33 -14.45 -8.67
N LYS A 203 -3.15 -15.24 -9.35
CA LYS A 203 -2.94 -16.68 -9.41
C LYS A 203 -3.62 -17.26 -10.65
N GLU A 204 -3.08 -18.37 -11.16
CA GLU A 204 -3.74 -19.13 -12.22
C GLU A 204 -4.69 -20.14 -11.59
N TYR A 205 -5.99 -19.90 -11.75
CA TYR A 205 -6.99 -20.72 -11.10
C TYR A 205 -8.19 -20.90 -12.02
N VAL A 206 -9.07 -21.85 -11.67
CA VAL A 206 -10.40 -21.90 -12.24
C VAL A 206 -11.43 -21.84 -11.09
N LEU A 207 -12.58 -21.26 -11.37
CA LEU A 207 -13.60 -21.08 -10.33
C LEU A 207 -14.15 -22.41 -9.86
N PRO A 208 -14.22 -22.62 -8.53
CA PRO A 208 -14.81 -23.82 -7.94
C PRO A 208 -16.32 -23.83 -8.16
N SER A 209 -16.94 -25.00 -8.03
CA SER A 209 -18.38 -25.11 -8.23
C SER A 209 -19.13 -25.18 -6.90
N PHE A 210 -18.39 -25.42 -5.83
CA PHE A 210 -19.00 -25.53 -4.51
C PHE A 210 -18.10 -25.01 -3.40
N GLU A 211 -18.66 -24.92 -2.20
CA GLU A 211 -17.91 -24.42 -1.06
C GLU A 211 -17.87 -25.46 0.05
N VAL A 212 -16.78 -25.42 0.81
CA VAL A 212 -16.57 -26.31 1.95
C VAL A 212 -16.35 -25.50 3.21
N ILE A 213 -17.03 -25.89 4.28
CA ILE A 213 -16.91 -25.25 5.57
C ILE A 213 -16.45 -26.26 6.61
N VAL A 214 -15.36 -25.94 7.29
CA VAL A 214 -14.82 -26.79 8.33
C VAL A 214 -15.06 -26.11 9.68
N GLU A 215 -15.87 -26.72 10.53
CA GLU A 215 -16.16 -26.11 11.84
C GLU A 215 -16.15 -27.09 13.00
N PRO A 216 -15.27 -26.83 13.99
CA PRO A 216 -15.21 -27.63 15.22
C PRO A 216 -16.44 -27.41 16.09
N THR A 217 -16.83 -28.42 16.87
CA THR A 217 -18.00 -28.33 17.73
C THR A 217 -17.84 -27.26 18.80
N GLU A 218 -16.59 -27.03 19.21
CA GLU A 218 -16.27 -25.92 20.11
C GLU A 218 -15.21 -25.04 19.45
N LYS A 219 -15.21 -23.75 19.76
CA LYS A 219 -14.22 -22.84 19.18
C LYS A 219 -12.91 -22.85 19.95
N PHE A 220 -12.54 -24.03 20.43
CA PHE A 220 -11.31 -24.26 21.19
C PHE A 220 -11.22 -25.76 21.48
N TYR A 221 -10.06 -26.21 21.93
CA TYR A 221 -9.95 -27.56 22.47
C TYR A 221 -9.49 -27.55 23.92
N TYR A 222 -10.27 -28.20 24.78
CA TYR A 222 -9.93 -28.31 26.20
C TYR A 222 -8.97 -29.48 26.38
N ILE A 223 -7.81 -29.20 26.97
CA ILE A 223 -6.71 -30.15 26.99
C ILE A 223 -7.01 -31.43 27.79
N TYR A 224 -8.05 -31.39 28.62
CA TYR A 224 -8.43 -32.56 29.40
C TYR A 224 -9.72 -33.20 28.88
N ASN A 225 -10.12 -32.80 27.68
CA ASN A 225 -11.28 -33.40 27.02
C ASN A 225 -10.89 -34.71 26.34
N GLU A 226 -11.37 -35.82 26.89
CA GLU A 226 -11.02 -37.15 26.38
C GLU A 226 -11.71 -37.49 25.06
N LYS A 227 -12.66 -36.66 24.65
CA LYS A 227 -13.37 -36.89 23.38
C LYS A 227 -12.55 -36.39 22.21
N GLY A 228 -11.47 -35.69 22.48
CA GLY A 228 -10.64 -35.12 21.43
C GLY A 228 -11.30 -33.92 20.77
N LEU A 229 -10.79 -33.52 19.61
CA LEU A 229 -11.39 -32.41 18.86
C LEU A 229 -12.37 -32.92 17.80
N GLU A 230 -13.64 -32.57 17.95
CA GLU A 230 -14.65 -32.98 16.98
C GLU A 230 -14.90 -31.89 15.95
N VAL A 231 -14.86 -32.28 14.68
CA VAL A 231 -15.04 -31.34 13.59
C VAL A 231 -16.15 -31.79 12.62
N THR A 232 -16.96 -30.82 12.20
CA THR A 232 -17.99 -31.04 11.20
C THR A 232 -17.58 -30.41 9.86
N ILE A 233 -17.61 -31.24 8.81
CA ILE A 233 -17.34 -30.78 7.45
C ILE A 233 -18.66 -30.61 6.70
N THR A 234 -18.79 -29.49 5.99
CA THR A 234 -20.01 -29.22 5.24
C THR A 234 -19.69 -28.84 3.80
N ALA A 235 -20.33 -29.51 2.85
CA ALA A 235 -20.10 -29.20 1.44
C ALA A 235 -21.40 -28.82 0.74
N ARG A 236 -21.35 -27.73 -0.02
CA ARG A 236 -22.56 -27.24 -0.67
C ARG A 236 -22.28 -26.48 -1.96
N PHE A 237 -22.99 -26.86 -3.02
CA PHE A 237 -22.87 -26.19 -4.32
C PHE A 237 -23.17 -24.71 -4.19
N LEU A 238 -22.58 -23.92 -5.08
CA LEU A 238 -22.74 -22.47 -5.03
C LEU A 238 -24.19 -22.03 -5.27
N TYR A 239 -24.95 -22.89 -5.94
CA TYR A 239 -26.36 -22.58 -6.23
C TYR A 239 -27.33 -23.09 -5.16
N GLY A 240 -26.80 -23.64 -4.08
CA GLY A 240 -27.63 -23.99 -2.93
C GLY A 240 -27.81 -25.47 -2.61
N LYS A 241 -27.60 -26.32 -3.60
CA LYS A 241 -27.80 -27.76 -3.42
C LYS A 241 -26.67 -28.41 -2.63
N LYS A 242 -27.01 -29.44 -1.86
CA LYS A 242 -26.01 -30.15 -1.05
C LYS A 242 -25.10 -31.02 -1.92
N VAL A 243 -23.96 -31.41 -1.34
CA VAL A 243 -22.94 -32.12 -2.08
C VAL A 243 -22.81 -33.57 -1.60
N GLU A 244 -22.71 -34.49 -2.56
CA GLU A 244 -22.34 -35.87 -2.25
C GLU A 244 -20.92 -36.07 -2.73
N GLY A 245 -20.09 -36.70 -1.90
CA GLY A 245 -18.70 -36.93 -2.27
C GLY A 245 -17.86 -37.52 -1.15
N THR A 246 -16.57 -37.21 -1.18
CA THR A 246 -15.63 -37.77 -0.21
C THR A 246 -14.71 -36.68 0.31
N ALA A 247 -14.39 -36.73 1.60
CA ALA A 247 -13.52 -35.74 2.21
C ALA A 247 -12.23 -36.34 2.77
N PHE A 248 -11.15 -35.59 2.60
CA PHE A 248 -9.84 -35.94 3.14
C PHE A 248 -9.49 -34.91 4.21
N VAL A 249 -9.36 -35.36 5.46
CA VAL A 249 -9.16 -34.43 6.55
C VAL A 249 -7.87 -34.73 7.30
N ILE A 250 -7.06 -33.70 7.52
CA ILE A 250 -5.82 -33.87 8.29
C ILE A 250 -5.64 -32.72 9.28
N PHE A 251 -5.06 -33.00 10.44
CA PHE A 251 -4.91 -32.01 11.51
C PHE A 251 -3.44 -31.60 11.73
N GLY A 252 -3.24 -30.44 12.35
CA GLY A 252 -1.90 -30.00 12.71
C GLY A 252 -1.87 -29.11 13.95
N ILE A 253 -0.66 -28.92 14.48
CA ILE A 253 -0.45 -28.06 15.64
C ILE A 253 0.33 -26.79 15.26
N GLN A 254 -0.13 -25.64 15.75
CA GLN A 254 0.59 -24.40 15.54
C GLN A 254 1.26 -23.93 16.83
N ASP A 255 2.56 -23.70 16.76
CA ASP A 255 3.35 -23.22 17.89
C ASP A 255 4.16 -22.03 17.42
N GLY A 256 3.61 -20.84 17.60
CA GLY A 256 4.20 -19.63 17.06
C GLY A 256 3.93 -19.57 15.57
N GLU A 257 5.01 -19.63 14.78
CA GLU A 257 4.88 -19.67 13.33
C GLU A 257 5.20 -21.07 12.82
N GLN A 258 5.61 -21.93 13.75
CA GLN A 258 5.90 -23.33 13.43
C GLN A 258 4.64 -24.17 13.31
N ARG A 259 4.50 -24.85 12.18
CA ARG A 259 3.40 -25.77 11.96
C ARG A 259 3.92 -27.22 11.98
N ILE A 260 3.23 -28.07 12.73
CA ILE A 260 3.59 -29.47 12.83
C ILE A 260 2.40 -30.33 12.44
N SER A 261 2.45 -30.91 11.24
CA SER A 261 1.38 -31.76 10.77
C SER A 261 1.30 -33.03 11.60
N LEU A 262 0.09 -33.55 11.78
CA LEU A 262 -0.11 -34.83 12.44
C LEU A 262 -0.54 -35.87 11.42
N PRO A 263 0.44 -36.57 10.80
CA PRO A 263 0.17 -37.51 9.71
C PRO A 263 -0.81 -38.60 10.11
N GLU A 264 -0.78 -38.98 11.38
CA GLU A 264 -1.62 -40.07 11.89
C GLU A 264 -3.08 -39.65 12.05
N SER A 265 -3.36 -38.38 11.78
CA SER A 265 -4.72 -37.87 11.93
C SER A 265 -5.45 -37.80 10.59
N LEU A 266 -4.80 -38.27 9.54
CA LEU A 266 -5.39 -38.23 8.20
C LEU A 266 -6.51 -39.25 8.08
N LYS A 267 -7.72 -38.77 7.82
CA LYS A 267 -8.86 -39.64 7.64
C LYS A 267 -9.59 -39.35 6.34
N ARG A 268 -10.17 -40.39 5.75
CA ARG A 268 -11.03 -40.25 4.59
C ARG A 268 -12.44 -40.61 5.02
N ILE A 269 -13.39 -39.71 4.79
CA ILE A 269 -14.76 -39.91 5.26
C ILE A 269 -15.81 -39.55 4.21
N PRO A 270 -16.97 -40.22 4.25
CA PRO A 270 -18.02 -39.91 3.27
C PRO A 270 -18.69 -38.57 3.57
N ILE A 271 -18.99 -37.80 2.53
CA ILE A 271 -19.82 -36.62 2.68
C ILE A 271 -21.22 -36.95 2.17
N GLU A 272 -22.15 -37.17 3.11
CA GLU A 272 -23.51 -37.55 2.78
C GLU A 272 -24.49 -36.43 3.10
N ASP A 273 -25.26 -36.03 2.09
CA ASP A 273 -26.19 -34.91 2.20
C ASP A 273 -25.48 -33.65 2.69
N GLY A 274 -24.28 -33.42 2.16
CA GLY A 274 -23.52 -32.23 2.47
C GLY A 274 -22.93 -32.16 3.87
N SER A 275 -22.74 -33.31 4.51
CA SER A 275 -22.20 -33.32 5.86
C SER A 275 -21.28 -34.51 6.15
N GLY A 276 -20.26 -34.25 6.97
CA GLY A 276 -19.35 -35.28 7.42
C GLY A 276 -18.86 -34.95 8.82
N GLU A 277 -18.44 -35.97 9.55
CA GLU A 277 -17.93 -35.78 10.90
C GLU A 277 -16.56 -36.46 11.02
N VAL A 278 -15.63 -35.79 11.68
CA VAL A 278 -14.29 -36.33 11.84
C VAL A 278 -13.69 -35.90 13.17
N VAL A 279 -12.92 -36.78 13.80
CA VAL A 279 -12.39 -36.51 15.12
C VAL A 279 -10.87 -36.65 15.19
N LEU A 280 -10.22 -35.65 15.78
CA LEU A 280 -8.81 -35.77 16.17
C LEU A 280 -8.77 -36.33 17.57
N SER A 281 -8.37 -37.59 17.71
CA SER A 281 -8.33 -38.22 19.02
C SER A 281 -7.21 -37.64 19.87
N ARG A 282 -7.41 -37.65 21.19
CA ARG A 282 -6.45 -37.09 22.14
C ARG A 282 -5.11 -37.83 22.09
N LYS A 283 -5.20 -39.16 21.94
CA LYS A 283 -4.02 -40.01 21.88
C LYS A 283 -3.14 -39.68 20.67
N VAL A 284 -3.76 -39.52 19.52
CA VAL A 284 -3.03 -39.14 18.31
C VAL A 284 -2.34 -37.79 18.48
N LEU A 285 -3.06 -36.83 19.04
CA LEU A 285 -2.52 -35.50 19.30
C LEU A 285 -1.28 -35.56 20.19
N LEU A 286 -1.37 -36.32 21.29
CA LEU A 286 -0.25 -36.39 22.23
C LEU A 286 0.93 -37.22 21.70
N ASP A 287 0.64 -38.25 20.92
CA ASP A 287 1.70 -39.07 20.35
C ASP A 287 2.39 -38.36 19.19
N GLY A 288 1.70 -37.35 18.64
CA GLY A 288 2.25 -36.58 17.54
C GLY A 288 3.28 -35.55 17.97
N VAL A 289 3.51 -35.44 19.28
CA VAL A 289 4.52 -34.52 19.79
C VAL A 289 5.52 -35.21 20.72
N GLN A 290 6.69 -34.58 20.87
CA GLN A 290 7.78 -35.16 21.65
C GLN A 290 7.66 -34.86 23.15
N ASN A 291 7.07 -33.71 23.47
CA ASN A 291 6.84 -33.29 24.84
C ASN A 291 5.81 -34.18 25.54
N PRO A 292 6.25 -34.95 26.53
CA PRO A 292 5.41 -35.92 27.22
C PRO A 292 4.27 -35.24 27.99
N ARG A 293 4.59 -34.09 28.60
CA ARG A 293 3.64 -33.37 29.44
C ARG A 293 2.55 -32.68 28.61
N ALA A 294 1.32 -33.15 28.76
CA ALA A 294 0.19 -32.66 27.98
C ALA A 294 -0.04 -31.16 28.19
N GLU A 295 0.14 -30.72 29.42
CA GLU A 295 -0.08 -29.32 29.80
C GLU A 295 0.78 -28.34 28.98
N ASP A 296 1.84 -28.85 28.37
CA ASP A 296 2.71 -28.01 27.55
C ASP A 296 2.07 -27.59 26.22
N LEU A 297 0.97 -28.23 25.85
CA LEU A 297 0.26 -27.86 24.62
C LEU A 297 -0.59 -26.59 24.79
N VAL A 298 -0.91 -26.27 26.04
CA VAL A 298 -1.72 -25.09 26.35
C VAL A 298 -1.03 -23.82 25.86
N GLY A 299 -1.75 -23.02 25.07
CA GLY A 299 -1.18 -21.82 24.47
C GLY A 299 -0.94 -21.98 22.98
N LYS A 300 -0.87 -23.23 22.53
CA LYS A 300 -0.76 -23.53 21.11
C LYS A 300 -2.15 -23.68 20.51
N SER A 301 -2.22 -23.71 19.18
CA SER A 301 -3.50 -23.86 18.50
C SER A 301 -3.51 -25.07 17.58
N LEU A 302 -4.70 -25.49 17.17
CA LEU A 302 -4.84 -26.58 16.20
C LEU A 302 -5.38 -26.03 14.89
N TYR A 303 -5.00 -26.65 13.79
CA TYR A 303 -5.60 -26.34 12.51
C TYR A 303 -6.08 -27.61 11.82
N VAL A 304 -7.08 -27.46 10.95
CA VAL A 304 -7.73 -28.57 10.28
C VAL A 304 -7.84 -28.29 8.78
N SER A 305 -7.40 -29.25 7.98
CA SER A 305 -7.47 -29.13 6.54
C SER A 305 -8.44 -30.16 5.98
N ALA A 306 -9.41 -29.69 5.19
CA ALA A 306 -10.39 -30.57 4.57
C ALA A 306 -10.44 -30.40 3.05
N THR A 307 -10.24 -31.50 2.33
CA THR A 307 -10.29 -31.50 0.88
C THR A 307 -11.42 -32.39 0.40
N VAL A 308 -12.46 -31.79 -0.17
CA VAL A 308 -13.61 -32.54 -0.62
C VAL A 308 -13.62 -32.71 -2.14
N ILE A 309 -13.87 -33.94 -2.58
CA ILE A 309 -14.02 -34.22 -4.00
C ILE A 309 -15.41 -34.77 -4.30
N LEU A 310 -16.02 -34.23 -5.36
CA LEU A 310 -17.30 -34.74 -5.84
C LEU A 310 -17.19 -36.19 -6.29
N HIS A 311 -18.31 -36.91 -6.15
CA HIS A 311 -18.42 -38.29 -6.61
C HIS A 311 -18.10 -38.42 -8.11
N SER A 312 -18.42 -37.38 -8.87
CA SER A 312 -18.14 -37.35 -10.30
C SER A 312 -16.63 -37.14 -10.55
N GLY A 313 -15.92 -36.73 -9.51
CA GLY A 313 -14.49 -36.45 -9.62
C GLY A 313 -14.23 -35.21 -10.47
N SER A 314 -15.28 -34.41 -10.66
CA SER A 314 -15.22 -33.27 -11.55
C SER A 314 -14.68 -32.00 -10.90
N ASP A 315 -14.83 -31.90 -9.58
CA ASP A 315 -14.29 -30.75 -8.86
C ASP A 315 -13.76 -31.13 -7.48
N MET A 316 -12.78 -30.35 -7.01
CA MET A 316 -12.16 -30.57 -5.71
C MET A 316 -11.95 -29.24 -5.01
N VAL A 317 -12.27 -29.19 -3.72
CA VAL A 317 -12.15 -27.95 -2.96
C VAL A 317 -11.48 -28.15 -1.61
N GLN A 318 -10.48 -27.33 -1.32
CA GLN A 318 -9.77 -27.39 -0.06
C GLN A 318 -10.16 -26.21 0.82
N ALA A 319 -10.31 -26.46 2.11
CA ALA A 319 -10.60 -25.39 3.07
C ALA A 319 -9.91 -25.69 4.39
N GLU A 320 -9.52 -24.63 5.09
CA GLU A 320 -8.76 -24.78 6.33
C GLU A 320 -9.37 -23.97 7.47
N ARG A 321 -9.43 -24.58 8.64
CA ARG A 321 -9.81 -23.88 9.85
C ARG A 321 -8.61 -23.84 10.79
N SER A 322 -8.05 -22.65 11.02
CA SER A 322 -6.87 -22.54 11.88
C SER A 322 -7.17 -21.73 13.14
N GLY A 323 -6.17 -21.64 14.01
CA GLY A 323 -6.27 -20.81 15.21
C GLY A 323 -7.28 -21.29 16.24
N ILE A 324 -7.38 -22.61 16.39
CA ILE A 324 -8.24 -23.20 17.41
C ILE A 324 -7.41 -23.43 18.68
N PRO A 325 -7.58 -22.53 19.67
CA PRO A 325 -6.72 -22.50 20.86
C PRO A 325 -6.84 -23.75 21.74
N ILE A 326 -5.70 -24.26 22.20
CA ILE A 326 -5.69 -25.32 23.20
C ILE A 326 -5.67 -24.65 24.56
N VAL A 327 -6.74 -24.85 25.34
CA VAL A 327 -6.96 -24.06 26.56
C VAL A 327 -7.23 -24.91 27.81
N THR A 328 -7.27 -24.22 28.95
CA THR A 328 -7.68 -24.82 30.22
C THR A 328 -9.03 -24.26 30.68
N SER A 329 -9.46 -23.18 30.03
CA SER A 329 -10.72 -22.51 30.35
C SER A 329 -11.35 -21.97 29.07
N PRO A 330 -12.68 -22.07 28.94
CA PRO A 330 -13.37 -21.56 27.74
C PRO A 330 -13.48 -20.03 27.73
N TYR A 331 -12.98 -19.37 28.77
CA TYR A 331 -13.16 -17.92 28.89
C TYR A 331 -11.86 -17.18 29.21
N GLN A 332 -11.81 -15.90 28.84
CA GLN A 332 -10.76 -15.01 29.29
C GLN A 332 -11.35 -13.67 29.72
N ILE A 333 -10.79 -13.11 30.79
CA ILE A 333 -11.30 -11.87 31.37
C ILE A 333 -10.34 -10.71 31.10
N HIS A 334 -10.91 -9.55 30.72
CA HIS A 334 -10.12 -8.36 30.42
C HIS A 334 -10.69 -7.15 31.16
N PHE A 335 -9.79 -6.30 31.66
CA PHE A 335 -10.18 -5.05 32.33
C PHE A 335 -9.87 -3.84 31.46
N THR A 336 -9.71 -4.06 30.15
CA THR A 336 -9.36 -2.98 29.22
C THR A 336 -10.43 -1.88 29.08
N LYS A 337 -11.59 -2.06 29.70
CA LYS A 337 -12.67 -1.07 29.65
C LYS A 337 -12.90 -0.39 30.99
N THR A 338 -12.10 -0.76 31.98
CA THR A 338 -12.26 -0.23 33.33
C THR A 338 -11.23 0.86 33.61
N PRO A 339 -11.66 1.99 34.18
CA PRO A 339 -10.73 3.01 34.66
C PRO A 339 -9.75 2.41 35.65
N LYS A 340 -8.52 2.91 35.67
CA LYS A 340 -7.51 2.40 36.58
C LYS A 340 -7.34 3.32 37.79
N TYR A 341 -8.27 4.26 37.95
CA TYR A 341 -8.26 5.18 39.09
C TYR A 341 -9.65 5.28 39.71
N PHE A 342 -9.70 5.48 41.02
CA PHE A 342 -10.98 5.58 41.73
C PHE A 342 -10.95 6.74 42.72
N LYS A 343 -12.12 7.15 43.20
CA LYS A 343 -12.18 8.17 44.26
C LYS A 343 -12.59 7.53 45.58
N PRO A 344 -11.68 7.55 46.58
CA PRO A 344 -11.91 6.96 47.91
C PRO A 344 -13.22 7.42 48.51
N GLY A 345 -14.10 6.48 48.82
CA GLY A 345 -15.37 6.81 49.47
C GLY A 345 -16.54 6.75 48.52
N MET A 346 -16.25 6.79 47.22
CA MET A 346 -17.29 6.82 46.20
C MET A 346 -17.35 5.48 45.48
N PRO A 347 -18.49 5.18 44.83
CA PRO A 347 -18.60 3.91 44.11
C PRO A 347 -17.58 3.81 42.99
N PHE A 348 -17.07 2.60 42.75
CA PHE A 348 -16.17 2.36 41.65
C PHE A 348 -16.84 1.38 40.68
N ASP A 349 -16.92 1.77 39.41
CA ASP A 349 -17.59 0.96 38.40
C ASP A 349 -16.61 0.12 37.56
N LEU A 350 -16.83 -1.19 37.58
CA LEU A 350 -16.00 -2.15 36.86
C LEU A 350 -16.69 -2.60 35.57
N MET A 351 -16.04 -2.36 34.45
CA MET A 351 -16.48 -2.90 33.17
C MET A 351 -15.65 -4.13 32.86
N VAL A 352 -16.23 -5.30 33.10
CA VAL A 352 -15.49 -6.54 32.91
C VAL A 352 -15.82 -7.13 31.55
N PHE A 353 -14.79 -7.32 30.73
CA PHE A 353 -14.98 -7.82 29.38
C PHE A 353 -14.59 -9.29 29.29
N VAL A 354 -15.57 -10.16 29.07
CA VAL A 354 -15.30 -11.59 28.98
C VAL A 354 -15.38 -12.07 27.53
N THR A 355 -14.34 -12.78 27.08
CA THR A 355 -14.32 -13.29 25.72
C THR A 355 -14.11 -14.79 25.62
N ASN A 356 -14.56 -15.36 24.50
CA ASN A 356 -14.25 -16.73 24.13
C ASN A 356 -12.78 -16.82 23.70
N PRO A 357 -12.21 -18.04 23.61
CA PRO A 357 -10.77 -18.13 23.32
C PRO A 357 -10.34 -17.53 21.98
N ASP A 358 -11.26 -17.45 21.02
CA ASP A 358 -10.92 -16.87 19.72
C ASP A 358 -10.87 -15.33 19.78
N GLY A 359 -11.42 -14.76 20.85
CA GLY A 359 -11.39 -13.33 21.05
C GLY A 359 -12.73 -12.66 20.88
N SER A 360 -13.77 -13.43 20.56
CA SER A 360 -15.11 -12.89 20.41
C SER A 360 -15.78 -12.75 21.77
N PRO A 361 -16.70 -11.80 21.91
CA PRO A 361 -17.42 -11.58 23.17
C PRO A 361 -18.22 -12.80 23.62
N ALA A 362 -18.06 -13.17 24.89
CA ALA A 362 -18.85 -14.23 25.48
C ALA A 362 -20.16 -13.64 26.00
N TYR A 363 -21.22 -14.46 26.01
CA TYR A 363 -22.55 -13.94 26.27
C TYR A 363 -23.22 -14.64 27.45
N ARG A 364 -23.84 -13.85 28.33
CA ARG A 364 -24.50 -14.35 29.54
C ARG A 364 -23.60 -15.25 30.39
N VAL A 365 -22.41 -14.75 30.68
CA VAL A 365 -21.46 -15.44 31.55
C VAL A 365 -21.45 -14.74 32.91
N PRO A 366 -21.70 -15.51 33.99
CA PRO A 366 -21.70 -14.97 35.36
C PRO A 366 -20.29 -14.62 35.82
N VAL A 367 -20.07 -13.38 36.22
CA VAL A 367 -18.79 -12.97 36.77
C VAL A 367 -18.99 -12.47 38.20
N ALA A 368 -17.92 -12.56 39.00
CA ALA A 368 -18.01 -12.18 40.40
C ALA A 368 -16.66 -11.73 40.97
N VAL A 369 -16.72 -10.70 41.81
CA VAL A 369 -15.54 -10.19 42.49
C VAL A 369 -15.15 -11.14 43.61
N GLN A 370 -13.93 -11.68 43.53
CA GLN A 370 -13.45 -12.61 44.55
C GLN A 370 -13.26 -11.90 45.90
N GLY A 371 -13.88 -12.45 46.94
CA GLY A 371 -13.83 -11.85 48.25
C GLY A 371 -15.11 -11.11 48.58
N GLU A 372 -15.83 -10.70 47.54
CA GLU A 372 -17.14 -10.08 47.68
C GLU A 372 -18.10 -10.77 46.73
N ASP A 373 -18.27 -12.07 46.94
CA ASP A 373 -19.12 -12.92 46.09
C ASP A 373 -20.51 -12.34 45.89
N THR A 374 -20.98 -11.60 46.89
CA THR A 374 -22.23 -10.84 46.81
C THR A 374 -22.26 -9.94 45.58
N VAL A 375 -21.15 -9.26 45.32
CA VAL A 375 -21.04 -8.39 44.15
C VAL A 375 -20.78 -9.23 42.91
N GLN A 376 -21.85 -9.65 42.23
CA GLN A 376 -21.72 -10.43 41.02
C GLN A 376 -22.66 -9.90 39.94
N SER A 377 -22.43 -10.29 38.70
CA SER A 377 -23.28 -9.84 37.59
C SER A 377 -23.19 -10.75 36.38
N LEU A 378 -23.94 -10.42 35.34
CA LEU A 378 -24.05 -11.27 34.18
C LEU A 378 -23.61 -10.51 32.93
N THR A 379 -22.68 -11.10 32.18
CA THR A 379 -22.13 -10.46 31.00
C THR A 379 -23.21 -10.28 29.92
N GLN A 380 -23.12 -9.19 29.17
CA GLN A 380 -24.13 -8.89 28.17
C GLN A 380 -23.68 -9.26 26.76
N GLY A 381 -24.48 -8.88 25.76
CA GLY A 381 -24.22 -9.23 24.37
C GLY A 381 -22.83 -8.87 23.89
N ASP A 382 -22.31 -7.75 24.37
CA ASP A 382 -20.99 -7.28 23.95
C ASP A 382 -19.88 -7.87 24.82
N GLY A 383 -20.25 -8.79 25.71
CA GLY A 383 -19.29 -9.46 26.56
C GLY A 383 -18.91 -8.66 27.79
N VAL A 384 -19.63 -7.57 28.03
CA VAL A 384 -19.33 -6.72 29.15
C VAL A 384 -20.34 -6.91 30.27
N ALA A 385 -19.84 -7.01 31.50
CA ALA A 385 -20.69 -7.01 32.68
C ALA A 385 -20.27 -5.86 33.58
N LYS A 386 -21.23 -5.21 34.19
CA LYS A 386 -20.93 -4.07 35.05
C LYS A 386 -21.03 -4.44 36.54
N LEU A 387 -19.97 -4.13 37.29
CA LEU A 387 -19.93 -4.42 38.71
C LEU A 387 -19.58 -3.17 39.49
N SER A 388 -20.54 -2.63 40.24
CA SER A 388 -20.29 -1.45 41.05
C SER A 388 -19.92 -1.85 42.48
N ILE A 389 -18.82 -1.32 42.99
CA ILE A 389 -18.37 -1.64 44.35
C ILE A 389 -18.23 -0.38 45.23
N ASN A 390 -18.37 -0.52 46.55
CA ASN A 390 -18.27 0.63 47.44
C ASN A 390 -16.86 0.71 47.98
N THR A 391 -16.24 1.88 47.87
CA THR A 391 -14.85 2.04 48.29
C THR A 391 -14.70 2.75 49.64
N HIS A 392 -13.66 2.40 50.37
CA HIS A 392 -13.32 3.10 51.61
C HIS A 392 -12.64 4.41 51.28
N PRO A 393 -12.78 5.42 52.17
CA PRO A 393 -12.08 6.69 51.97
C PRO A 393 -10.61 6.63 52.41
N SER A 394 -9.88 5.59 52.00
CA SER A 394 -8.46 5.49 52.29
C SER A 394 -7.64 5.57 51.00
N GLN A 395 -6.35 5.86 51.15
CA GLN A 395 -5.44 5.93 50.01
C GLN A 395 -4.96 4.56 49.56
N LYS A 396 -5.39 3.52 50.28
CA LYS A 396 -4.98 2.16 49.97
C LYS A 396 -5.50 1.75 48.59
N PRO A 397 -4.61 1.26 47.73
CA PRO A 397 -4.97 0.82 46.38
C PRO A 397 -6.07 -0.24 46.35
N LEU A 398 -6.89 -0.22 45.29
CA LEU A 398 -7.94 -1.21 45.10
C LEU A 398 -7.42 -2.41 44.33
N SER A 399 -7.18 -3.52 45.00
CA SER A 399 -6.87 -4.75 44.28
C SER A 399 -8.16 -5.52 44.06
N ILE A 400 -8.48 -5.77 42.80
CA ILE A 400 -9.72 -6.44 42.46
C ILE A 400 -9.46 -7.71 41.66
N THR A 401 -10.03 -8.81 42.12
CA THR A 401 -9.93 -10.08 41.41
C THR A 401 -11.31 -10.54 40.99
N VAL A 402 -11.47 -10.81 39.71
CA VAL A 402 -12.73 -11.29 39.18
C VAL A 402 -12.58 -12.72 38.67
N ARG A 403 -13.59 -13.55 38.94
CA ARG A 403 -13.67 -14.91 38.42
C ARG A 403 -14.98 -15.09 37.67
N THR A 404 -15.01 -16.03 36.73
CA THR A 404 -16.26 -16.47 36.10
C THR A 404 -16.96 -17.48 37.02
N LYS A 405 -18.27 -17.62 36.86
CA LYS A 405 -19.06 -18.52 37.69
C LYS A 405 -20.07 -19.33 36.87
N LYS A 406 -19.67 -19.79 35.69
CA LYS A 406 -20.52 -20.69 34.89
C LYS A 406 -20.71 -21.99 35.66
N GLN A 407 -21.93 -22.23 36.11
CA GLN A 407 -22.22 -23.39 36.95
C GLN A 407 -22.05 -24.71 36.20
N GLU A 408 -22.14 -24.64 34.86
CA GLU A 408 -21.95 -25.82 34.03
C GLU A 408 -20.51 -26.32 34.09
N LEU A 409 -19.59 -25.45 34.51
CA LEU A 409 -18.16 -25.77 34.53
C LEU A 409 -17.64 -26.14 35.92
N SER A 410 -16.46 -26.74 35.94
CA SER A 410 -15.75 -27.02 37.17
C SER A 410 -14.91 -25.80 37.56
N GLU A 411 -14.44 -25.76 38.80
CA GLU A 411 -13.69 -24.62 39.31
C GLU A 411 -12.36 -24.38 38.59
N ALA A 412 -11.72 -25.47 38.16
CA ALA A 412 -10.45 -25.37 37.46
C ALA A 412 -10.59 -24.72 36.09
N GLU A 413 -11.80 -24.78 35.53
CA GLU A 413 -12.07 -24.27 34.19
C GLU A 413 -12.63 -22.85 34.19
N GLN A 414 -12.82 -22.27 35.37
CA GLN A 414 -13.27 -20.88 35.44
C GLN A 414 -12.10 -19.97 35.10
N ALA A 415 -12.40 -18.83 34.49
CA ALA A 415 -11.37 -17.84 34.20
C ALA A 415 -11.18 -16.93 35.41
N THR A 416 -10.04 -16.28 35.48
CA THR A 416 -9.75 -15.36 36.58
C THR A 416 -8.85 -14.24 36.10
N ARG A 417 -8.91 -13.09 36.76
CA ARG A 417 -8.04 -11.97 36.40
C ARG A 417 -7.99 -10.95 37.53
N THR A 418 -6.84 -10.29 37.68
CA THR A 418 -6.66 -9.31 38.73
C THR A 418 -6.21 -7.97 38.15
N MET A 419 -6.79 -6.89 38.67
CA MET A 419 -6.37 -5.54 38.32
C MET A 419 -6.19 -4.71 39.58
N GLN A 420 -5.57 -3.55 39.40
CA GLN A 420 -5.34 -2.62 40.49
C GLN A 420 -5.80 -1.23 40.09
N ALA A 421 -6.43 -0.52 41.04
CA ALA A 421 -6.82 0.87 40.81
C ALA A 421 -6.19 1.78 41.87
N LEU A 422 -5.70 2.94 41.43
CA LEU A 422 -5.07 3.88 42.34
C LEU A 422 -6.00 5.05 42.67
N PRO A 423 -5.86 5.63 43.87
CA PRO A 423 -6.71 6.77 44.23
C PRO A 423 -6.36 8.05 43.46
N TYR A 424 -7.39 8.70 42.96
CA TYR A 424 -7.28 10.02 42.33
C TYR A 424 -6.75 11.01 43.34
N SER A 425 -5.65 11.67 43.00
CA SER A 425 -4.99 12.60 43.91
C SER A 425 -5.62 14.00 43.87
N THR A 426 -6.17 14.44 45.00
CA THR A 426 -6.80 15.74 45.09
C THR A 426 -5.76 16.85 45.23
N VAL A 427 -6.19 18.09 45.01
CA VAL A 427 -5.28 19.23 45.11
C VAL A 427 -5.03 19.60 46.58
N GLY A 428 -3.77 19.51 46.98
CA GLY A 428 -3.36 19.82 48.35
C GLY A 428 -4.11 19.01 49.40
N ASN A 429 -4.42 17.75 49.08
CA ASN A 429 -5.15 16.85 49.96
C ASN A 429 -6.49 17.42 50.47
N SER A 430 -7.20 18.13 49.60
CA SER A 430 -8.46 18.77 49.94
C SER A 430 -9.63 17.79 50.07
N ASN A 431 -9.45 16.57 49.56
CA ASN A 431 -10.52 15.58 49.51
C ASN A 431 -11.74 16.04 48.73
N ASN A 432 -11.53 16.87 47.72
CA ASN A 432 -12.61 17.28 46.83
C ASN A 432 -12.59 16.46 45.53
N TYR A 433 -13.74 15.87 45.21
CA TYR A 433 -13.85 14.97 44.06
C TYR A 433 -15.09 15.27 43.24
N LEU A 434 -15.03 14.83 41.98
CA LEU A 434 -16.19 14.75 41.10
C LEU A 434 -16.33 13.30 40.64
N HIS A 435 -17.56 12.79 40.64
CA HIS A 435 -17.80 11.42 40.20
C HIS A 435 -18.94 11.34 39.18
N LEU A 436 -18.62 10.80 38.01
CA LEU A 436 -19.61 10.64 36.95
C LEU A 436 -20.16 9.23 36.94
N SER A 437 -21.47 9.10 37.05
CA SER A 437 -22.13 7.80 37.00
C SER A 437 -22.93 7.71 35.71
N VAL A 438 -22.85 6.57 35.04
CA VAL A 438 -23.56 6.41 33.77
C VAL A 438 -24.09 4.99 33.56
N LEU A 439 -25.10 4.88 32.71
CA LEU A 439 -25.67 3.59 32.34
C LEU A 439 -24.87 2.95 31.22
N ARG A 440 -24.68 1.64 31.29
CA ARG A 440 -23.93 0.93 30.26
C ARG A 440 -24.70 -0.23 29.65
N THR A 441 -25.75 0.10 28.90
CA THR A 441 -26.44 -0.87 28.07
C THR A 441 -26.08 -0.61 26.63
N GLU A 442 -26.60 -1.43 25.73
CA GLU A 442 -26.44 -1.18 24.30
C GLU A 442 -27.01 0.21 23.99
N LEU A 443 -26.11 1.16 23.74
CA LEU A 443 -26.50 2.55 23.53
C LEU A 443 -26.56 2.92 22.04
N ARG A 444 -27.69 3.47 21.62
CA ARG A 444 -27.94 3.75 20.21
C ARG A 444 -28.33 5.20 20.02
N PRO A 445 -28.05 5.77 18.84
CA PRO A 445 -28.43 7.15 18.51
C PRO A 445 -29.94 7.36 18.62
N GLY A 446 -30.37 8.57 18.95
CA GLY A 446 -31.78 8.86 19.13
C GLY A 446 -32.23 8.75 20.58
N GLU A 447 -31.44 8.03 21.37
CA GLU A 447 -31.74 7.85 22.79
C GLU A 447 -31.15 8.98 23.63
N THR A 448 -31.44 8.93 24.93
CA THR A 448 -30.91 9.90 25.87
C THR A 448 -30.19 9.22 27.03
N LEU A 449 -28.92 9.57 27.21
CA LEU A 449 -28.10 9.06 28.30
C LEU A 449 -28.12 10.02 29.48
N ASN A 450 -28.58 9.52 30.63
CA ASN A 450 -28.59 10.31 31.86
C ASN A 450 -27.25 10.28 32.55
N VAL A 451 -26.55 11.41 32.51
CA VAL A 451 -25.24 11.52 33.14
C VAL A 451 -25.39 12.05 34.56
N ASN A 452 -24.94 11.25 35.53
CA ASN A 452 -25.03 11.62 36.93
C ASN A 452 -23.77 12.29 37.48
N PHE A 453 -23.91 13.56 37.86
CA PHE A 453 -22.82 14.33 38.46
C PHE A 453 -22.95 14.28 39.98
N LEU A 454 -22.03 13.56 40.61
CA LEU A 454 -22.01 13.43 42.05
C LEU A 454 -20.79 14.14 42.66
N LEU A 455 -21.08 15.18 43.44
CA LEU A 455 -20.07 16.03 44.04
C LEU A 455 -19.61 15.45 45.38
N ARG A 456 -18.33 15.61 45.68
CA ARG A 456 -17.88 15.26 47.03
C ARG A 456 -16.86 16.28 47.56
N MET A 457 -17.33 17.25 48.32
CA MET A 457 -16.41 18.22 48.92
C MET A 457 -16.85 18.65 50.31
N ASP A 458 -16.18 19.66 50.85
CA ASP A 458 -16.52 20.19 52.17
C ASP A 458 -17.71 21.14 52.09
N ARG A 459 -18.57 21.09 53.11
CA ARG A 459 -19.78 21.89 53.16
C ARG A 459 -19.49 23.39 53.19
N ALA A 460 -18.29 23.74 53.66
CA ALA A 460 -17.89 25.13 53.77
C ALA A 460 -17.75 25.81 52.40
N HIS A 461 -17.61 25.02 51.35
CA HIS A 461 -17.37 25.60 50.03
C HIS A 461 -18.38 25.12 48.98
N GLU A 462 -19.19 24.12 49.31
CA GLU A 462 -20.07 23.47 48.33
C GLU A 462 -20.96 24.45 47.54
N ALA A 463 -21.41 25.49 48.20
CA ALA A 463 -22.28 26.48 47.56
C ALA A 463 -21.56 27.25 46.44
N LYS A 464 -20.23 27.29 46.49
CA LYS A 464 -19.44 27.97 45.45
C LYS A 464 -19.58 27.31 44.07
N ILE A 465 -19.85 26.00 44.06
CA ILE A 465 -19.95 25.27 42.82
C ILE A 465 -21.34 25.43 42.22
N ARG A 466 -21.45 26.32 41.24
CA ARG A 466 -22.76 26.63 40.65
C ARG A 466 -22.95 25.98 39.29
N TYR A 467 -21.93 25.27 38.81
CA TYR A 467 -22.02 24.56 37.55
C TYR A 467 -20.87 23.60 37.34
N TYR A 468 -21.05 22.70 36.38
CA TYR A 468 -19.98 21.86 35.89
C TYR A 468 -19.80 22.14 34.42
N THR A 469 -18.57 22.04 33.93
CA THR A 469 -18.34 22.15 32.50
C THR A 469 -18.09 20.76 31.96
N TYR A 470 -18.75 20.41 30.84
CA TYR A 470 -18.53 19.11 30.22
C TYR A 470 -18.12 19.21 28.75
N LEU A 471 -17.36 18.21 28.30
CA LEU A 471 -16.82 18.14 26.96
C LEU A 471 -16.95 16.71 26.42
N ILE A 472 -17.36 16.60 25.17
CA ILE A 472 -17.56 15.33 24.50
C ILE A 472 -16.52 15.18 23.40
N MET A 473 -15.61 14.22 23.56
CA MET A 473 -14.65 13.88 22.52
C MET A 473 -15.20 12.75 21.68
N ASN A 474 -15.15 12.91 20.36
CA ASN A 474 -15.57 11.86 19.44
C ASN A 474 -14.72 11.88 18.17
N LYS A 475 -14.31 10.71 17.72
CA LYS A 475 -13.45 10.56 16.54
C LYS A 475 -12.21 11.45 16.61
N GLY A 476 -11.67 11.59 17.81
CA GLY A 476 -10.45 12.35 18.02
C GLY A 476 -10.62 13.86 18.07
N ARG A 477 -11.85 14.34 18.11
CA ARG A 477 -12.10 15.78 18.18
C ARG A 477 -13.17 16.17 19.20
N LEU A 478 -13.26 17.47 19.50
CA LEU A 478 -14.28 18.00 20.40
C LEU A 478 -15.62 18.13 19.70
N LEU A 479 -16.56 17.24 20.03
CA LEU A 479 -17.87 17.23 19.42
C LEU A 479 -18.77 18.32 20.00
N LYS A 480 -18.85 18.36 21.34
CA LYS A 480 -19.70 19.33 22.01
C LYS A 480 -19.15 19.72 23.36
N ALA A 481 -19.38 20.96 23.77
CA ALA A 481 -19.03 21.40 25.11
C ALA A 481 -20.24 22.13 25.69
N GLY A 482 -20.40 22.06 27.01
CA GLY A 482 -21.55 22.66 27.64
C GLY A 482 -21.44 22.86 29.14
N ARG A 483 -22.53 23.32 29.72
CA ARG A 483 -22.61 23.62 31.14
C ARG A 483 -23.79 22.89 31.76
N GLN A 484 -23.57 22.32 32.94
CA GLN A 484 -24.64 21.72 33.72
C GLN A 484 -24.77 22.49 35.03
N VAL A 485 -25.88 23.22 35.19
CA VAL A 485 -26.07 24.09 36.35
C VAL A 485 -26.22 23.30 37.64
N ARG A 486 -25.88 23.94 38.76
CA ARG A 486 -26.05 23.33 40.07
C ARG A 486 -26.44 24.36 41.13
N GLU A 487 -27.47 24.03 41.92
CA GLU A 487 -27.91 24.86 43.04
C GLU A 487 -27.23 24.39 44.32
N PRO A 488 -27.13 25.27 45.32
CA PRO A 488 -26.55 24.88 46.61
C PRO A 488 -27.32 23.72 47.22
N GLY A 489 -26.60 22.68 47.65
CA GLY A 489 -27.24 21.50 48.22
C GLY A 489 -27.44 20.35 47.24
N GLN A 490 -27.52 20.67 45.95
CA GLN A 490 -27.65 19.63 44.92
C GLN A 490 -26.36 18.84 44.78
N ASP A 491 -26.17 17.84 45.62
CA ASP A 491 -24.94 17.06 45.56
C ASP A 491 -24.99 16.01 44.45
N LEU A 492 -26.16 15.87 43.85
CA LEU A 492 -26.30 15.06 42.64
C LEU A 492 -27.17 15.76 41.61
N VAL A 493 -26.65 15.93 40.40
CA VAL A 493 -27.47 16.48 39.32
C VAL A 493 -27.41 15.61 38.07
N VAL A 494 -28.46 15.65 37.27
CA VAL A 494 -28.53 14.83 36.07
C VAL A 494 -28.46 15.68 34.81
N LEU A 495 -27.68 15.21 33.84
CA LEU A 495 -27.61 15.81 32.53
C LEU A 495 -28.26 14.87 31.51
N PRO A 496 -29.34 15.33 30.86
CA PRO A 496 -29.95 14.55 29.79
C PRO A 496 -29.15 14.77 28.52
N LEU A 497 -28.32 13.80 28.18
CA LEU A 497 -27.48 13.91 26.99
C LEU A 497 -28.14 13.25 25.78
N SER A 498 -28.41 14.02 24.74
CA SER A 498 -29.02 13.46 23.54
C SER A 498 -27.96 12.79 22.67
N ILE A 499 -28.13 11.50 22.42
CA ILE A 499 -27.18 10.74 21.60
C ILE A 499 -27.60 10.75 20.13
N THR A 500 -26.89 11.53 19.31
CA THR A 500 -27.20 11.61 17.89
C THR A 500 -26.27 10.68 17.13
N THR A 501 -26.36 10.70 15.79
CA THR A 501 -25.51 9.86 14.97
C THR A 501 -24.05 10.30 15.00
N ASP A 502 -23.81 11.49 15.56
CA ASP A 502 -22.46 12.05 15.65
C ASP A 502 -21.63 11.42 16.76
N PHE A 503 -22.24 10.52 17.53
CA PHE A 503 -21.57 9.91 18.68
C PHE A 503 -20.95 8.56 18.35
N ILE A 504 -21.28 8.02 17.19
CA ILE A 504 -20.72 6.76 16.71
C ILE A 504 -19.22 6.93 16.46
N PRO A 505 -18.39 5.95 16.84
CA PRO A 505 -18.69 4.65 17.44
C PRO A 505 -18.57 4.65 18.96
N SER A 506 -18.12 5.77 19.50
CA SER A 506 -17.92 5.91 20.93
C SER A 506 -17.56 7.35 21.20
N PHE A 507 -17.57 7.73 22.47
CA PHE A 507 -17.17 9.07 22.84
C PHE A 507 -16.65 9.09 24.25
N ARG A 508 -15.96 10.17 24.62
CA ARG A 508 -15.57 10.40 26.01
C ARG A 508 -16.25 11.65 26.55
N LEU A 509 -16.72 11.57 27.78
CA LEU A 509 -17.30 12.71 28.45
C LEU A 509 -16.39 13.13 29.59
N VAL A 510 -15.76 14.29 29.46
CA VAL A 510 -14.94 14.84 30.52
C VAL A 510 -15.71 15.96 31.19
N ALA A 511 -15.69 16.00 32.52
CA ALA A 511 -16.34 17.09 33.24
C ALA A 511 -15.44 17.62 34.33
N TYR A 512 -15.60 18.90 34.64
CA TYR A 512 -14.83 19.50 35.72
C TYR A 512 -15.52 20.69 36.37
N TYR A 513 -15.10 20.98 37.60
CA TYR A 513 -15.44 22.24 38.23
C TYR A 513 -14.17 22.87 38.80
N THR A 514 -14.29 24.11 39.23
CA THR A 514 -13.17 24.80 39.84
C THR A 514 -13.68 25.73 40.93
N LEU A 515 -12.84 26.00 41.93
CA LEU A 515 -13.21 26.92 43.00
C LEU A 515 -11.98 27.52 43.65
N ILE A 516 -12.18 28.57 44.44
CA ILE A 516 -11.06 29.25 45.08
C ILE A 516 -10.87 28.78 46.51
N GLY A 517 -9.74 29.14 47.10
CA GLY A 517 -9.39 28.73 48.44
C GLY A 517 -10.29 29.28 49.53
N ALA A 518 -10.47 28.58 50.66
CA ALA A 518 -9.78 27.32 51.02
C ALA A 518 -8.25 27.36 50.94
N SER A 519 -7.68 28.44 51.51
CA SER A 519 -6.26 28.81 51.43
C SER A 519 -5.88 29.62 50.18
N GLY A 520 -6.86 30.30 49.59
CA GLY A 520 -6.60 31.27 48.54
C GLY A 520 -6.21 30.78 47.15
N GLN A 521 -5.98 29.48 47.01
CA GLN A 521 -5.51 28.95 45.73
C GLN A 521 -6.61 28.31 44.89
N ARG A 522 -6.48 28.46 43.58
CA ARG A 522 -7.44 27.90 42.64
C ARG A 522 -7.32 26.37 42.57
N GLU A 523 -8.44 25.69 42.77
CA GLU A 523 -8.51 24.24 42.69
C GLU A 523 -9.36 23.82 41.49
N VAL A 524 -8.80 22.89 40.70
CA VAL A 524 -9.51 22.31 39.55
C VAL A 524 -9.77 20.83 39.84
N VAL A 525 -11.01 20.40 39.61
CA VAL A 525 -11.40 19.03 39.92
C VAL A 525 -12.10 18.42 38.71
N ALA A 526 -11.62 17.27 38.26
CA ALA A 526 -12.13 16.67 37.02
C ALA A 526 -12.42 15.17 37.12
N ASP A 527 -13.22 14.69 36.19
CA ASP A 527 -13.50 13.27 36.03
C ASP A 527 -13.87 13.02 34.59
N SER A 528 -13.88 11.77 34.17
CA SER A 528 -14.24 11.44 32.80
C SER A 528 -14.80 10.05 32.73
N VAL A 529 -15.59 9.79 31.70
CA VAL A 529 -16.10 8.47 31.46
C VAL A 529 -16.03 8.19 29.95
N TRP A 530 -15.88 6.92 29.58
CA TRP A 530 -15.84 6.54 28.18
C TRP A 530 -17.07 5.72 27.84
N VAL A 531 -17.77 6.09 26.78
CA VAL A 531 -19.05 5.45 26.45
C VAL A 531 -19.05 4.86 25.05
N ASP A 532 -19.51 3.61 24.96
CA ASP A 532 -19.61 2.87 23.71
C ASP A 532 -20.96 3.14 23.05
N VAL A 533 -20.96 3.31 21.73
CA VAL A 533 -22.18 3.54 20.98
C VAL A 533 -22.32 2.52 19.85
N LYS A 534 -23.50 1.92 19.74
CA LYS A 534 -23.73 0.78 18.85
C LYS A 534 -23.36 1.06 17.39
N ASP A 535 -22.41 0.27 16.88
CA ASP A 535 -21.90 0.42 15.52
C ASP A 535 -22.96 0.25 14.43
N SER A 536 -23.02 1.23 13.54
CA SER A 536 -23.81 1.14 12.33
C SER A 536 -23.21 2.13 11.34
N CYS A 537 -24.04 2.58 10.40
CA CYS A 537 -23.66 3.71 9.55
C CYS A 537 -24.35 4.95 10.11
N VAL A 538 -23.83 6.13 9.78
CA VAL A 538 -24.49 7.35 10.21
C VAL A 538 -25.86 7.43 9.55
N GLY A 539 -25.89 7.08 8.26
CA GLY A 539 -27.14 6.89 7.56
C GLY A 539 -27.51 5.42 7.53
N SER A 540 -27.81 4.91 6.35
CA SER A 540 -28.17 3.50 6.18
C SER A 540 -28.08 3.09 4.71
N LEU A 541 -27.83 1.80 4.49
CA LEU A 541 -27.79 1.27 3.12
C LEU A 541 -28.25 -0.19 3.11
N VAL A 542 -29.24 -0.48 2.28
CA VAL A 542 -29.77 -1.84 2.18
C VAL A 542 -30.07 -2.18 0.72
N VAL A 543 -29.64 -3.36 0.30
CA VAL A 543 -29.98 -3.88 -1.02
C VAL A 543 -30.82 -5.13 -0.86
N LYS A 544 -31.97 -5.17 -1.54
CA LYS A 544 -32.86 -6.32 -1.49
C LYS A 544 -33.62 -6.49 -2.80
N SER A 545 -34.62 -7.37 -2.79
CA SER A 545 -35.36 -7.67 -4.01
C SER A 545 -36.51 -6.70 -4.25
N GLY A 546 -36.55 -6.10 -5.44
CA GLY A 546 -37.66 -5.25 -5.85
C GLY A 546 -38.83 -6.07 -6.34
N GLN A 547 -38.70 -7.39 -6.20
CA GLN A 547 -39.76 -8.34 -6.53
C GLN A 547 -40.36 -8.80 -5.19
N SER A 548 -41.65 -9.17 -5.08
CA SER A 548 -42.57 -9.76 -6.08
C SER A 548 -42.23 -11.23 -6.32
N GLU A 549 -41.47 -11.79 -5.37
CA GLU A 549 -40.99 -13.16 -5.42
C GLU A 549 -40.24 -13.43 -6.72
N ASP A 550 -40.80 -14.31 -7.55
CA ASP A 550 -40.18 -14.70 -8.82
C ASP A 550 -38.76 -15.23 -8.60
N ARG A 551 -38.58 -15.94 -7.49
CA ARG A 551 -37.32 -16.61 -7.17
C ARG A 551 -37.57 -18.11 -7.06
N GLN A 552 -36.58 -18.93 -7.39
CA GLN A 552 -35.25 -18.45 -7.79
C GLN A 552 -35.20 -18.08 -9.27
N PRO A 553 -34.56 -16.95 -9.59
CA PRO A 553 -34.48 -16.46 -10.97
C PRO A 553 -33.66 -17.38 -11.87
N VAL A 554 -33.67 -17.10 -13.17
CA VAL A 554 -33.12 -18.00 -14.17
C VAL A 554 -31.99 -17.29 -14.93
N PRO A 555 -31.01 -18.06 -15.44
CA PRO A 555 -29.92 -17.48 -16.23
C PRO A 555 -30.41 -16.59 -17.36
N GLY A 556 -29.95 -15.34 -17.39
CA GLY A 556 -30.31 -14.39 -18.42
C GLY A 556 -31.49 -13.53 -18.05
N GLN A 557 -32.27 -13.97 -17.07
CA GLN A 557 -33.49 -13.27 -16.67
C GLN A 557 -33.22 -11.91 -16.05
N GLN A 558 -34.08 -10.95 -16.38
CA GLN A 558 -34.07 -9.63 -15.75
C GLN A 558 -34.57 -9.73 -14.32
N MET A 559 -34.01 -8.89 -13.45
CA MET A 559 -34.49 -8.78 -12.07
C MET A 559 -34.46 -7.33 -11.58
N THR A 560 -35.29 -7.04 -10.57
CA THR A 560 -35.43 -5.71 -10.01
C THR A 560 -34.63 -5.61 -8.72
N LEU A 561 -33.79 -4.58 -8.61
CA LEU A 561 -33.00 -4.40 -7.40
C LEU A 561 -33.49 -3.20 -6.58
N LYS A 562 -33.89 -3.46 -5.34
CA LYS A 562 -34.33 -2.39 -4.45
C LYS A 562 -33.17 -1.88 -3.61
N ILE A 563 -32.85 -0.60 -3.78
CA ILE A 563 -31.77 0.04 -3.01
C ILE A 563 -32.32 1.12 -2.10
N GLU A 564 -32.27 0.87 -0.79
CA GLU A 564 -32.75 1.83 0.18
C GLU A 564 -31.58 2.47 0.93
N GLY A 565 -31.37 3.76 0.68
CA GLY A 565 -30.32 4.50 1.35
C GLY A 565 -30.77 5.86 1.81
N ASP A 566 -29.82 6.78 1.98
CA ASP A 566 -30.12 8.14 2.41
C ASP A 566 -30.11 9.10 1.22
N HIS A 567 -30.95 10.12 1.27
CA HIS A 567 -31.16 11.02 0.13
C HIS A 567 -29.89 11.77 -0.29
N GLY A 568 -29.70 11.89 -1.60
CA GLY A 568 -28.57 12.63 -2.15
C GLY A 568 -27.27 11.84 -2.16
N ALA A 569 -27.31 10.63 -1.62
CA ALA A 569 -26.09 9.82 -1.53
C ALA A 569 -25.71 9.19 -2.87
N ARG A 570 -24.40 9.02 -3.06
CA ARG A 570 -23.89 8.31 -4.22
C ARG A 570 -23.59 6.86 -3.85
N VAL A 571 -24.18 5.93 -4.57
CA VAL A 571 -23.99 4.50 -4.31
C VAL A 571 -23.13 3.86 -5.38
N VAL A 572 -22.14 3.08 -4.96
CA VAL A 572 -21.35 2.31 -5.91
C VAL A 572 -21.57 0.81 -5.70
N LEU A 573 -21.57 0.05 -6.79
CA LEU A 573 -21.99 -1.35 -6.74
C LEU A 573 -20.97 -2.34 -7.31
N VAL A 574 -21.18 -3.62 -7.00
CA VAL A 574 -20.44 -4.71 -7.63
C VAL A 574 -21.13 -6.06 -7.36
N ALA A 575 -21.14 -6.93 -8.35
CA ALA A 575 -21.66 -8.28 -8.20
C ALA A 575 -20.54 -9.30 -8.38
N VAL A 576 -20.38 -10.20 -7.42
CA VAL A 576 -19.27 -11.15 -7.43
C VAL A 576 -19.75 -12.60 -7.28
N ASP A 577 -19.18 -13.49 -8.08
CA ASP A 577 -19.46 -14.92 -7.95
C ASP A 577 -18.86 -15.41 -6.62
N LYS A 578 -19.63 -16.19 -5.87
CA LYS A 578 -19.19 -16.70 -4.58
C LYS A 578 -17.97 -17.64 -4.65
N GLY A 579 -17.78 -18.27 -5.80
CA GLY A 579 -16.62 -19.13 -5.99
C GLY A 579 -15.33 -18.38 -5.75
N VAL A 580 -15.34 -17.10 -6.13
CA VAL A 580 -14.19 -16.24 -5.94
C VAL A 580 -13.80 -16.23 -4.46
N PHE A 581 -14.80 -16.05 -3.60
CA PHE A 581 -14.58 -16.01 -2.15
C PHE A 581 -14.24 -17.39 -1.61
N VAL A 582 -14.70 -18.43 -2.30
CA VAL A 582 -14.26 -19.80 -1.98
C VAL A 582 -12.74 -19.89 -2.17
N LEU A 583 -12.23 -19.14 -3.14
CA LEU A 583 -10.80 -19.09 -3.39
C LEU A 583 -10.03 -18.12 -2.48
N ASN A 584 -10.62 -16.96 -2.21
CA ASN A 584 -9.99 -15.94 -1.38
C ASN A 584 -11.05 -15.01 -0.78
N LYS A 585 -11.08 -14.93 0.54
CA LYS A 585 -12.08 -14.11 1.23
C LYS A 585 -11.42 -13.00 2.06
N LYS A 586 -10.20 -12.63 1.68
CA LYS A 586 -9.43 -11.66 2.46
C LYS A 586 -9.42 -10.26 1.85
N ASN A 587 -9.05 -9.29 2.68
CA ASN A 587 -8.90 -7.89 2.27
C ASN A 587 -10.19 -7.22 1.79
N LYS A 588 -11.34 -7.73 2.24
CA LYS A 588 -12.62 -7.16 1.84
C LYS A 588 -12.98 -5.94 2.67
N LEU A 589 -13.83 -5.09 2.11
CA LEU A 589 -14.23 -3.84 2.76
C LEU A 589 -15.52 -4.03 3.54
N THR A 590 -15.48 -3.70 4.82
CA THR A 590 -16.68 -3.72 5.67
C THR A 590 -16.75 -2.47 6.53
N GLN A 591 -17.90 -2.21 7.13
CA GLN A 591 -18.08 -1.02 7.95
C GLN A 591 -17.32 -1.15 9.27
N SER A 592 -17.35 -2.34 9.84
CA SER A 592 -16.67 -2.59 11.10
C SER A 592 -15.16 -2.36 11.00
N LYS A 593 -14.58 -2.71 9.86
CA LYS A 593 -13.15 -2.44 9.63
C LYS A 593 -12.86 -0.95 9.58
N ILE A 594 -13.82 -0.19 9.03
CA ILE A 594 -13.71 1.26 8.98
C ILE A 594 -13.72 1.84 10.40
N TRP A 595 -14.71 1.43 11.20
CA TRP A 595 -14.77 1.89 12.58
C TRP A 595 -13.53 1.47 13.35
N ASP A 596 -12.99 0.31 13.03
CA ASP A 596 -11.76 -0.16 13.66
C ASP A 596 -10.62 0.81 13.36
N VAL A 597 -10.47 1.17 12.08
CA VAL A 597 -9.46 2.15 11.70
C VAL A 597 -9.63 3.46 12.48
N VAL A 598 -10.88 3.93 12.57
CA VAL A 598 -11.18 5.14 13.32
C VAL A 598 -10.78 5.03 14.81
N GLU A 599 -11.14 3.93 15.44
CA GLU A 599 -10.84 3.72 16.85
C GLU A 599 -9.34 3.53 17.12
N LYS A 600 -8.59 3.09 16.12
CA LYS A 600 -7.15 2.98 16.27
C LYS A 600 -6.54 4.37 16.35
N ALA A 601 -7.17 5.33 15.68
CA ALA A 601 -6.63 6.68 15.56
C ALA A 601 -7.12 7.58 16.68
N ASP A 602 -7.72 6.98 17.70
CA ASP A 602 -8.25 7.73 18.83
C ASP A 602 -7.09 8.37 19.61
N ILE A 603 -7.26 9.60 20.05
CA ILE A 603 -6.19 10.29 20.75
C ILE A 603 -6.36 10.25 22.27
N GLY A 604 -7.50 9.74 22.73
CA GLY A 604 -7.67 9.41 24.14
C GLY A 604 -7.11 8.01 24.36
N CYS A 605 -6.59 7.76 25.56
CA CYS A 605 -5.82 6.54 25.78
C CYS A 605 -6.35 5.60 26.86
N THR A 606 -7.25 6.09 27.72
CA THR A 606 -7.73 5.27 28.85
C THR A 606 -9.25 5.23 28.92
N PRO A 607 -9.80 4.23 29.64
CA PRO A 607 -11.25 4.13 29.78
C PRO A 607 -11.85 5.23 30.64
N GLY A 608 -11.03 5.96 31.38
CA GLY A 608 -11.56 7.07 32.17
C GLY A 608 -10.85 7.34 33.48
N SER A 609 -11.36 8.34 34.19
CA SER A 609 -10.70 8.88 35.38
C SER A 609 -9.25 9.27 35.12
N GLY A 610 -8.47 9.36 36.19
CA GLY A 610 -7.07 9.76 36.07
C GLY A 610 -6.38 9.93 37.41
N LYS A 611 -5.05 9.96 37.36
CA LYS A 611 -4.20 10.16 38.53
C LYS A 611 -4.55 11.46 39.28
N ASP A 612 -4.83 12.51 38.52
CA ASP A 612 -5.23 13.81 39.05
C ASP A 612 -6.01 14.53 37.95
N TYR A 613 -6.35 15.80 38.16
CA TYR A 613 -7.17 16.52 37.16
C TYR A 613 -6.48 16.60 35.80
N ALA A 614 -5.19 16.91 35.80
CA ALA A 614 -4.41 17.00 34.56
C ALA A 614 -4.37 15.64 33.87
N GLY A 615 -4.21 14.59 34.66
CA GLY A 615 -4.26 13.22 34.15
C GLY A 615 -5.61 12.93 33.50
N VAL A 616 -6.68 13.40 34.13
CA VAL A 616 -8.02 13.18 33.60
C VAL A 616 -8.18 13.84 32.24
N PHE A 617 -7.73 15.08 32.13
CA PHE A 617 -7.77 15.76 30.83
C PHE A 617 -6.91 15.08 29.77
N SER A 618 -5.63 14.86 30.07
CA SER A 618 -4.70 14.28 29.11
C SER A 618 -5.07 12.87 28.64
N ASP A 619 -5.49 12.01 29.57
CA ASP A 619 -5.82 10.63 29.22
C ASP A 619 -7.04 10.57 28.30
N ALA A 620 -7.84 11.62 28.37
CA ALA A 620 -9.05 11.71 27.56
C ALA A 620 -8.76 12.37 26.22
N GLY A 621 -7.53 12.81 26.02
CA GLY A 621 -7.14 13.44 24.76
C GLY A 621 -7.24 14.95 24.76
N LEU A 622 -7.31 15.56 25.94
CA LEU A 622 -7.47 17.01 26.03
C LEU A 622 -6.29 17.74 26.69
N THR A 623 -6.07 18.99 26.27
CA THR A 623 -5.23 19.93 26.99
C THR A 623 -6.14 20.81 27.82
N PHE A 624 -5.62 21.32 28.93
CA PHE A 624 -6.32 22.33 29.72
C PHE A 624 -5.29 23.37 30.13
N THR A 625 -5.62 24.66 29.99
CA THR A 625 -4.69 25.71 30.39
C THR A 625 -5.42 26.92 30.96
N SER A 626 -5.01 27.38 32.14
CA SER A 626 -5.66 28.53 32.78
C SER A 626 -4.72 29.73 32.98
N SER A 627 -5.29 30.91 33.17
CA SER A 627 -4.51 32.11 33.42
C SER A 627 -3.83 32.10 34.79
N SER A 628 -4.32 31.24 35.67
CA SER A 628 -3.78 31.14 37.03
C SER A 628 -2.71 30.05 37.18
N GLY A 629 -2.36 29.39 36.08
CA GLY A 629 -1.24 28.47 36.10
C GLY A 629 -1.57 26.99 36.06
N GLN A 630 -2.83 26.65 36.31
CA GLN A 630 -3.24 25.25 36.23
C GLN A 630 -3.29 24.78 34.78
N GLN A 631 -2.59 23.69 34.48
CA GLN A 631 -2.56 23.17 33.12
C GLN A 631 -2.13 21.70 33.03
N THR A 632 -2.48 21.07 31.92
CA THR A 632 -2.02 19.73 31.61
C THR A 632 -0.53 19.75 31.31
N ALA A 633 0.13 18.62 31.51
CA ALA A 633 1.53 18.50 31.15
C ALA A 633 1.64 18.32 29.64
N GLN A 634 2.82 18.61 29.11
CA GLN A 634 3.09 18.45 27.69
C GLN A 634 2.88 17.02 27.23
N ARG A 635 2.21 16.84 26.10
CA ARG A 635 2.18 15.55 25.44
C ARG A 635 3.10 15.59 24.22
N ALA A 636 4.13 14.76 24.25
CA ALA A 636 4.97 14.51 23.09
C ALA A 636 5.03 13.00 22.86
N GLU A 637 4.10 12.53 22.03
CA GLU A 637 3.96 11.14 21.61
C GLU A 637 2.67 11.07 20.81
N LEU A 638 2.76 10.67 19.55
CA LEU A 638 1.54 10.55 18.73
C LEU A 638 0.70 9.38 19.20
N GLN A 639 1.35 8.38 19.77
CA GLN A 639 0.67 7.16 20.12
C GLN A 639 0.37 7.08 21.61
N CYS A 640 -0.62 6.27 21.97
CA CYS A 640 -0.96 6.03 23.37
C CYS A 640 0.14 5.21 24.04
N PRO A 641 0.45 5.54 25.30
CA PRO A 641 1.48 4.84 26.09
C PRO A 641 1.24 3.33 26.16
N GLN A 642 2.30 2.59 26.43
CA GLN A 642 2.23 1.14 26.37
C GLN A 642 2.30 0.46 27.73
N PRO A 643 1.77 -0.76 27.82
CA PRO A 643 2.14 -1.65 28.91
C PRO A 643 3.63 -2.10 28.78
N GLU B 5 -39.42 -33.65 -33.02
CA GLU B 5 -39.12 -35.08 -32.93
C GLU B 5 -39.17 -35.50 -31.46
N ASP B 6 -40.00 -34.80 -30.70
CA ASP B 6 -40.03 -34.88 -29.23
C ASP B 6 -38.77 -34.25 -28.64
N ILE B 7 -38.09 -33.46 -29.44
CA ILE B 7 -36.83 -32.84 -29.01
C ILE B 7 -36.72 -31.41 -29.54
N ILE B 8 -35.81 -30.64 -28.97
CA ILE B 8 -35.45 -29.33 -29.50
C ILE B 8 -34.16 -29.50 -30.29
N ALA B 9 -34.08 -28.88 -31.46
CA ALA B 9 -32.92 -29.06 -32.33
C ALA B 9 -31.71 -28.23 -31.93
N GLU B 10 -30.53 -28.67 -32.36
CA GLU B 10 -29.27 -28.03 -32.02
C GLU B 10 -29.15 -26.61 -32.58
N GLU B 11 -29.86 -26.35 -33.68
CA GLU B 11 -29.86 -25.03 -34.30
C GLU B 11 -30.71 -24.05 -33.50
N ASN B 12 -31.61 -24.59 -32.68
CA ASN B 12 -32.58 -23.78 -31.95
C ASN B 12 -32.25 -23.66 -30.47
N ILE B 13 -31.01 -24.01 -30.11
CA ILE B 13 -30.56 -23.90 -28.73
C ILE B 13 -29.51 -22.80 -28.57
N VAL B 14 -29.81 -21.81 -27.73
CA VAL B 14 -28.86 -20.76 -27.41
C VAL B 14 -28.06 -21.15 -26.16
N SER B 15 -26.77 -21.44 -26.35
CA SER B 15 -25.92 -21.86 -25.25
C SER B 15 -25.60 -20.70 -24.31
N ARG B 16 -25.63 -20.98 -23.02
CA ARG B 16 -25.17 -20.03 -22.01
C ARG B 16 -23.68 -19.75 -22.22
N SER B 17 -23.28 -18.49 -22.13
CA SER B 17 -21.90 -18.10 -22.38
C SER B 17 -21.38 -16.98 -21.48
N GLU B 18 -22.28 -16.36 -20.73
CA GLU B 18 -21.90 -15.21 -19.89
C GLU B 18 -21.51 -15.61 -18.47
N PHE B 19 -20.21 -15.76 -18.24
CA PHE B 19 -19.72 -16.14 -16.92
C PHE B 19 -18.62 -15.21 -16.39
N PRO B 20 -18.97 -13.94 -16.09
CA PRO B 20 -17.97 -13.09 -15.43
C PRO B 20 -17.79 -13.51 -13.99
N GLU B 21 -16.61 -13.27 -13.42
CA GLU B 21 -16.40 -13.48 -11.99
C GLU B 21 -16.91 -12.27 -11.23
N SER B 22 -16.89 -11.12 -11.89
CA SER B 22 -17.46 -9.89 -11.34
C SER B 22 -18.12 -9.06 -12.44
N TRP B 23 -19.19 -8.35 -12.07
CA TRP B 23 -19.88 -7.44 -12.96
C TRP B 23 -20.65 -6.45 -12.10
N LEU B 24 -21.54 -5.68 -12.73
CA LEU B 24 -22.33 -4.65 -12.05
C LEU B 24 -21.42 -3.60 -11.39
N TRP B 25 -20.45 -3.11 -12.15
CA TRP B 25 -19.54 -2.07 -11.66
C TRP B 25 -20.14 -0.69 -11.96
N ASN B 26 -21.18 -0.32 -11.22
CA ASN B 26 -21.94 0.87 -11.55
C ASN B 26 -22.04 1.92 -10.44
N VAL B 27 -22.15 3.18 -10.86
CA VAL B 27 -22.33 4.29 -9.93
C VAL B 27 -23.72 4.88 -10.13
N GLU B 28 -24.49 4.95 -9.05
CA GLU B 28 -25.85 5.49 -9.11
C GLU B 28 -26.16 6.44 -7.96
N ASP B 29 -27.07 7.37 -8.21
CA ASP B 29 -27.39 8.40 -7.23
C ASP B 29 -28.84 8.33 -6.76
N LEU B 30 -29.05 8.58 -5.47
CA LEU B 30 -30.38 8.56 -4.87
C LEU B 30 -31.01 9.96 -4.89
N LYS B 31 -31.89 10.21 -5.85
CA LYS B 31 -32.51 11.53 -6.00
C LYS B 31 -34.01 11.50 -5.73
N GLU B 32 -34.56 10.30 -5.57
CA GLU B 32 -35.97 10.14 -5.23
C GLU B 32 -36.23 10.69 -3.83
N PRO B 33 -37.17 11.63 -3.70
CA PRO B 33 -37.56 12.16 -2.39
C PRO B 33 -37.95 11.05 -1.40
N PRO B 34 -37.44 11.12 -0.15
CA PRO B 34 -37.45 10.02 0.82
C PRO B 34 -38.59 9.99 1.85
N LYS B 35 -38.77 8.81 2.46
CA LYS B 35 -39.62 8.62 3.64
C LYS B 35 -38.70 8.58 4.87
N ASN B 36 -38.70 9.65 5.66
CA ASN B 36 -37.81 9.78 6.81
C ASN B 36 -36.34 9.70 6.40
N GLY B 37 -35.99 10.45 5.35
CA GLY B 37 -34.62 10.53 4.88
C GLY B 37 -34.14 9.32 4.11
N ILE B 38 -35.02 8.35 3.93
CA ILE B 38 -34.65 7.12 3.23
C ILE B 38 -35.24 7.02 1.82
N SER B 39 -34.40 7.26 0.82
CA SER B 39 -34.80 7.12 -0.57
C SER B 39 -34.72 5.67 -1.03
N THR B 40 -35.64 5.26 -1.88
CA THR B 40 -35.70 3.88 -2.36
C THR B 40 -35.60 3.83 -3.89
N LYS B 41 -34.44 3.38 -4.37
CA LYS B 41 -34.14 3.28 -5.80
C LYS B 41 -34.51 1.90 -6.35
N LEU B 42 -35.21 1.90 -7.49
CA LEU B 42 -35.47 0.66 -8.20
C LEU B 42 -34.64 0.62 -9.48
N MET B 43 -33.85 -0.43 -9.64
CA MET B 43 -33.05 -0.60 -10.84
C MET B 43 -33.20 -1.99 -11.46
N ASN B 44 -33.28 -2.02 -12.78
CA ASN B 44 -33.38 -3.27 -13.52
C ASN B 44 -32.04 -3.74 -14.04
N ILE B 45 -31.69 -4.99 -13.76
CA ILE B 45 -30.47 -5.57 -14.31
C ILE B 45 -30.70 -6.98 -14.83
N PHE B 46 -29.72 -7.48 -15.57
CA PHE B 46 -29.82 -8.77 -16.23
C PHE B 46 -28.82 -9.76 -15.64
N LEU B 47 -29.34 -10.79 -14.99
CA LEU B 47 -28.49 -11.82 -14.42
C LEU B 47 -27.69 -12.53 -15.53
N LYS B 48 -26.42 -12.78 -15.25
CA LYS B 48 -25.57 -13.45 -16.23
C LYS B 48 -25.95 -14.93 -16.31
N ASP B 49 -25.29 -15.66 -17.20
CA ASP B 49 -25.68 -17.04 -17.48
C ASP B 49 -25.20 -18.04 -16.43
N SER B 50 -24.34 -17.59 -15.53
CA SER B 50 -23.78 -18.46 -14.50
C SER B 50 -24.86 -19.04 -13.57
N ILE B 51 -24.67 -20.30 -13.18
CA ILE B 51 -25.56 -20.93 -12.21
C ILE B 51 -24.83 -21.00 -10.87
N THR B 52 -25.13 -20.03 -10.00
CA THR B 52 -24.36 -19.82 -8.79
C THR B 52 -25.09 -18.80 -7.94
N THR B 53 -24.44 -18.34 -6.87
CA THR B 53 -24.99 -17.28 -6.06
C THR B 53 -24.12 -16.03 -6.17
N TRP B 54 -24.76 -14.91 -6.50
CA TRP B 54 -24.05 -13.64 -6.60
C TRP B 54 -24.03 -12.92 -5.26
N GLU B 55 -22.93 -12.23 -4.98
CA GLU B 55 -22.83 -11.37 -3.81
C GLU B 55 -22.86 -9.94 -4.29
N ILE B 56 -23.95 -9.23 -4.03
CA ILE B 56 -24.03 -7.84 -4.43
C ILE B 56 -23.69 -6.92 -3.27
N LEU B 57 -22.55 -6.23 -3.38
CA LEU B 57 -22.10 -5.31 -2.35
C LEU B 57 -22.31 -3.86 -2.79
N ALA B 58 -22.92 -3.06 -1.94
CA ALA B 58 -23.12 -1.64 -2.20
C ALA B 58 -22.35 -0.80 -1.19
N VAL B 59 -21.84 0.34 -1.66
CA VAL B 59 -21.16 1.30 -0.78
C VAL B 59 -21.71 2.69 -1.11
N SER B 60 -22.07 3.45 -0.09
CA SER B 60 -22.62 4.79 -0.30
C SER B 60 -21.75 5.88 0.29
N MET B 61 -21.80 7.06 -0.31
CA MET B 61 -21.07 8.22 0.19
C MET B 61 -21.98 9.45 0.23
N SER B 62 -22.31 9.89 1.44
CA SER B 62 -23.19 11.03 1.60
C SER B 62 -22.44 12.27 2.07
N ASP B 63 -22.83 13.43 1.55
CA ASP B 63 -22.24 14.71 1.92
C ASP B 63 -22.38 15.03 3.40
N LYS B 64 -23.31 14.36 4.07
CA LYS B 64 -23.58 14.64 5.48
C LYS B 64 -23.59 13.38 6.36
N LYS B 65 -23.85 12.23 5.75
CA LYS B 65 -23.86 10.98 6.51
C LYS B 65 -22.51 10.25 6.39
N GLY B 66 -21.73 10.64 5.38
CA GLY B 66 -20.42 10.05 5.19
C GLY B 66 -20.48 8.74 4.43
N ILE B 67 -19.64 7.79 4.82
CA ILE B 67 -19.51 6.53 4.12
C ILE B 67 -20.24 5.40 4.83
N CYS B 68 -20.93 4.57 4.05
CA CYS B 68 -21.64 3.43 4.61
C CYS B 68 -21.46 2.19 3.73
N VAL B 69 -20.98 1.11 4.33
CA VAL B 69 -20.84 -0.14 3.60
C VAL B 69 -22.03 -1.05 3.91
N ALA B 70 -22.86 -1.29 2.90
CA ALA B 70 -24.04 -2.14 3.06
C ALA B 70 -23.67 -3.59 3.31
N ASP B 71 -24.58 -4.35 3.90
CA ASP B 71 -24.40 -5.78 4.07
C ASP B 71 -24.57 -6.45 2.70
N PRO B 72 -23.91 -7.61 2.48
CA PRO B 72 -24.01 -8.29 1.19
C PRO B 72 -25.42 -8.79 0.92
N PHE B 73 -25.90 -8.64 -0.31
CA PHE B 73 -27.17 -9.24 -0.71
C PHE B 73 -26.92 -10.39 -1.68
N GLU B 74 -27.41 -11.57 -1.33
CA GLU B 74 -27.20 -12.75 -2.16
C GLU B 74 -28.39 -13.01 -3.11
N VAL B 75 -28.07 -13.31 -4.37
CA VAL B 75 -29.07 -13.74 -5.35
C VAL B 75 -28.65 -15.05 -5.98
N THR B 76 -29.40 -16.11 -5.70
CA THR B 76 -29.11 -17.43 -6.24
C THR B 76 -29.80 -17.65 -7.59
N VAL B 77 -29.00 -17.96 -8.61
CA VAL B 77 -29.53 -18.23 -9.93
C VAL B 77 -29.40 -19.73 -10.21
N MET B 78 -30.54 -20.36 -10.48
CA MET B 78 -30.61 -21.82 -10.48
C MET B 78 -31.48 -22.38 -11.61
N GLN B 79 -31.16 -23.60 -12.04
CA GLN B 79 -31.99 -24.36 -12.98
C GLN B 79 -32.16 -25.80 -12.49
N ASP B 80 -33.17 -26.50 -12.99
CA ASP B 80 -33.37 -27.90 -12.61
C ASP B 80 -32.60 -28.85 -13.52
N PHE B 81 -32.40 -28.43 -14.77
CA PHE B 81 -31.55 -29.18 -15.69
C PHE B 81 -30.50 -28.28 -16.32
N PHE B 82 -29.24 -28.70 -16.21
CA PHE B 82 -28.15 -27.94 -16.81
C PHE B 82 -26.89 -28.75 -17.00
N ILE B 83 -25.99 -28.25 -17.84
CA ILE B 83 -24.69 -28.85 -18.04
C ILE B 83 -23.64 -28.09 -17.24
N ASP B 84 -22.78 -28.82 -16.55
CA ASP B 84 -21.61 -28.22 -15.92
C ASP B 84 -20.36 -28.63 -16.68
N LEU B 85 -19.81 -27.69 -17.45
CA LEU B 85 -18.63 -27.97 -18.27
C LEU B 85 -17.39 -27.33 -17.65
N ARG B 86 -16.57 -28.15 -17.00
CA ARG B 86 -15.38 -27.63 -16.33
C ARG B 86 -14.09 -27.96 -17.07
N LEU B 87 -13.37 -26.91 -17.46
CA LEU B 87 -12.14 -27.05 -18.24
C LEU B 87 -10.93 -26.64 -17.40
N PRO B 88 -9.76 -27.24 -17.70
CA PRO B 88 -8.51 -26.81 -17.05
C PRO B 88 -8.20 -25.36 -17.37
N TYR B 89 -7.28 -24.77 -16.61
CA TYR B 89 -6.87 -23.39 -16.89
C TYR B 89 -6.23 -23.32 -18.26
N SER B 90 -5.48 -24.36 -18.62
CA SER B 90 -4.84 -24.44 -19.92
C SER B 90 -4.60 -25.89 -20.34
N VAL B 91 -4.52 -26.09 -21.66
CA VAL B 91 -4.18 -27.40 -22.22
C VAL B 91 -3.06 -27.23 -23.26
N VAL B 92 -2.31 -28.30 -23.50
CA VAL B 92 -1.18 -28.23 -24.41
C VAL B 92 -1.56 -28.66 -25.83
N ARG B 93 -1.07 -27.94 -26.82
CA ARG B 93 -1.30 -28.25 -28.23
C ARG B 93 -0.79 -29.65 -28.58
N ASN B 94 -1.56 -30.37 -29.39
CA ASN B 94 -1.20 -31.70 -29.89
C ASN B 94 -1.18 -32.78 -28.82
N GLU B 95 -1.68 -32.45 -27.63
CA GLU B 95 -1.75 -33.44 -26.56
C GLU B 95 -3.19 -33.90 -26.34
N GLN B 96 -3.39 -35.22 -26.40
CA GLN B 96 -4.70 -35.80 -26.19
C GLN B 96 -5.14 -35.64 -24.74
N VAL B 97 -6.29 -34.99 -24.53
CA VAL B 97 -6.84 -34.80 -23.19
C VAL B 97 -8.29 -35.23 -23.11
N GLU B 98 -8.76 -35.45 -21.88
CA GLU B 98 -10.17 -35.76 -21.66
C GLU B 98 -10.85 -34.67 -20.84
N ILE B 99 -11.84 -34.04 -21.43
CA ILE B 99 -12.66 -33.09 -20.70
C ILE B 99 -13.98 -33.77 -20.34
N ARG B 100 -14.67 -33.25 -19.33
CA ARG B 100 -15.92 -33.85 -18.90
C ARG B 100 -17.06 -32.84 -18.78
N ALA B 101 -18.21 -33.20 -19.35
CA ALA B 101 -19.41 -32.39 -19.19
C ALA B 101 -20.36 -33.13 -18.27
N VAL B 102 -20.66 -32.53 -17.13
CA VAL B 102 -21.51 -33.18 -16.14
C VAL B 102 -22.93 -32.63 -16.22
N LEU B 103 -23.89 -33.52 -16.44
CA LEU B 103 -25.28 -33.13 -16.60
C LEU B 103 -26.01 -33.28 -15.28
N TYR B 104 -26.81 -32.28 -14.93
CA TYR B 104 -27.49 -32.28 -13.64
C TYR B 104 -29.01 -32.36 -13.76
N ASN B 105 -29.61 -33.24 -12.98
CA ASN B 105 -31.05 -33.39 -12.91
C ASN B 105 -31.53 -33.24 -11.47
N TYR B 106 -31.99 -32.05 -11.12
CA TYR B 106 -32.39 -31.77 -9.74
C TYR B 106 -33.89 -31.89 -9.53
N ARG B 107 -34.58 -32.39 -10.54
CA ARG B 107 -36.02 -32.63 -10.43
C ARG B 107 -36.30 -33.77 -9.45
N GLN B 108 -37.30 -33.56 -8.60
CA GLN B 108 -37.59 -34.49 -7.51
C GLN B 108 -38.22 -35.79 -8.00
N ASN B 109 -39.20 -35.67 -8.89
CA ASN B 109 -39.96 -36.83 -9.34
C ASN B 109 -40.04 -36.94 -10.85
N GLN B 110 -38.90 -36.98 -11.52
CA GLN B 110 -38.90 -37.10 -12.97
C GLN B 110 -37.55 -37.53 -13.54
N GLU B 111 -37.53 -38.70 -14.15
CA GLU B 111 -36.34 -39.20 -14.84
C GLU B 111 -36.20 -38.48 -16.17
N LEU B 112 -34.96 -38.33 -16.64
CA LEU B 112 -34.71 -37.61 -17.88
C LEU B 112 -33.94 -38.44 -18.91
N LYS B 113 -34.52 -38.56 -20.10
CA LYS B 113 -33.82 -39.15 -21.23
C LYS B 113 -33.26 -38.03 -22.09
N VAL B 114 -31.93 -37.90 -22.11
CA VAL B 114 -31.30 -36.72 -22.71
C VAL B 114 -30.39 -37.07 -23.89
N ARG B 115 -30.46 -36.25 -24.93
CA ARG B 115 -29.48 -36.33 -26.01
C ARG B 115 -28.44 -35.22 -25.85
N VAL B 116 -27.19 -35.61 -25.67
CA VAL B 116 -26.10 -34.67 -25.44
C VAL B 116 -25.12 -34.66 -26.62
N GLU B 117 -24.65 -33.47 -26.99
CA GLU B 117 -23.83 -33.32 -28.18
C GLU B 117 -22.67 -32.34 -27.96
N LEU B 118 -21.51 -32.67 -28.51
CA LEU B 118 -20.37 -31.75 -28.52
C LEU B 118 -20.15 -31.21 -29.92
N LEU B 119 -20.24 -29.88 -30.07
CA LEU B 119 -20.10 -29.25 -31.38
C LEU B 119 -18.72 -29.41 -31.99
N HIS B 120 -18.66 -29.44 -33.32
CA HIS B 120 -17.40 -29.56 -34.05
C HIS B 120 -16.65 -28.24 -34.06
N ASN B 121 -15.33 -28.33 -33.97
CA ASN B 121 -14.49 -27.14 -33.98
C ASN B 121 -13.14 -27.50 -34.60
N PRO B 122 -12.78 -26.81 -35.69
CA PRO B 122 -11.54 -27.08 -36.44
C PRO B 122 -10.26 -26.97 -35.58
N ALA B 123 -10.38 -26.43 -34.38
CA ALA B 123 -9.23 -26.31 -33.49
C ALA B 123 -9.01 -27.62 -32.73
N PHE B 124 -9.97 -28.54 -32.80
CA PHE B 124 -9.87 -29.79 -32.07
C PHE B 124 -10.24 -31.01 -32.90
N CYS B 125 -9.46 -32.07 -32.76
CA CYS B 125 -9.89 -33.38 -33.25
C CYS B 125 -10.84 -33.97 -32.21
N SER B 126 -12.03 -34.34 -32.64
CA SER B 126 -13.00 -34.98 -31.78
C SER B 126 -13.85 -35.92 -32.62
N LEU B 127 -14.77 -36.64 -31.99
CA LEU B 127 -15.61 -37.58 -32.71
C LEU B 127 -16.65 -36.89 -33.58
N ALA B 128 -16.84 -35.59 -33.35
CA ALA B 128 -17.73 -34.80 -34.20
C ALA B 128 -16.94 -34.08 -35.28
N THR B 129 -17.34 -34.26 -36.53
CA THR B 129 -16.66 -33.63 -37.65
C THR B 129 -17.58 -32.63 -38.34
N THR B 130 -17.11 -32.09 -39.46
CA THR B 130 -17.88 -31.14 -40.25
C THR B 130 -19.16 -31.76 -40.80
N LYS B 131 -19.16 -33.08 -40.99
CA LYS B 131 -20.32 -33.78 -41.51
C LYS B 131 -20.83 -34.87 -40.57
N ARG B 132 -19.93 -35.43 -39.76
CA ARG B 132 -20.34 -36.41 -38.76
C ARG B 132 -20.56 -35.72 -37.42
N ARG B 133 -21.72 -35.96 -36.82
CA ARG B 133 -22.09 -35.30 -35.57
C ARG B 133 -22.21 -36.28 -34.40
N HIS B 134 -21.16 -36.31 -33.59
CA HIS B 134 -21.13 -37.03 -32.32
C HIS B 134 -22.32 -36.65 -31.45
N GLN B 135 -23.26 -37.58 -31.28
CA GLN B 135 -24.39 -37.39 -30.38
C GLN B 135 -24.56 -38.63 -29.52
N GLN B 136 -24.87 -38.45 -28.24
CA GLN B 136 -25.22 -39.60 -27.40
C GLN B 136 -26.60 -39.44 -26.81
N THR B 137 -27.14 -40.54 -26.31
CA THR B 137 -28.39 -40.53 -25.59
C THR B 137 -28.16 -41.27 -24.28
N VAL B 138 -28.49 -40.61 -23.19
CA VAL B 138 -28.26 -41.17 -21.87
C VAL B 138 -29.47 -40.89 -20.99
N THR B 139 -29.61 -41.64 -19.90
CA THR B 139 -30.77 -41.51 -19.03
C THR B 139 -30.36 -41.10 -17.60
N ILE B 140 -30.81 -39.91 -17.19
CA ILE B 140 -30.43 -39.36 -15.90
C ILE B 140 -31.55 -39.50 -14.86
N PRO B 141 -31.31 -40.33 -13.83
CA PRO B 141 -32.26 -40.52 -12.73
C PRO B 141 -32.56 -39.20 -12.02
N PRO B 142 -33.74 -39.09 -11.39
CA PRO B 142 -34.12 -37.87 -10.67
C PRO B 142 -33.20 -37.61 -9.49
N LYS B 143 -32.94 -36.34 -9.19
CA LYS B 143 -32.09 -35.94 -8.07
C LYS B 143 -30.72 -36.59 -8.17
N SER B 144 -30.15 -36.59 -9.38
CA SER B 144 -28.84 -37.19 -9.61
C SER B 144 -28.09 -36.46 -10.71
N SER B 145 -26.82 -36.82 -10.88
CA SER B 145 -25.96 -36.21 -11.89
C SER B 145 -25.37 -37.26 -12.80
N LEU B 146 -24.73 -36.83 -13.87
CA LEU B 146 -24.10 -37.74 -14.81
C LEU B 146 -22.98 -37.05 -15.59
N SER B 147 -21.86 -37.74 -15.74
CA SER B 147 -20.70 -37.18 -16.42
C SER B 147 -20.58 -37.69 -17.84
N VAL B 148 -20.25 -36.81 -18.78
CA VAL B 148 -20.05 -37.21 -20.17
C VAL B 148 -18.65 -36.81 -20.64
N PRO B 149 -17.76 -37.81 -20.77
CA PRO B 149 -16.37 -37.61 -21.18
C PRO B 149 -16.23 -37.30 -22.67
N TYR B 150 -15.30 -36.42 -23.02
CA TYR B 150 -14.98 -36.14 -24.42
C TYR B 150 -13.48 -36.09 -24.63
N VAL B 151 -12.95 -37.04 -25.39
CA VAL B 151 -11.53 -37.06 -25.71
C VAL B 151 -11.26 -36.17 -26.91
N ILE B 152 -10.38 -35.17 -26.73
CA ILE B 152 -10.08 -34.23 -27.81
C ILE B 152 -8.58 -34.00 -27.97
N VAL B 153 -8.20 -33.40 -29.10
CA VAL B 153 -6.82 -33.01 -29.34
C VAL B 153 -6.76 -31.61 -29.93
N PRO B 154 -6.29 -30.63 -29.14
CA PRO B 154 -6.15 -29.24 -29.56
C PRO B 154 -5.09 -29.09 -30.66
N LEU B 155 -5.38 -28.28 -31.68
CA LEU B 155 -4.52 -28.18 -32.85
C LEU B 155 -3.75 -26.85 -32.93
N LYS B 156 -4.42 -25.74 -32.62
CA LYS B 156 -3.74 -24.44 -32.65
C LYS B 156 -3.85 -23.70 -31.32
N THR B 157 -2.82 -22.93 -31.00
CA THR B 157 -2.74 -22.22 -29.73
C THR B 157 -3.67 -21.01 -29.68
N GLY B 158 -3.85 -20.48 -28.47
CA GLY B 158 -4.68 -19.31 -28.28
C GLY B 158 -5.99 -19.64 -27.57
N LEU B 159 -6.91 -18.68 -27.57
CA LEU B 159 -8.19 -18.85 -26.91
C LEU B 159 -9.19 -19.52 -27.83
N GLN B 160 -9.36 -20.83 -27.67
CA GLN B 160 -10.30 -21.58 -28.48
C GLN B 160 -11.63 -21.77 -27.75
N GLU B 161 -12.54 -22.55 -28.33
CA GLU B 161 -13.89 -22.63 -27.79
C GLU B 161 -14.46 -24.04 -27.77
N VAL B 162 -15.14 -24.38 -26.68
CA VAL B 162 -15.81 -25.66 -26.54
C VAL B 162 -17.29 -25.43 -26.20
N GLU B 163 -18.17 -26.08 -26.96
CA GLU B 163 -19.60 -25.89 -26.77
C GLU B 163 -20.34 -27.23 -26.80
N VAL B 164 -21.03 -27.55 -25.70
CA VAL B 164 -21.83 -28.78 -25.65
C VAL B 164 -23.29 -28.48 -25.34
N LYS B 165 -24.19 -29.21 -26.00
CA LYS B 165 -25.63 -29.00 -25.84
C LYS B 165 -26.36 -30.27 -25.44
N ALA B 166 -27.54 -30.10 -24.85
CA ALA B 166 -28.34 -31.24 -24.41
C ALA B 166 -29.82 -30.88 -24.34
N ALA B 167 -30.67 -31.90 -24.49
CA ALA B 167 -32.13 -31.72 -24.37
C ALA B 167 -32.83 -33.03 -24.02
N VAL B 168 -33.93 -32.94 -23.28
CA VAL B 168 -34.67 -34.13 -22.89
C VAL B 168 -35.76 -34.45 -23.92
N TYR B 169 -36.00 -35.74 -24.14
CA TYR B 169 -37.05 -36.16 -25.06
C TYR B 169 -38.41 -35.99 -24.41
N HIS B 170 -39.38 -35.55 -25.21
CA HIS B 170 -40.80 -35.46 -24.82
C HIS B 170 -41.19 -34.22 -24.00
N HIS B 171 -40.20 -33.43 -23.60
CA HIS B 171 -40.49 -32.18 -22.88
C HIS B 171 -39.68 -31.00 -23.41
N PHE B 172 -40.17 -29.79 -23.18
CA PHE B 172 -39.49 -28.57 -23.63
C PHE B 172 -38.38 -28.18 -22.65
N ILE B 173 -37.26 -28.89 -22.72
CA ILE B 173 -36.13 -28.67 -21.81
C ILE B 173 -34.79 -28.78 -22.54
N SER B 174 -33.98 -27.74 -22.44
CA SER B 174 -32.67 -27.72 -23.09
C SER B 174 -31.67 -26.89 -22.28
N ASP B 175 -30.40 -26.99 -22.65
CA ASP B 175 -29.35 -26.15 -22.10
C ASP B 175 -28.08 -26.33 -22.91
N GLY B 176 -27.37 -25.22 -23.13
CA GLY B 176 -26.09 -25.25 -23.79
C GLY B 176 -25.06 -24.46 -23.00
N VAL B 177 -23.80 -24.87 -23.09
CA VAL B 177 -22.72 -24.13 -22.45
C VAL B 177 -21.59 -23.87 -23.44
N ARG B 178 -21.22 -22.60 -23.59
CA ARG B 178 -20.13 -22.24 -24.49
C ARG B 178 -19.00 -21.55 -23.73
N LYS B 179 -17.93 -22.29 -23.45
CA LYS B 179 -16.79 -21.74 -22.71
C LYS B 179 -15.50 -21.73 -23.53
N SER B 180 -14.67 -20.72 -23.29
CA SER B 180 -13.38 -20.64 -23.95
C SER B 180 -12.35 -21.49 -23.23
N LEU B 181 -11.41 -22.03 -24.00
CA LEU B 181 -10.37 -22.91 -23.47
C LEU B 181 -9.02 -22.37 -23.89
N LYS B 182 -8.10 -22.28 -22.94
CA LYS B 182 -6.77 -21.72 -23.21
C LYS B 182 -5.81 -22.79 -23.68
N VAL B 183 -5.33 -22.65 -24.91
CA VAL B 183 -4.37 -23.59 -25.49
C VAL B 183 -2.98 -22.98 -25.54
N VAL B 184 -2.01 -23.71 -24.99
CA VAL B 184 -0.63 -23.23 -24.92
C VAL B 184 0.33 -24.13 -25.70
N PRO B 185 1.47 -23.58 -26.16
CA PRO B 185 2.43 -24.37 -26.92
C PRO B 185 3.09 -25.46 -26.09
N GLU B 186 3.81 -26.35 -26.77
CA GLU B 186 4.58 -27.38 -26.10
C GLU B 186 5.77 -26.73 -25.43
N GLY B 187 6.38 -27.42 -24.47
CA GLY B 187 7.63 -26.97 -23.90
C GLY B 187 7.48 -26.31 -22.55
N ILE B 188 8.50 -25.54 -22.16
CA ILE B 188 8.52 -24.90 -20.85
C ILE B 188 8.69 -23.40 -20.98
N ARG B 189 7.96 -22.65 -20.16
CA ARG B 189 8.13 -21.20 -20.11
C ARG B 189 9.49 -20.86 -19.52
N MET B 190 10.35 -20.29 -20.36
CA MET B 190 11.69 -19.94 -19.95
C MET B 190 11.92 -18.44 -20.13
N ASN B 191 12.90 -17.92 -19.40
CA ASN B 191 13.40 -16.59 -19.69
C ASN B 191 14.93 -16.59 -19.64
N LYS B 192 15.53 -15.70 -20.42
CA LYS B 192 16.97 -15.53 -20.36
C LYS B 192 17.33 -14.10 -19.98
N THR B 193 18.24 -13.97 -19.00
CA THR B 193 18.78 -12.66 -18.66
C THR B 193 19.78 -12.29 -19.74
N VAL B 194 19.42 -11.30 -20.56
CA VAL B 194 20.26 -10.87 -21.66
C VAL B 194 21.29 -9.83 -21.21
N ALA B 195 20.83 -8.82 -20.50
CA ALA B 195 21.73 -7.77 -20.04
C ALA B 195 21.35 -7.19 -18.69
N VAL B 196 22.37 -6.88 -17.90
CA VAL B 196 22.19 -6.12 -16.67
C VAL B 196 23.32 -5.09 -16.64
N ARG B 197 22.97 -3.82 -16.85
CA ARG B 197 23.97 -2.78 -16.96
C ARG B 197 23.76 -1.67 -15.93
N THR B 198 24.87 -1.13 -15.45
CA THR B 198 24.85 -0.01 -14.53
C THR B 198 24.82 1.30 -15.30
N LEU B 199 23.87 2.17 -14.95
CA LEU B 199 23.77 3.48 -15.57
C LEU B 199 24.37 4.55 -14.67
N ASP B 200 25.39 5.24 -15.18
CA ASP B 200 26.06 6.32 -14.44
C ASP B 200 26.84 7.21 -15.43
N PRO B 201 26.11 8.08 -16.16
CA PRO B 201 26.69 8.93 -17.20
C PRO B 201 27.87 9.78 -16.74
N GLU B 202 27.81 10.31 -15.52
CA GLU B 202 28.91 11.10 -14.95
C GLU B 202 30.22 10.34 -15.02
N ARG B 203 30.16 9.04 -14.71
CA ARG B 203 31.36 8.22 -14.51
C ARG B 203 31.70 7.31 -15.69
N LEU B 204 30.68 6.81 -16.38
CA LEU B 204 30.87 5.79 -17.41
C LEU B 204 30.79 6.31 -18.84
N GLY B 205 30.35 7.55 -19.01
CA GLY B 205 30.15 8.10 -20.35
C GLY B 205 31.16 9.15 -20.78
N ARG B 206 31.16 9.45 -22.07
CA ARG B 206 32.01 10.51 -22.62
C ARG B 206 31.26 11.84 -22.67
N GLU B 207 31.83 12.85 -22.03
CA GLU B 207 31.17 14.16 -21.85
C GLU B 207 29.73 14.02 -21.34
N GLY B 208 29.55 13.10 -20.39
CA GLY B 208 28.27 12.92 -19.73
C GLY B 208 27.23 12.16 -20.53
N VAL B 209 27.66 11.35 -21.48
CA VAL B 209 26.72 10.56 -22.28
C VAL B 209 27.10 9.08 -22.30
N GLN B 210 26.18 8.24 -21.82
CA GLN B 210 26.43 6.81 -21.75
C GLN B 210 25.56 6.06 -22.75
N LYS B 211 26.18 5.55 -23.82
CA LYS B 211 25.48 4.70 -24.77
C LYS B 211 25.72 3.24 -24.43
N GLU B 212 24.63 2.48 -24.30
CA GLU B 212 24.72 1.06 -23.99
C GLU B 212 24.09 0.20 -25.10
N ASP B 213 24.85 -0.75 -25.62
CA ASP B 213 24.33 -1.64 -26.67
C ASP B 213 24.00 -3.03 -26.15
N ILE B 214 22.83 -3.52 -26.55
CA ILE B 214 22.32 -4.79 -26.05
C ILE B 214 22.15 -5.79 -27.19
N PRO B 215 22.66 -7.02 -27.00
CA PRO B 215 22.54 -8.09 -27.98
C PRO B 215 21.16 -8.75 -27.93
N PRO B 216 20.80 -9.49 -28.99
CA PRO B 216 19.56 -10.28 -28.94
C PRO B 216 19.71 -11.47 -28.01
N ALA B 217 18.59 -12.08 -27.62
CA ALA B 217 18.62 -13.33 -26.88
C ALA B 217 19.01 -14.46 -27.84
N ASP B 218 19.61 -15.52 -27.29
CA ASP B 218 20.05 -16.65 -28.12
C ASP B 218 18.86 -17.37 -28.75
N LEU B 219 18.03 -17.97 -27.90
CA LEU B 219 16.82 -18.66 -28.34
C LEU B 219 17.02 -19.80 -29.34
N SER B 220 18.11 -20.57 -29.20
CA SER B 220 18.36 -21.68 -30.10
C SER B 220 17.42 -22.86 -29.81
N ASP B 221 16.99 -22.98 -28.57
CA ASP B 221 16.12 -24.07 -28.14
C ASP B 221 14.65 -23.65 -28.09
N GLN B 222 14.31 -22.60 -28.83
CA GLN B 222 12.94 -22.09 -28.83
C GLN B 222 11.99 -23.04 -29.56
N VAL B 223 10.79 -23.21 -29.03
CA VAL B 223 9.75 -23.99 -29.69
C VAL B 223 9.29 -23.31 -30.98
N PRO B 224 9.33 -24.03 -32.10
CA PRO B 224 8.91 -23.54 -33.41
C PRO B 224 7.53 -22.89 -33.40
N ASP B 225 7.39 -21.76 -34.07
CA ASP B 225 6.12 -21.05 -34.19
C ASP B 225 5.53 -20.62 -32.84
N THR B 226 6.37 -20.02 -31.99
CA THR B 226 5.89 -19.48 -30.72
C THR B 226 6.36 -18.04 -30.54
N GLU B 227 5.64 -17.28 -29.73
CA GLU B 227 5.99 -15.88 -29.46
C GLU B 227 7.04 -15.76 -28.37
N SER B 228 7.77 -14.65 -28.39
CA SER B 228 8.66 -14.30 -27.28
C SER B 228 8.45 -12.84 -26.90
N GLU B 229 8.81 -12.50 -25.67
CA GLU B 229 8.73 -11.10 -25.24
C GLU B 229 10.02 -10.64 -24.55
N THR B 230 10.63 -9.61 -25.10
CA THR B 230 11.81 -9.01 -24.46
C THR B 230 11.37 -7.87 -23.56
N ARG B 231 11.71 -8.00 -22.28
CA ARG B 231 11.30 -7.02 -21.27
C ARG B 231 12.47 -6.13 -20.89
N ILE B 232 12.25 -4.81 -20.95
CA ILE B 232 13.30 -3.83 -20.67
C ILE B 232 12.98 -3.02 -19.41
N LEU B 233 13.75 -3.26 -18.36
CA LEU B 233 13.48 -2.65 -17.05
C LEU B 233 14.51 -1.57 -16.67
N LEU B 234 13.99 -0.42 -16.26
CA LEU B 234 14.81 0.68 -15.77
C LEU B 234 14.42 1.01 -14.33
N GLN B 235 15.42 1.28 -13.50
CA GLN B 235 15.17 1.65 -12.12
C GLN B 235 16.29 2.57 -11.63
N GLY B 236 15.98 3.43 -10.68
CA GLY B 236 16.97 4.34 -10.14
C GLY B 236 17.70 3.77 -8.93
N THR B 237 18.94 4.20 -8.73
CA THR B 237 19.70 3.82 -7.55
C THR B 237 19.90 5.02 -6.63
N PRO B 238 18.94 5.23 -5.71
CA PRO B 238 19.03 6.38 -4.78
C PRO B 238 20.18 6.22 -3.79
N VAL B 239 20.97 7.27 -3.62
CA VAL B 239 22.07 7.25 -2.67
C VAL B 239 21.96 8.38 -1.65
N ALA B 240 21.91 8.03 -0.37
CA ALA B 240 21.89 9.03 0.70
C ALA B 240 23.30 9.55 1.00
N GLN B 241 23.38 10.82 1.40
CA GLN B 241 24.62 11.40 1.90
C GLN B 241 24.49 11.57 3.40
N MET B 242 25.49 11.12 4.14
CA MET B 242 25.40 11.22 5.58
C MET B 242 25.67 12.65 6.06
N THR B 243 24.78 13.13 6.92
CA THR B 243 24.94 14.39 7.62
C THR B 243 25.36 14.08 9.06
N GLU B 244 26.45 14.70 9.51
CA GLU B 244 26.90 14.55 10.90
C GLU B 244 25.77 14.89 11.88
N ASP B 245 25.74 14.18 13.00
CA ASP B 245 24.74 14.41 14.03
C ASP B 245 24.84 15.83 14.56
N ALA B 246 23.69 16.42 14.90
CA ALA B 246 23.65 17.69 15.60
C ALA B 246 24.30 17.52 16.97
N VAL B 247 24.76 18.62 17.56
CA VAL B 247 25.24 18.58 18.93
C VAL B 247 24.03 18.35 19.84
N ASP B 248 24.13 17.38 20.74
CA ASP B 248 22.98 17.00 21.55
C ASP B 248 22.50 18.16 22.43
N ALA B 249 21.18 18.34 22.48
CA ALA B 249 20.56 19.43 23.24
C ALA B 249 21.10 19.57 24.64
N GLU B 250 21.35 18.44 25.30
CA GLU B 250 21.83 18.45 26.68
C GLU B 250 23.14 19.22 26.83
N ARG B 251 23.99 19.17 25.82
CA ARG B 251 25.28 19.85 25.86
C ARG B 251 25.14 21.37 25.91
N LEU B 252 23.96 21.88 25.52
CA LEU B 252 23.78 23.33 25.41
C LEU B 252 23.08 23.97 26.62
N LYS B 253 22.61 23.16 27.57
CA LYS B 253 21.89 23.66 28.74
C LYS B 253 22.69 24.74 29.46
N HIS B 254 24.00 24.53 29.58
CA HIS B 254 24.86 25.45 30.33
C HIS B 254 25.03 26.79 29.63
N LEU B 255 24.53 26.91 28.40
CA LEU B 255 24.65 28.15 27.64
C LEU B 255 23.48 29.10 27.85
N ILE B 256 22.46 28.63 28.56
CA ILE B 256 21.31 29.47 28.89
C ILE B 256 21.62 30.27 30.15
N VAL B 257 22.16 31.47 29.99
CA VAL B 257 22.64 32.23 31.12
C VAL B 257 21.98 33.60 31.26
N THR B 258 22.17 34.20 32.45
CA THR B 258 21.61 35.51 32.76
C THR B 258 22.64 36.58 32.44
N PRO B 259 22.26 37.54 31.59
CA PRO B 259 23.15 38.64 31.19
C PRO B 259 23.21 39.74 32.24
N SER B 260 24.42 40.12 32.63
CA SER B 260 24.63 41.21 33.57
C SER B 260 25.91 41.96 33.22
N GLY B 261 26.12 43.09 33.89
CA GLY B 261 27.36 43.84 33.71
C GLY B 261 27.19 45.03 32.78
N CYS B 262 28.30 45.66 32.42
CA CYS B 262 28.22 46.87 31.60
C CYS B 262 28.29 46.58 30.11
N GLY B 263 28.69 47.57 29.32
CA GLY B 263 28.67 47.49 27.86
C GLY B 263 29.28 46.25 27.23
N GLU B 264 30.36 45.75 27.79
CA GLU B 264 31.05 44.58 27.25
C GLU B 264 30.53 43.28 27.86
N GLU B 265 30.51 43.22 29.18
CA GLU B 265 30.15 41.97 29.87
C GLU B 265 28.72 41.56 29.62
N ASN B 266 27.83 42.53 29.45
CA ASN B 266 26.45 42.21 29.08
C ASN B 266 26.36 41.43 27.77
N MET B 267 27.23 41.76 26.81
CA MET B 267 27.25 41.05 25.53
C MET B 267 27.93 39.68 25.68
N ILE B 268 28.90 39.60 26.58
CA ILE B 268 29.53 38.32 26.89
C ILE B 268 28.48 37.33 27.39
N GLY B 269 27.55 37.79 28.22
CA GLY B 269 26.50 36.92 28.73
C GLY B 269 25.40 36.67 27.74
N MET B 270 25.13 37.66 26.91
CA MET B 270 24.07 37.55 25.90
C MET B 270 24.41 36.53 24.82
N THR B 271 25.70 36.43 24.50
CA THR B 271 26.17 35.56 23.41
C THR B 271 25.75 34.09 23.48
N PRO B 272 26.04 33.38 24.59
CA PRO B 272 25.72 31.95 24.58
C PRO B 272 24.23 31.66 24.48
N THR B 273 23.39 32.52 25.06
CA THR B 273 21.95 32.26 25.07
C THR B 273 21.31 32.47 23.71
N VAL B 274 21.73 33.53 23.02
CA VAL B 274 21.28 33.79 21.65
C VAL B 274 21.66 32.67 20.72
N ILE B 275 22.92 32.26 20.73
CA ILE B 275 23.35 31.24 19.77
C ILE B 275 22.79 29.86 20.15
N ALA B 276 22.55 29.62 21.44
CA ALA B 276 21.97 28.34 21.86
C ALA B 276 20.54 28.18 21.35
N VAL B 277 19.75 29.25 21.49
CA VAL B 277 18.38 29.23 21.02
C VAL B 277 18.37 29.10 19.50
N HIS B 278 19.26 29.84 18.85
CA HIS B 278 19.45 29.74 17.40
C HIS B 278 19.79 28.30 17.00
N TYR B 279 20.69 27.67 17.73
CA TYR B 279 21.08 26.31 17.35
C TYR B 279 19.95 25.30 17.62
N LEU B 280 19.27 25.46 18.74
CA LEU B 280 18.15 24.57 19.08
C LEU B 280 16.97 24.70 18.11
N ASP B 281 16.68 25.92 17.65
CA ASP B 281 15.64 26.10 16.63
C ASP B 281 15.98 25.39 15.33
N GLU B 282 17.21 25.59 14.87
CA GLU B 282 17.63 25.01 13.59
C GLU B 282 17.64 23.48 13.60
N THR B 283 18.12 22.88 14.67
CA THR B 283 18.25 21.43 14.69
C THR B 283 16.98 20.76 15.23
N GLU B 284 15.98 21.57 15.53
CA GLU B 284 14.67 21.09 16.01
C GLU B 284 14.79 20.23 17.27
N GLN B 285 15.50 20.74 18.28
CA GLN B 285 15.80 19.94 19.46
C GLN B 285 15.02 20.35 20.72
N TRP B 286 14.01 21.19 20.55
CA TRP B 286 13.28 21.71 21.71
C TRP B 286 12.45 20.68 22.45
N GLU B 287 11.84 19.75 21.71
CA GLU B 287 11.07 18.68 22.32
C GLU B 287 11.92 17.94 23.34
N LYS B 288 13.12 17.53 22.91
CA LYS B 288 14.05 16.80 23.76
C LYS B 288 14.69 17.68 24.83
N PHE B 289 14.98 18.93 24.48
CA PHE B 289 15.52 19.90 25.43
C PHE B 289 14.47 20.22 26.50
N GLY B 290 13.21 20.21 26.09
CA GLY B 290 12.12 20.65 26.95
C GLY B 290 11.41 21.85 26.34
N LEU B 291 10.32 21.59 25.62
CA LEU B 291 9.59 22.62 24.85
C LEU B 291 9.29 23.88 25.63
N GLU B 292 8.87 23.70 26.88
CA GLU B 292 8.38 24.83 27.65
C GLU B 292 9.50 25.68 28.22
N LYS B 293 10.74 25.25 27.98
CA LYS B 293 11.90 26.00 28.44
C LYS B 293 12.31 27.13 27.50
N ARG B 294 11.81 27.13 26.28
CA ARG B 294 12.23 28.13 25.29
C ARG B 294 11.82 29.55 25.69
N GLN B 295 10.61 29.69 26.24
CA GLN B 295 10.09 31.01 26.57
C GLN B 295 10.98 31.73 27.57
N GLY B 296 11.48 31.00 28.57
CA GLY B 296 12.38 31.58 29.54
C GLY B 296 13.66 32.06 28.88
N ALA B 297 14.12 31.31 27.89
CA ALA B 297 15.35 31.65 27.18
C ALA B 297 15.15 32.93 26.36
N LEU B 298 14.00 33.05 25.70
CA LEU B 298 13.69 34.27 24.96
C LEU B 298 13.71 35.49 25.88
N GLU B 299 13.07 35.37 27.04
CA GLU B 299 13.03 36.45 28.02
C GLU B 299 14.43 36.90 28.41
N LEU B 300 15.34 35.94 28.60
CA LEU B 300 16.72 36.28 28.92
C LEU B 300 17.40 37.03 27.76
N ILE B 301 17.09 36.63 26.53
CA ILE B 301 17.59 37.35 25.36
C ILE B 301 17.05 38.77 25.34
N LYS B 302 15.74 38.91 25.54
CA LYS B 302 15.09 40.23 25.63
C LYS B 302 15.76 41.12 26.66
N LYS B 303 16.08 40.53 27.81
CA LYS B 303 16.73 41.25 28.91
C LYS B 303 18.14 41.69 28.53
N GLY B 304 18.87 40.79 27.88
CA GLY B 304 20.21 41.10 27.39
C GLY B 304 20.17 42.29 26.45
N TYR B 305 19.23 42.25 25.52
CA TYR B 305 19.04 43.32 24.54
C TYR B 305 18.70 44.65 25.22
N THR B 306 17.66 44.62 26.04
CA THR B 306 17.18 45.80 26.75
C THR B 306 18.28 46.42 27.61
N GLN B 307 19.04 45.58 28.30
CA GLN B 307 20.17 46.06 29.11
C GLN B 307 21.28 46.67 28.26
N GLN B 308 21.47 46.16 27.05
CA GLN B 308 22.50 46.69 26.16
C GLN B 308 22.21 48.12 25.70
N LEU B 309 20.92 48.46 25.57
CA LEU B 309 20.54 49.80 25.10
C LEU B 309 20.99 50.90 26.05
N ALA B 310 21.21 50.56 27.33
CA ALA B 310 21.68 51.55 28.30
C ALA B 310 23.11 51.98 28.02
N PHE B 311 23.79 51.30 27.11
CA PHE B 311 25.17 51.63 26.78
C PHE B 311 25.28 52.13 25.34
N ARG B 312 24.12 52.35 24.72
CA ARG B 312 24.06 52.97 23.42
C ARG B 312 24.29 54.47 23.56
N GLN B 313 25.37 54.96 22.97
CA GLN B 313 25.70 56.38 23.02
C GLN B 313 24.85 57.16 22.00
N PRO B 314 24.75 58.50 22.16
CA PRO B 314 23.99 59.34 21.22
C PRO B 314 24.37 59.11 19.75
N SER B 315 25.64 58.79 19.51
CA SER B 315 26.12 58.49 18.16
C SER B 315 25.61 57.14 17.61
N SER B 316 24.97 56.35 18.47
CA SER B 316 24.47 54.99 18.17
C SER B 316 25.54 53.90 18.29
N ALA B 317 26.73 54.30 18.72
CA ALA B 317 27.82 53.35 18.94
C ALA B 317 27.80 52.87 20.37
N PHE B 318 28.64 51.89 20.68
CA PHE B 318 28.66 51.25 21.99
C PHE B 318 30.05 51.25 22.62
N ALA B 319 30.08 51.19 23.95
CA ALA B 319 31.32 51.08 24.71
C ALA B 319 30.98 50.45 26.05
N ALA B 320 31.99 50.03 26.80
CA ALA B 320 31.78 49.50 28.15
C ALA B 320 31.05 50.51 29.05
N PHE B 321 31.51 51.76 29.02
CA PHE B 321 30.88 52.83 29.81
C PHE B 321 30.45 53.98 28.91
N VAL B 322 29.37 54.64 29.28
CA VAL B 322 28.87 55.78 28.51
C VAL B 322 29.90 56.91 28.37
N LYS B 323 30.81 57.00 29.34
CA LYS B 323 31.87 58.01 29.30
C LYS B 323 33.11 57.55 28.53
N ARG B 324 33.15 56.27 28.16
CA ARG B 324 34.27 55.74 27.41
C ARG B 324 34.06 55.97 25.92
N ALA B 325 35.13 56.29 25.21
CA ALA B 325 35.08 56.44 23.76
C ALA B 325 34.59 55.13 23.11
N PRO B 326 33.72 55.22 22.12
CA PRO B 326 33.10 54.01 21.54
C PRO B 326 34.09 53.11 20.81
N SER B 327 33.83 51.80 20.87
CA SER B 327 34.68 50.81 20.24
C SER B 327 34.14 50.39 18.88
N THR B 328 35.02 50.37 17.88
CA THR B 328 34.66 49.90 16.55
C THR B 328 34.26 48.43 16.61
N TRP B 329 35.09 47.63 17.28
CA TRP B 329 34.83 46.19 17.36
C TRP B 329 33.54 45.87 18.12
N LEU B 330 33.33 46.49 19.28
CA LEU B 330 32.16 46.21 20.11
C LEU B 330 30.87 46.58 19.40
N THR B 331 30.87 47.75 18.77
CA THR B 331 29.72 48.21 17.98
C THR B 331 29.43 47.23 16.85
N ALA B 332 30.47 46.72 16.20
CA ALA B 332 30.29 45.73 15.13
C ALA B 332 29.81 44.38 15.68
N TYR B 333 30.25 44.04 16.89
CA TYR B 333 29.81 42.79 17.51
C TYR B 333 28.32 42.86 17.89
N VAL B 334 27.88 44.00 18.42
CA VAL B 334 26.46 44.20 18.72
C VAL B 334 25.60 43.99 17.48
N VAL B 335 26.01 44.59 16.36
CA VAL B 335 25.32 44.39 15.09
C VAL B 335 25.28 42.90 14.72
N LYS B 336 26.41 42.21 14.91
CA LYS B 336 26.48 40.78 14.61
C LYS B 336 25.44 40.03 15.43
N VAL B 337 25.43 40.27 16.74
CA VAL B 337 24.52 39.56 17.64
C VAL B 337 23.06 39.97 17.42
N PHE B 338 22.79 41.28 17.33
CA PHE B 338 21.42 41.74 17.15
C PHE B 338 20.84 41.27 15.81
N SER B 339 21.66 41.22 14.76
CA SER B 339 21.16 40.83 13.43
C SER B 339 20.70 39.38 13.42
N LEU B 340 21.37 38.55 14.20
CA LEU B 340 20.98 37.16 14.31
C LEU B 340 19.76 37.04 15.24
N ALA B 341 19.70 37.89 16.26
CA ALA B 341 18.58 37.87 17.20
C ALA B 341 17.26 38.39 16.60
N VAL B 342 17.34 39.00 15.43
CA VAL B 342 16.15 39.50 14.74
C VAL B 342 15.14 38.37 14.45
N ASN B 343 15.63 37.15 14.32
CA ASN B 343 14.77 36.00 14.12
C ASN B 343 14.10 35.52 15.41
N LEU B 344 14.46 36.13 16.53
CA LEU B 344 14.02 35.61 17.83
C LEU B 344 13.16 36.58 18.63
N ILE B 345 13.46 37.87 18.53
CA ILE B 345 12.77 38.90 19.31
C ILE B 345 12.65 40.19 18.49
N ALA B 346 11.76 41.08 18.93
CA ALA B 346 11.58 42.36 18.25
C ALA B 346 12.78 43.28 18.49
N ILE B 347 13.60 43.43 17.45
CA ILE B 347 14.77 44.31 17.50
C ILE B 347 14.43 45.63 16.83
N ASP B 348 14.73 46.74 17.51
CA ASP B 348 14.54 48.06 16.92
C ASP B 348 15.53 48.31 15.77
N SER B 349 15.00 48.36 14.55
CA SER B 349 15.79 48.64 13.34
C SER B 349 16.72 49.85 13.47
N GLN B 350 16.21 50.90 14.11
CA GLN B 350 16.96 52.14 14.18
C GLN B 350 18.19 52.04 15.06
N VAL B 351 18.15 51.12 16.03
CA VAL B 351 19.30 50.88 16.89
C VAL B 351 20.38 50.17 16.08
N LEU B 352 19.95 49.17 15.34
CA LEU B 352 20.84 48.33 14.56
C LEU B 352 21.41 49.12 13.39
N CYS B 353 20.54 49.82 12.68
CA CYS B 353 20.96 50.57 11.49
C CYS B 353 21.74 51.83 11.86
N GLY B 354 21.45 52.38 13.04
CA GLY B 354 22.21 53.50 13.56
C GLY B 354 23.65 53.10 13.80
N ALA B 355 23.86 51.91 14.37
CA ALA B 355 25.20 51.41 14.62
C ALA B 355 25.96 51.17 13.31
N VAL B 356 25.25 50.63 12.32
CA VAL B 356 25.82 50.41 10.99
C VAL B 356 26.28 51.73 10.34
N LYS B 357 25.39 52.71 10.34
CA LYS B 357 25.71 54.02 9.76
C LYS B 357 26.93 54.65 10.44
N TRP B 358 26.99 54.56 11.76
CA TRP B 358 28.12 55.09 12.50
C TRP B 358 29.45 54.42 12.13
N LEU B 359 29.43 53.10 11.97
CA LEU B 359 30.64 52.36 11.59
C LEU B 359 31.18 52.86 10.24
N ILE B 360 30.26 53.09 9.32
CA ILE B 360 30.62 53.48 7.96
C ILE B 360 31.11 54.92 7.88
N LEU B 361 30.41 55.84 8.52
CA LEU B 361 30.74 57.26 8.46
C LEU B 361 31.97 57.63 9.27
N GLU B 362 32.19 56.96 10.40
CA GLU B 362 33.21 57.38 11.35
C GLU B 362 34.47 56.51 11.38
N LYS B 363 34.38 55.25 10.94
CA LYS B 363 35.44 54.29 11.23
C LYS B 363 36.00 53.56 10.01
N GLN B 364 35.42 53.80 8.84
CA GLN B 364 35.99 53.24 7.61
C GLN B 364 36.92 54.26 6.98
N LYS B 365 38.16 53.86 6.77
CA LYS B 365 39.20 54.75 6.23
C LYS B 365 39.17 54.78 4.70
N PRO B 366 39.82 55.79 4.07
CA PRO B 366 39.69 55.94 2.61
C PRO B 366 40.19 54.75 1.78
N ASP B 367 41.03 53.89 2.35
CA ASP B 367 41.47 52.68 1.64
C ASP B 367 40.50 51.50 1.83
N GLY B 368 39.38 51.75 2.53
CA GLY B 368 38.39 50.71 2.78
C GLY B 368 38.48 50.00 4.13
N VAL B 369 39.59 50.23 4.85
CA VAL B 369 39.83 49.61 6.15
C VAL B 369 38.90 50.11 7.27
N PHE B 370 38.41 49.21 8.12
CA PHE B 370 37.76 49.63 9.37
C PHE B 370 38.79 49.66 10.48
N GLN B 371 38.74 50.70 11.30
CA GLN B 371 39.80 50.92 12.28
C GLN B 371 39.25 51.09 13.69
N GLU B 372 39.94 50.47 14.66
CA GLU B 372 39.59 50.59 16.06
C GLU B 372 40.35 51.75 16.71
N ASP B 373 39.62 52.72 17.27
CA ASP B 373 40.26 53.83 17.99
C ASP B 373 40.19 53.69 19.51
N ALA B 374 39.38 52.75 19.99
CA ALA B 374 39.21 52.54 21.43
C ALA B 374 38.96 51.06 21.75
N PRO B 375 40.04 50.27 21.87
CA PRO B 375 39.94 48.83 22.10
C PRO B 375 39.06 48.48 23.30
N VAL B 376 38.34 47.36 23.21
CA VAL B 376 37.54 46.90 24.35
C VAL B 376 38.45 46.54 25.53
N ILE B 377 37.89 46.61 26.73
CA ILE B 377 38.64 46.26 27.92
C ILE B 377 38.81 44.74 28.00
N HIS B 378 37.73 44.02 27.73
CA HIS B 378 37.78 42.55 27.67
C HIS B 378 38.40 42.03 26.38
N GLN B 379 39.73 42.07 26.29
CA GLN B 379 40.45 41.63 25.10
C GLN B 379 40.25 40.14 24.80
N GLU B 380 39.75 39.39 25.79
CA GLU B 380 39.54 37.96 25.61
C GLU B 380 38.25 37.64 24.86
N MET B 381 37.37 38.64 24.72
CA MET B 381 36.07 38.44 24.08
C MET B 381 36.10 38.58 22.56
N ILE B 382 37.27 38.90 21.99
CA ILE B 382 37.39 39.13 20.55
C ILE B 382 38.06 37.96 19.80
N GLY B 383 38.29 36.85 20.50
CA GLY B 383 38.87 35.66 19.90
C GLY B 383 40.17 35.97 19.18
N GLY B 384 40.36 35.35 18.01
CA GLY B 384 41.62 35.42 17.28
C GLY B 384 42.03 36.78 16.72
N LEU B 385 41.20 37.80 16.91
CA LEU B 385 41.60 39.15 16.52
C LEU B 385 42.70 39.66 17.45
N ARG B 386 42.71 39.16 18.68
CA ARG B 386 43.70 39.59 19.67
C ARG B 386 45.12 39.23 19.26
N ASN B 387 46.03 40.19 19.38
CA ASN B 387 47.44 39.99 19.03
C ASN B 387 47.69 39.56 17.58
N ASN B 388 46.72 39.77 16.71
CA ASN B 388 46.88 39.40 15.30
C ASN B 388 47.63 40.50 14.54
N ASN B 389 48.82 40.16 14.06
CA ASN B 389 49.65 41.06 13.24
C ASN B 389 48.85 41.69 12.10
N GLU B 390 48.06 40.86 11.43
CA GLU B 390 47.29 41.26 10.28
C GLU B 390 46.02 41.98 10.75
N LYS B 391 46.23 43.09 11.45
CA LYS B 391 45.19 43.80 12.19
C LYS B 391 44.12 44.41 11.30
N ASP B 392 44.57 45.11 10.25
CA ASP B 392 43.66 45.79 9.32
C ASP B 392 42.79 44.82 8.54
N MET B 393 43.39 43.73 8.08
CA MET B 393 42.63 42.70 7.38
C MET B 393 41.64 41.97 8.28
N ALA B 394 42.05 41.61 9.49
CA ALA B 394 41.17 40.84 10.37
C ALA B 394 39.99 41.67 10.86
N LEU B 395 40.26 42.91 11.25
CA LEU B 395 39.18 43.77 11.74
C LEU B 395 38.23 44.17 10.60
N THR B 396 38.77 44.51 9.44
CA THR B 396 37.94 44.84 8.27
C THR B 396 37.03 43.67 7.90
N ALA B 397 37.59 42.46 7.86
CA ALA B 397 36.79 41.26 7.62
C ALA B 397 35.68 41.12 8.66
N PHE B 398 36.05 41.23 9.94
CA PHE B 398 35.07 41.13 11.03
C PHE B 398 33.94 42.13 10.88
N VAL B 399 34.27 43.39 10.63
CA VAL B 399 33.24 44.42 10.48
C VAL B 399 32.41 44.19 9.22
N LEU B 400 33.08 43.85 8.11
CA LEU B 400 32.38 43.54 6.87
C LEU B 400 31.36 42.42 7.06
N ILE B 401 31.74 41.37 7.78
CA ILE B 401 30.81 40.27 8.09
C ILE B 401 29.55 40.78 8.83
N SER B 402 29.73 41.66 9.82
CA SER B 402 28.58 42.24 10.51
C SER B 402 27.67 43.05 9.58
N LEU B 403 28.28 43.85 8.70
CA LEU B 403 27.52 44.62 7.73
C LEU B 403 26.67 43.75 6.79
N GLN B 404 27.21 42.61 6.38
CA GLN B 404 26.49 41.70 5.50
C GLN B 404 25.29 41.12 6.22
N GLU B 405 25.48 40.77 7.48
CA GLU B 405 24.41 40.28 8.33
C GLU B 405 23.25 41.27 8.47
N ALA B 406 23.56 42.56 8.43
CA ALA B 406 22.55 43.62 8.65
C ALA B 406 21.98 44.14 7.35
N LYS B 407 22.53 43.67 6.23
CA LYS B 407 22.27 44.27 4.92
C LYS B 407 20.79 44.39 4.54
N ASP B 408 20.02 43.32 4.77
CA ASP B 408 18.61 43.33 4.41
C ASP B 408 17.74 44.13 5.39
N ILE B 409 18.15 44.15 6.65
CA ILE B 409 17.44 44.94 7.65
C ILE B 409 17.64 46.44 7.42
N CYS B 410 18.84 46.83 6.99
CA CYS B 410 19.22 48.24 6.91
C CYS B 410 19.26 48.78 5.48
N GLU B 411 18.74 47.99 4.55
CA GLU B 411 18.78 48.31 3.14
C GLU B 411 18.19 49.69 2.79
N GLU B 412 17.02 50.00 3.35
CA GLU B 412 16.33 51.25 3.03
C GLU B 412 16.74 52.40 3.93
N GLN B 413 17.45 52.11 5.01
CA GLN B 413 17.77 53.13 6.01
C GLN B 413 19.22 53.62 5.94
N VAL B 414 20.09 52.88 5.24
CA VAL B 414 21.50 53.25 5.14
C VAL B 414 21.98 53.14 3.68
N ASN B 415 21.88 54.25 2.95
CA ASN B 415 22.24 54.25 1.52
C ASN B 415 23.71 54.03 1.24
N SER B 416 24.55 54.40 2.19
CA SER B 416 26.00 54.24 2.04
C SER B 416 26.46 52.78 2.25
N LEU B 417 25.55 51.89 2.63
CA LEU B 417 25.92 50.50 2.94
C LEU B 417 26.59 49.71 1.79
N PRO B 418 25.94 49.64 0.61
CA PRO B 418 26.54 48.81 -0.46
C PRO B 418 27.93 49.28 -0.91
N GLY B 419 28.15 50.59 -0.97
CA GLY B 419 29.45 51.13 -1.35
C GLY B 419 30.50 50.89 -0.26
N SER B 420 30.08 50.90 0.99
CA SER B 420 30.99 50.62 2.10
C SER B 420 31.45 49.17 2.03
N ILE B 421 30.49 48.28 1.79
CA ILE B 421 30.76 46.85 1.66
C ILE B 421 31.74 46.56 0.52
N THR B 422 31.51 47.20 -0.62
CA THR B 422 32.37 47.06 -1.79
C THR B 422 33.78 47.55 -1.51
N LYS B 423 33.88 48.74 -0.92
CA LYS B 423 35.15 49.32 -0.50
C LYS B 423 35.92 48.40 0.43
N ALA B 424 35.25 47.83 1.44
CA ALA B 424 35.92 46.92 2.36
C ALA B 424 36.37 45.67 1.60
N GLY B 425 35.53 45.21 0.67
CA GLY B 425 35.87 44.08 -0.17
C GLY B 425 37.12 44.31 -1.00
N ASP B 426 37.24 45.51 -1.56
CA ASP B 426 38.40 45.85 -2.40
C ASP B 426 39.68 45.72 -1.59
N PHE B 427 39.65 46.22 -0.36
CA PHE B 427 40.85 46.14 0.47
C PHE B 427 41.23 44.69 0.75
N LEU B 428 40.25 43.86 1.11
CA LEU B 428 40.52 42.46 1.42
C LEU B 428 41.04 41.75 0.18
N GLU B 429 40.40 42.04 -0.96
CA GLU B 429 40.75 41.41 -2.23
C GLU B 429 42.20 41.68 -2.64
N ALA B 430 42.63 42.93 -2.49
CA ALA B 430 43.95 43.36 -2.95
C ALA B 430 45.08 42.88 -2.04
N ASN B 431 44.73 42.45 -0.83
CA ASN B 431 45.74 42.09 0.15
C ASN B 431 45.68 40.64 0.61
N TYR B 432 44.76 39.88 0.03
CA TYR B 432 44.51 38.52 0.51
C TYR B 432 45.71 37.58 0.31
N MET B 433 46.34 37.64 -0.86
CA MET B 433 47.45 36.74 -1.20
C MET B 433 48.65 36.87 -0.27
N ASN B 434 48.82 38.05 0.33
CA ASN B 434 49.94 38.29 1.24
CA ASN B 434 49.95 38.31 1.24
C ASN B 434 49.70 37.83 2.68
N LEU B 435 48.52 37.25 2.94
CA LEU B 435 48.21 36.78 4.29
C LEU B 435 49.10 35.61 4.71
N GLN B 436 49.50 35.62 5.98
CA GLN B 436 50.36 34.55 6.52
C GLN B 436 49.65 33.69 7.58
N ARG B 437 48.67 34.26 8.27
CA ARG B 437 48.01 33.53 9.36
C ARG B 437 46.73 32.85 8.89
N SER B 438 46.56 31.60 9.32
CA SER B 438 45.42 30.80 8.92
C SER B 438 44.11 31.42 9.38
N TYR B 439 44.14 32.03 10.56
CA TYR B 439 42.97 32.72 11.12
C TYR B 439 42.46 33.80 10.15
N THR B 440 43.37 34.64 9.66
CA THR B 440 42.96 35.75 8.81
C THR B 440 42.52 35.25 7.44
N VAL B 441 43.21 34.24 6.92
CA VAL B 441 42.81 33.61 5.67
C VAL B 441 41.37 33.10 5.78
N ALA B 442 41.03 32.55 6.95
CA ALA B 442 39.70 31.99 7.18
C ALA B 442 38.62 33.07 7.26
N ILE B 443 38.80 34.04 8.14
CA ILE B 443 37.81 35.09 8.34
C ILE B 443 37.64 36.00 7.11
N ALA B 444 38.76 36.39 6.48
CA ALA B 444 38.70 37.19 5.27
C ALA B 444 38.19 36.32 4.09
N GLY B 445 38.49 35.02 4.15
CA GLY B 445 37.95 34.10 3.16
C GLY B 445 36.43 34.11 3.16
N TYR B 446 35.84 34.05 4.34
CA TYR B 446 34.38 34.05 4.47
C TYR B 446 33.79 35.37 3.97
N ALA B 447 34.37 36.49 4.40
CA ALA B 447 33.92 37.82 3.99
C ALA B 447 33.88 37.98 2.47
N LEU B 448 34.94 37.54 1.80
CA LEU B 448 34.99 37.61 0.34
C LEU B 448 34.01 36.64 -0.32
N ALA B 449 33.82 35.46 0.27
CA ALA B 449 32.90 34.49 -0.32
C ALA B 449 31.45 34.97 -0.27
N GLN B 450 31.08 35.71 0.77
CA GLN B 450 29.75 36.30 0.85
C GLN B 450 29.49 37.27 -0.31
N MET B 451 30.56 37.82 -0.89
CA MET B 451 30.44 38.79 -1.98
C MET B 451 30.62 38.13 -3.35
N GLY B 452 30.91 36.83 -3.35
CA GLY B 452 31.24 36.14 -4.59
C GLY B 452 32.56 36.60 -5.19
N ARG B 453 33.50 36.98 -4.32
CA ARG B 453 34.78 37.50 -4.77
C ARG B 453 36.00 36.71 -4.25
N LEU B 454 35.77 35.43 -3.94
CA LEU B 454 36.86 34.53 -3.60
C LEU B 454 37.05 33.52 -4.74
N LYS B 455 37.97 33.83 -5.65
CA LYS B 455 38.15 33.04 -6.88
C LYS B 455 39.63 32.81 -7.17
N GLY B 456 39.87 31.96 -8.16
CA GLY B 456 41.22 31.72 -8.66
C GLY B 456 42.24 31.44 -7.57
N PRO B 457 43.34 32.22 -7.57
CA PRO B 457 44.43 32.05 -6.61
C PRO B 457 43.99 32.29 -5.16
N LEU B 458 43.01 33.17 -4.95
CA LEU B 458 42.54 33.46 -3.58
C LEU B 458 41.79 32.26 -3.02
N LEU B 459 40.93 31.69 -3.84
CA LEU B 459 40.23 30.44 -3.52
C LEU B 459 41.23 29.32 -3.26
N ASN B 460 42.27 29.25 -4.08
CA ASN B 460 43.26 28.19 -3.91
C ASN B 460 44.06 28.35 -2.63
N LYS B 461 44.41 29.59 -2.31
CA LYS B 461 45.08 29.91 -1.06
C LYS B 461 44.22 29.55 0.14
N PHE B 462 42.93 29.90 0.07
CA PHE B 462 42.00 29.59 1.16
C PHE B 462 41.92 28.09 1.43
N LEU B 463 41.78 27.28 0.37
CA LEU B 463 41.63 25.84 0.53
C LEU B 463 42.93 25.15 0.96
N THR B 464 44.04 25.49 0.34
CA THR B 464 45.32 24.83 0.63
C THR B 464 45.94 25.30 1.96
N THR B 465 45.38 26.35 2.55
CA THR B 465 45.84 26.80 3.86
C THR B 465 45.40 25.83 4.97
N ALA B 466 44.32 25.09 4.72
CA ALA B 466 43.88 24.08 5.69
C ALA B 466 44.92 22.98 5.84
N LYS B 467 45.18 22.57 7.09
CA LYS B 467 46.01 21.40 7.34
C LYS B 467 45.19 20.12 7.21
N ASP B 468 45.75 19.12 6.54
CA ASP B 468 45.07 17.83 6.31
C ASP B 468 43.66 18.00 5.77
N LYS B 469 43.40 19.15 5.15
CA LYS B 469 42.10 19.47 4.55
C LYS B 469 40.92 19.47 5.54
N ASN B 470 41.20 19.61 6.83
CA ASN B 470 40.12 19.58 7.80
C ASN B 470 40.09 20.71 8.85
N ARG B 471 41.12 21.55 8.88
CA ARG B 471 41.18 22.61 9.88
C ARG B 471 42.10 23.77 9.47
N TRP B 472 41.72 24.98 9.89
CA TRP B 472 42.56 26.15 9.74
C TRP B 472 43.16 26.45 11.11
N GLU B 473 44.48 26.38 11.23
CA GLU B 473 45.09 26.53 12.56
C GLU B 473 46.37 27.35 12.56
N ASP B 474 46.61 28.03 13.67
CA ASP B 474 47.86 28.73 13.92
C ASP B 474 48.39 28.33 15.29
N PRO B 475 49.70 28.48 15.50
CA PRO B 475 50.25 28.32 16.86
C PRO B 475 49.63 29.34 17.82
N GLY B 476 49.37 28.92 19.05
CA GLY B 476 48.71 29.77 20.03
C GLY B 476 47.47 29.11 20.60
N LYS B 477 46.58 29.94 21.16
CA LYS B 477 45.31 29.49 21.74
C LYS B 477 44.51 28.58 20.81
N GLN B 478 44.12 27.42 21.30
CA GLN B 478 43.35 26.47 20.50
C GLN B 478 41.94 26.97 20.20
N LEU B 479 41.39 27.80 21.09
CA LEU B 479 40.11 28.44 20.85
C LEU B 479 40.08 29.29 19.58
N TYR B 480 41.24 29.83 19.19
CA TYR B 480 41.31 30.63 17.96
C TYR B 480 41.15 29.75 16.72
N ASN B 481 41.69 28.54 16.78
CA ASN B 481 41.63 27.61 15.65
C ASN B 481 40.23 27.08 15.44
N VAL B 482 39.51 26.86 16.53
CA VAL B 482 38.11 26.45 16.47
C VAL B 482 37.25 27.56 15.84
N GLU B 483 37.50 28.80 16.25
CA GLU B 483 36.81 29.96 15.70
C GLU B 483 37.10 30.11 14.20
N ALA B 484 38.37 30.03 13.83
CA ALA B 484 38.80 30.15 12.43
C ALA B 484 38.21 29.06 11.54
N THR B 485 38.25 27.82 12.02
CA THR B 485 37.74 26.70 11.27
C THR B 485 36.22 26.85 11.09
N SER B 486 35.58 27.49 12.05
CA SER B 486 34.15 27.78 11.96
C SER B 486 33.86 28.81 10.89
N TYR B 487 34.69 29.85 10.80
CA TYR B 487 34.58 30.81 9.70
C TYR B 487 34.81 30.11 8.36
N ALA B 488 35.80 29.23 8.31
CA ALA B 488 36.12 28.54 7.06
C ALA B 488 34.97 27.64 6.63
N LEU B 489 34.35 26.95 7.60
CA LEU B 489 33.19 26.12 7.31
C LEU B 489 32.06 26.97 6.72
N LEU B 490 31.85 28.15 7.28
CA LEU B 490 30.82 29.04 6.74
C LEU B 490 31.13 29.47 5.31
N ALA B 491 32.42 29.75 5.05
CA ALA B 491 32.86 30.09 3.70
C ALA B 491 32.60 28.93 2.73
N LEU B 492 32.91 27.72 3.16
CA LEU B 492 32.71 26.52 2.35
C LEU B 492 31.24 26.35 1.99
N LEU B 493 30.36 26.65 2.94
CA LEU B 493 28.93 26.55 2.69
C LEU B 493 28.49 27.64 1.74
N GLN B 494 29.10 28.81 1.87
CA GLN B 494 28.83 29.93 0.98
C GLN B 494 29.23 29.60 -0.47
N LEU B 495 30.36 28.90 -0.65
CA LEU B 495 30.83 28.51 -1.98
C LEU B 495 30.09 27.29 -2.51
N LYS B 496 29.27 26.67 -1.67
CA LYS B 496 28.63 25.40 -1.99
C LYS B 496 29.64 24.31 -2.36
N ASP B 497 30.82 24.38 -1.73
CA ASP B 497 31.85 23.38 -1.93
C ASP B 497 31.61 22.18 -1.01
N PHE B 498 30.50 21.48 -1.23
CA PHE B 498 30.05 20.42 -0.32
C PHE B 498 30.98 19.20 -0.21
N ASP B 499 31.82 18.98 -1.21
CA ASP B 499 32.74 17.83 -1.17
C ASP B 499 33.91 18.05 -0.21
N PHE B 500 34.18 19.31 0.12
CA PHE B 500 35.28 19.65 1.04
C PHE B 500 34.78 19.68 2.49
N VAL B 501 33.48 19.87 2.66
CA VAL B 501 32.86 20.04 3.99
C VAL B 501 33.02 18.89 5.01
N PRO B 502 32.73 17.63 4.63
CA PRO B 502 32.65 16.57 5.65
C PRO B 502 33.89 16.41 6.57
N PRO B 503 35.13 16.43 6.02
CA PRO B 503 36.22 16.36 6.98
C PRO B 503 36.27 17.55 7.96
N VAL B 504 35.93 18.75 7.48
CA VAL B 504 35.97 19.96 8.31
C VAL B 504 34.98 19.89 9.48
N VAL B 505 33.74 19.51 9.19
CA VAL B 505 32.73 19.35 10.24
C VAL B 505 33.10 18.23 11.21
N ARG B 506 33.72 17.16 10.70
CA ARG B 506 34.17 16.08 11.58
C ARG B 506 35.25 16.54 12.55
N TRP B 507 36.19 17.35 12.06
CA TRP B 507 37.25 17.87 12.93
C TRP B 507 36.68 18.74 14.04
N LEU B 508 35.75 19.63 13.68
CA LEU B 508 35.10 20.51 14.64
C LEU B 508 34.40 19.73 15.75
N ASN B 509 33.50 18.83 15.36
CA ASN B 509 32.80 17.99 16.33
C ASN B 509 33.75 17.16 17.18
N GLU B 510 34.88 16.75 16.59
CA GLU B 510 35.86 15.94 17.31
C GLU B 510 36.54 16.73 18.43
N GLN B 511 36.46 18.06 18.36
CA GLN B 511 37.06 18.90 19.41
C GLN B 511 36.24 18.92 20.69
N ARG B 512 34.99 18.47 20.62
CA ARG B 512 34.07 18.48 21.77
C ARG B 512 34.08 19.82 22.47
N TYR B 513 34.00 20.89 21.69
CA TYR B 513 33.89 22.21 22.28
C TYR B 513 32.42 22.61 22.33
N TYR B 514 31.89 22.80 23.54
CA TYR B 514 30.47 23.12 23.70
C TYR B 514 30.20 24.53 24.24
N GLY B 515 31.20 25.40 24.09
CA GLY B 515 31.04 26.82 24.39
C GLY B 515 31.07 27.17 25.87
N GLY B 516 31.22 28.46 26.18
CA GLY B 516 31.20 28.93 27.55
C GLY B 516 32.57 28.92 28.19
N GLY B 517 32.74 29.70 29.26
CA GLY B 517 34.01 29.80 29.93
C GLY B 517 34.74 31.08 29.56
N TYR B 518 35.86 31.31 30.23
CA TYR B 518 36.65 32.54 30.03
C TYR B 518 37.21 32.64 28.61
N GLY B 519 37.00 33.80 27.98
CA GLY B 519 37.50 34.05 26.63
C GLY B 519 36.87 33.19 25.55
N SER B 520 35.64 32.74 25.78
CA SER B 520 34.99 31.78 24.90
C SER B 520 33.99 32.44 23.95
N THR B 521 33.87 33.76 24.00
CA THR B 521 32.82 34.47 23.28
C THR B 521 32.77 34.19 21.78
N GLN B 522 33.85 34.51 21.05
CA GLN B 522 33.87 34.27 19.59
C GLN B 522 33.79 32.79 19.22
N ALA B 523 34.48 31.93 19.97
CA ALA B 523 34.44 30.49 19.66
C ALA B 523 33.02 29.97 19.85
N THR B 524 32.35 30.42 20.90
CA THR B 524 30.99 29.98 21.19
C THR B 524 29.99 30.44 20.14
N PHE B 525 30.06 31.71 19.77
CA PHE B 525 29.15 32.24 18.75
C PHE B 525 29.42 31.56 17.41
N MET B 526 30.68 31.54 16.99
CA MET B 526 31.01 31.02 15.66
C MET B 526 30.80 29.50 15.48
N VAL B 527 31.16 28.71 16.48
CA VAL B 527 31.05 27.26 16.31
C VAL B 527 29.58 26.86 16.11
N PHE B 528 28.67 27.45 16.87
CA PHE B 528 27.26 27.08 16.73
C PHE B 528 26.56 27.75 15.56
N GLN B 529 27.04 28.92 15.15
CA GLN B 529 26.52 29.52 13.93
C GLN B 529 26.90 28.65 12.74
N ALA B 530 28.15 28.20 12.73
CA ALA B 530 28.67 27.40 11.62
C ALA B 530 27.99 26.03 11.54
N LEU B 531 27.82 25.39 12.70
CA LEU B 531 27.21 24.06 12.75
C LEU B 531 25.71 24.13 12.48
N ALA B 532 25.07 25.23 12.87
CA ALA B 532 23.66 25.40 12.54
C ALA B 532 23.49 25.55 11.04
N GLN B 533 24.32 26.40 10.44
CA GLN B 533 24.26 26.65 9.00
C GLN B 533 24.53 25.35 8.25
N TYR B 534 25.44 24.54 8.79
CA TYR B 534 25.74 23.23 8.20
C TYR B 534 24.51 22.33 8.16
N GLN B 535 23.73 22.32 9.24
CA GLN B 535 22.55 21.45 9.27
C GLN B 535 21.51 21.94 8.28
N LYS B 536 21.43 23.25 8.11
CA LYS B 536 20.47 23.87 7.21
C LYS B 536 20.81 23.67 5.73
N ASP B 537 22.10 23.61 5.38
CA ASP B 537 22.50 23.59 3.97
C ASP B 537 22.96 22.23 3.43
N ALA B 538 23.41 21.34 4.32
CA ALA B 538 23.95 20.07 3.86
C ALA B 538 22.85 19.25 3.17
N PRO B 539 23.15 18.73 1.99
CA PRO B 539 22.21 17.89 1.23
C PRO B 539 22.09 16.48 1.81
N ASP B 540 20.89 15.92 1.79
CA ASP B 540 20.64 14.59 2.34
C ASP B 540 20.98 13.45 1.38
N HIS B 541 20.94 13.74 0.08
CA HIS B 541 21.17 12.72 -0.94
C HIS B 541 21.88 13.26 -2.17
N GLN B 542 22.43 12.35 -2.98
CA GLN B 542 22.97 12.71 -4.28
C GLN B 542 21.83 13.09 -5.21
N GLU B 543 22.06 14.02 -6.11
CA GLU B 543 21.02 14.39 -7.05
C GLU B 543 20.77 13.22 -7.97
N LEU B 544 19.52 13.05 -8.36
CA LEU B 544 19.15 11.96 -9.28
C LEU B 544 18.20 12.47 -10.35
N ASN B 545 18.76 12.81 -11.51
CA ASN B 545 17.98 13.23 -12.67
C ASN B 545 18.52 12.58 -13.94
N LEU B 546 18.16 11.32 -14.15
CA LEU B 546 18.64 10.58 -15.31
C LEU B 546 17.66 10.65 -16.46
N ASP B 547 18.13 11.07 -17.63
CA ASP B 547 17.33 11.00 -18.85
C ASP B 547 17.75 9.76 -19.63
N VAL B 548 16.81 8.86 -19.86
CA VAL B 548 17.11 7.57 -20.49
C VAL B 548 16.26 7.34 -21.73
N SER B 549 16.92 7.15 -22.88
CA SER B 549 16.23 6.88 -24.14
C SER B 549 16.67 5.56 -24.73
N LEU B 550 15.74 4.83 -25.33
CA LEU B 550 16.10 3.62 -26.03
C LEU B 550 15.57 3.65 -27.46
N GLN B 551 16.37 3.16 -28.40
CA GLN B 551 15.96 3.05 -29.80
C GLN B 551 15.93 1.60 -30.24
N LEU B 552 14.73 1.08 -30.45
CA LEU B 552 14.57 -0.26 -31.00
C LEU B 552 14.55 -0.18 -32.52
N PRO B 553 15.33 -1.03 -33.19
CA PRO B 553 15.33 -1.11 -34.65
C PRO B 553 13.93 -1.34 -35.20
N SER B 554 13.07 -2.02 -34.44
CA SER B 554 11.68 -2.23 -34.81
C SER B 554 10.86 -0.94 -34.82
N ARG B 555 11.39 0.12 -34.23
CA ARG B 555 10.65 1.37 -34.12
C ARG B 555 11.42 2.58 -34.68
N SER B 556 10.71 3.70 -34.81
CA SER B 556 11.26 4.89 -35.45
C SER B 556 11.64 5.96 -34.44
N SER B 557 10.84 6.07 -33.39
CA SER B 557 10.97 7.16 -32.43
C SER B 557 11.51 6.72 -31.07
N LYS B 558 12.39 7.55 -30.50
CA LYS B 558 12.95 7.30 -29.19
C LYS B 558 11.87 7.17 -28.12
N ILE B 559 12.01 6.18 -27.25
CA ILE B 559 11.20 6.11 -26.05
C ILE B 559 12.04 6.64 -24.89
N THR B 560 11.60 7.75 -24.31
CA THR B 560 12.39 8.45 -23.30
C THR B 560 11.73 8.43 -21.93
N HIS B 561 12.53 8.15 -20.90
CA HIS B 561 12.07 8.24 -19.53
C HIS B 561 13.05 9.03 -18.67
N ARG B 562 12.53 9.64 -17.61
CA ARG B 562 13.37 10.34 -16.64
C ARG B 562 13.32 9.63 -15.29
N ILE B 563 14.49 9.44 -14.69
CA ILE B 563 14.55 8.81 -13.38
C ILE B 563 14.79 9.86 -12.28
N HIS B 564 14.00 9.79 -11.21
CA HIS B 564 14.06 10.79 -10.17
C HIS B 564 14.29 10.17 -8.80
N TRP B 565 14.92 10.92 -7.91
CA TRP B 565 15.12 10.47 -6.53
C TRP B 565 13.76 10.25 -5.87
N GLU B 566 12.79 11.09 -6.22
CA GLU B 566 11.46 11.01 -5.65
C GLU B 566 10.78 9.67 -5.95
N SER B 567 10.95 9.19 -7.18
CA SER B 567 10.41 7.89 -7.58
C SER B 567 11.51 6.95 -8.04
N ALA B 568 12.58 6.86 -7.26
CA ALA B 568 13.75 6.06 -7.62
C ALA B 568 13.44 4.57 -7.69
N SER B 569 12.57 4.09 -6.82
CA SER B 569 12.25 2.67 -6.78
C SER B 569 11.28 2.25 -7.89
N LEU B 570 10.71 3.22 -8.60
CA LEU B 570 9.70 2.94 -9.62
C LEU B 570 10.30 2.20 -10.81
N LEU B 571 9.66 1.10 -11.19
CA LEU B 571 10.18 0.23 -12.25
C LEU B 571 9.54 0.54 -13.60
N ARG B 572 10.25 1.31 -14.43
CA ARG B 572 9.83 1.59 -15.78
C ARG B 572 10.00 0.32 -16.62
N SER B 573 8.99 -0.01 -17.42
CA SER B 573 9.02 -1.23 -18.20
C SER B 573 8.68 -0.96 -19.66
N GLU B 574 9.41 -1.63 -20.55
CA GLU B 574 9.11 -1.58 -21.98
C GLU B 574 9.24 -2.99 -22.56
N GLU B 575 8.35 -3.33 -23.48
CA GLU B 575 8.30 -4.69 -24.02
C GLU B 575 8.29 -4.67 -25.54
N THR B 576 8.90 -5.70 -26.13
CA THR B 576 8.88 -5.87 -27.58
C THR B 576 8.73 -7.34 -27.93
N LYS B 577 7.98 -7.61 -29.00
CA LYS B 577 7.75 -8.98 -29.46
C LYS B 577 8.90 -9.45 -30.33
N GLU B 578 9.62 -8.50 -30.93
CA GLU B 578 10.79 -8.81 -31.73
C GLU B 578 11.97 -9.17 -30.84
N ASN B 579 12.76 -10.15 -31.27
CA ASN B 579 14.00 -10.47 -30.59
C ASN B 579 15.15 -9.71 -31.25
N GLU B 580 15.23 -8.41 -30.95
CA GLU B 580 16.19 -7.54 -31.60
C GLU B 580 17.21 -6.98 -30.61
N GLY B 581 18.43 -6.80 -31.10
CA GLY B 581 19.41 -6.02 -30.37
C GLY B 581 18.98 -4.56 -30.44
N PHE B 582 19.47 -3.74 -29.51
CA PHE B 582 19.09 -2.33 -29.48
C PHE B 582 20.05 -1.49 -28.65
N THR B 583 19.78 -0.20 -28.57
CA THR B 583 20.66 0.71 -27.86
C THR B 583 19.92 1.49 -26.78
N VAL B 584 20.65 1.80 -25.71
CA VAL B 584 20.13 2.61 -24.61
C VAL B 584 21.10 3.75 -24.33
N THR B 585 20.56 4.97 -24.21
CA THR B 585 21.38 6.13 -23.94
C THR B 585 20.96 6.78 -22.62
N ALA B 586 21.94 7.12 -21.79
CA ALA B 586 21.67 7.72 -20.48
C ALA B 586 22.39 9.05 -20.30
N GLU B 587 21.67 10.03 -19.77
CA GLU B 587 22.20 11.38 -19.61
C GLU B 587 21.78 11.97 -18.27
N GLY B 588 22.67 12.76 -17.66
CA GLY B 588 22.31 13.52 -16.48
C GLY B 588 22.99 13.11 -15.19
N LYS B 589 22.32 13.39 -14.08
CA LYS B 589 22.90 13.19 -12.76
C LYS B 589 22.36 11.94 -12.07
N GLY B 590 23.25 11.20 -11.42
CA GLY B 590 22.85 10.08 -10.58
C GLY B 590 23.11 8.72 -11.20
N GLN B 591 22.61 7.68 -10.54
CA GLN B 591 22.85 6.31 -10.97
C GLN B 591 21.56 5.51 -11.10
N GLY B 592 21.58 4.51 -11.97
CA GLY B 592 20.42 3.64 -12.17
C GLY B 592 20.80 2.26 -12.70
N THR B 593 19.78 1.47 -13.04
CA THR B 593 19.98 0.11 -13.50
C THR B 593 19.11 -0.19 -14.72
N LEU B 594 19.71 -0.85 -15.71
CA LEU B 594 18.99 -1.37 -16.86
C LEU B 594 19.07 -2.88 -16.84
N SER B 595 17.93 -3.55 -16.99
CA SER B 595 17.95 -4.99 -17.14
C SER B 595 17.11 -5.40 -18.35
N VAL B 596 17.60 -6.38 -19.09
CA VAL B 596 16.90 -6.88 -20.27
C VAL B 596 16.67 -8.36 -20.11
N VAL B 597 15.40 -8.77 -20.11
CA VAL B 597 15.04 -10.18 -19.94
C VAL B 597 14.03 -10.61 -21.01
N THR B 598 14.35 -11.67 -21.74
CA THR B 598 13.43 -12.16 -22.76
C THR B 598 12.71 -13.43 -22.31
N MET B 599 11.38 -13.41 -22.39
CA MET B 599 10.58 -14.58 -22.05
C MET B 599 10.25 -15.34 -23.33
N TYR B 600 10.29 -16.68 -23.27
CA TYR B 600 9.97 -17.49 -24.44
C TYR B 600 9.58 -18.93 -24.09
N HIS B 601 9.19 -19.70 -25.11
CA HIS B 601 8.86 -21.11 -24.93
C HIS B 601 9.99 -21.97 -25.44
N ALA B 602 10.60 -22.74 -24.55
CA ALA B 602 11.74 -23.57 -24.92
C ALA B 602 11.34 -25.03 -25.11
N LYS B 603 11.94 -25.68 -26.09
CA LYS B 603 11.73 -27.10 -26.31
C LYS B 603 12.25 -27.91 -25.13
N ALA B 604 11.49 -28.93 -24.72
CA ALA B 604 11.86 -29.75 -23.57
C ALA B 604 12.67 -30.98 -23.99
N LYS B 605 13.56 -31.42 -23.11
CA LYS B 605 14.42 -32.57 -23.39
C LYS B 605 13.79 -33.84 -22.82
N ASP B 606 13.15 -33.70 -21.67
CA ASP B 606 12.52 -34.82 -20.98
C ASP B 606 11.02 -34.62 -20.84
N GLN B 607 10.31 -35.68 -20.45
CA GLN B 607 8.85 -35.63 -20.36
C GLN B 607 8.37 -34.65 -19.29
N LEU B 608 7.36 -33.86 -19.63
CA LEU B 608 6.78 -32.88 -18.70
C LEU B 608 5.49 -33.38 -18.05
N THR B 609 5.04 -34.56 -18.45
CA THR B 609 3.87 -35.17 -17.84
C THR B 609 4.28 -36.31 -16.92
N CYS B 610 3.40 -36.68 -15.99
CA CYS B 610 3.59 -37.82 -15.10
C CYS B 610 4.93 -37.79 -14.35
N ASN B 611 5.23 -36.64 -13.75
CA ASN B 611 6.50 -36.46 -13.04
C ASN B 611 6.51 -36.98 -11.61
N LYS B 612 5.33 -37.20 -11.04
CA LYS B 612 5.24 -37.72 -9.67
C LYS B 612 4.68 -39.13 -9.67
N PHE B 613 3.98 -39.49 -10.75
CA PHE B 613 3.39 -40.83 -10.82
C PHE B 613 3.74 -41.58 -12.09
N ASP B 614 3.90 -42.88 -11.95
CA ASP B 614 4.09 -43.75 -13.11
C ASP B 614 2.82 -44.56 -13.29
N LEU B 615 2.29 -44.57 -14.51
CA LEU B 615 1.01 -45.16 -14.76
C LEU B 615 1.04 -45.94 -16.07
N LYS B 616 0.83 -47.24 -15.94
CA LYS B 616 0.69 -48.13 -17.08
C LYS B 616 -0.71 -48.72 -17.03
N VAL B 617 -1.44 -48.59 -18.14
CA VAL B 617 -2.79 -49.13 -18.23
C VAL B 617 -2.86 -50.14 -19.38
N THR B 618 -3.33 -51.33 -19.06
CA THR B 618 -3.41 -52.41 -20.03
C THR B 618 -4.85 -52.87 -20.19
N ILE B 619 -5.22 -53.28 -21.40
CA ILE B 619 -6.53 -53.85 -21.64
C ILE B 619 -6.49 -55.02 -22.62
N LYS B 620 -6.88 -56.20 -22.13
CA LYS B 620 -6.74 -57.43 -22.89
C LYS B 620 -8.04 -58.22 -22.85
N PRO B 621 -8.39 -58.86 -23.98
CA PRO B 621 -9.56 -59.74 -24.06
C PRO B 621 -9.50 -60.85 -23.00
N ALA B 622 -10.65 -61.24 -22.47
CA ALA B 622 -10.71 -62.26 -21.43
C ALA B 622 -10.98 -63.64 -22.02
N PRO B 623 -10.36 -64.69 -21.45
CA PRO B 623 -10.58 -66.07 -21.87
C PRO B 623 -11.69 -66.75 -21.08
N LYS B 633 -22.18 -59.60 -24.32
CA LYS B 633 -21.37 -60.59 -23.62
C LYS B 633 -19.88 -60.37 -23.84
N ASN B 634 -19.53 -59.32 -24.57
CA ASN B 634 -18.13 -59.00 -24.81
C ASN B 634 -17.42 -58.63 -23.51
N THR B 635 -16.19 -59.12 -23.36
CA THR B 635 -15.50 -59.02 -22.07
C THR B 635 -13.99 -58.85 -22.21
N MET B 636 -13.47 -57.84 -21.52
CA MET B 636 -12.04 -57.59 -21.48
C MET B 636 -11.64 -57.30 -20.04
N ILE B 637 -10.36 -57.53 -19.72
CA ILE B 637 -9.87 -57.26 -18.39
C ILE B 637 -8.93 -56.05 -18.36
N LEU B 638 -9.23 -55.10 -17.48
CA LEU B 638 -8.49 -53.85 -17.37
C LEU B 638 -7.50 -53.89 -16.21
N GLU B 639 -6.22 -53.72 -16.51
CA GLU B 639 -5.19 -53.75 -15.48
C GLU B 639 -4.49 -52.40 -15.34
N ILE B 640 -4.41 -51.91 -14.10
CA ILE B 640 -3.83 -50.61 -13.82
C ILE B 640 -2.61 -50.73 -12.91
N CYS B 641 -1.47 -50.25 -13.38
CA CYS B 641 -0.24 -50.28 -12.59
C CYS B 641 0.31 -48.88 -12.35
N THR B 642 0.40 -48.50 -11.07
CA THR B 642 0.91 -47.19 -10.70
C THR B 642 2.02 -47.27 -9.66
N ARG B 643 3.01 -46.39 -9.80
CA ARG B 643 4.09 -46.29 -8.83
C ARG B 643 4.32 -44.82 -8.52
N TYR B 644 4.56 -44.50 -7.26
CA TYR B 644 4.85 -43.13 -6.89
C TYR B 644 6.32 -42.85 -7.12
N ARG B 645 6.64 -41.68 -7.67
CA ARG B 645 8.03 -41.31 -7.88
C ARG B 645 8.46 -40.43 -6.72
N GLY B 646 8.88 -41.03 -5.61
CA GLY B 646 9.30 -40.25 -4.46
C GLY B 646 10.30 -41.01 -3.61
N ASP B 647 10.75 -40.39 -2.52
CA ASP B 647 11.65 -41.04 -1.58
C ASP B 647 10.80 -41.83 -0.60
N GLN B 648 9.52 -41.51 -0.57
CA GLN B 648 8.56 -42.16 0.31
C GLN B 648 7.32 -42.58 -0.46
N ASP B 649 6.58 -43.54 0.10
CA ASP B 649 5.30 -43.95 -0.47
C ASP B 649 4.35 -42.77 -0.55
N ALA B 650 3.48 -42.77 -1.55
CA ALA B 650 2.46 -41.73 -1.64
C ALA B 650 1.43 -41.94 -0.54
N THR B 651 0.82 -40.84 -0.10
CA THR B 651 -0.27 -40.94 0.85
C THR B 651 -1.54 -41.35 0.11
N MET B 652 -2.69 -41.03 0.67
CA MET B 652 -3.96 -41.40 0.06
C MET B 652 -4.12 -40.78 -1.32
N SER B 653 -4.39 -41.62 -2.32
CA SER B 653 -4.42 -41.18 -3.71
C SER B 653 -5.73 -41.57 -4.39
N ILE B 654 -5.90 -41.09 -5.61
CA ILE B 654 -7.16 -41.26 -6.32
C ILE B 654 -6.96 -41.83 -7.71
N LEU B 655 -7.74 -42.86 -8.04
CA LEU B 655 -7.79 -43.36 -9.41
C LEU B 655 -9.13 -43.00 -10.04
N ASP B 656 -9.11 -42.04 -10.95
CA ASP B 656 -10.30 -41.64 -11.67
C ASP B 656 -10.34 -42.32 -13.03
N ILE B 657 -11.24 -43.30 -13.16
CA ILE B 657 -11.32 -44.15 -14.36
C ILE B 657 -12.57 -43.87 -15.18
N SER B 658 -12.39 -43.70 -16.48
CA SER B 658 -13.51 -43.58 -17.41
C SER B 658 -13.53 -44.78 -18.36
N MET B 659 -14.71 -45.34 -18.59
CA MET B 659 -14.87 -46.51 -19.43
C MET B 659 -14.82 -46.17 -20.92
N MET B 660 -14.43 -47.14 -21.74
CA MET B 660 -14.60 -47.01 -23.17
C MET B 660 -16.08 -46.97 -23.48
N THR B 661 -16.43 -46.44 -24.64
CA THR B 661 -17.83 -46.29 -25.02
C THR B 661 -18.59 -47.61 -24.93
N GLY B 662 -19.75 -47.58 -24.29
CA GLY B 662 -20.60 -48.75 -24.18
C GLY B 662 -20.03 -49.85 -23.31
N PHE B 663 -19.17 -49.47 -22.37
CA PHE B 663 -18.61 -50.45 -21.44
C PHE B 663 -18.97 -50.14 -19.99
N ALA B 664 -18.96 -51.19 -19.16
CA ALA B 664 -19.28 -51.07 -17.75
C ALA B 664 -18.53 -52.13 -16.96
N PRO B 665 -18.07 -51.79 -15.76
CA PRO B 665 -17.26 -52.72 -14.96
C PRO B 665 -18.06 -53.91 -14.45
N ASP B 666 -17.41 -55.05 -14.26
CA ASP B 666 -18.01 -56.16 -13.55
C ASP B 666 -18.31 -55.72 -12.12
N THR B 667 -19.44 -56.15 -11.59
CA THR B 667 -19.82 -55.79 -10.22
C THR B 667 -19.05 -56.61 -9.17
N ASP B 668 -19.24 -57.93 -9.19
CA ASP B 668 -18.60 -58.83 -8.24
C ASP B 668 -17.07 -58.71 -8.20
N ASP B 669 -16.50 -58.18 -9.28
CA ASP B 669 -15.09 -57.82 -9.31
C ASP B 669 -14.81 -56.62 -8.41
N LEU B 670 -15.62 -55.58 -8.57
CA LEU B 670 -15.48 -54.36 -7.77
C LEU B 670 -15.61 -54.65 -6.28
N LYS B 671 -16.70 -55.32 -5.90
CA LYS B 671 -16.96 -55.68 -4.51
C LYS B 671 -15.76 -56.39 -3.87
N GLN B 672 -15.04 -57.17 -4.66
CA GLN B 672 -13.83 -57.85 -4.17
C GLN B 672 -12.71 -56.84 -3.91
N LEU B 673 -12.66 -55.78 -4.70
CA LEU B 673 -11.69 -54.70 -4.50
C LEU B 673 -12.11 -53.80 -3.34
N ALA B 674 -13.41 -53.56 -3.24
CA ALA B 674 -13.95 -52.70 -2.18
C ALA B 674 -13.80 -53.35 -0.81
N ASN B 675 -13.73 -54.68 -0.79
CA ASN B 675 -13.44 -55.42 0.42
C ASN B 675 -11.95 -55.48 0.67
N GLY B 676 -11.18 -55.06 -0.33
CA GLY B 676 -9.74 -54.92 -0.21
C GLY B 676 -9.44 -53.95 0.92
N VAL B 677 -8.40 -54.25 1.68
CA VAL B 677 -8.12 -53.51 2.90
C VAL B 677 -7.38 -52.20 2.65
N ASP B 678 -6.64 -52.13 1.55
CA ASP B 678 -5.89 -50.92 1.22
C ASP B 678 -6.61 -50.03 0.21
N ARG B 679 -7.84 -50.40 -0.15
CA ARG B 679 -8.62 -49.65 -1.12
C ARG B 679 -10.06 -49.44 -0.67
N TYR B 680 -10.74 -48.49 -1.32
CA TYR B 680 -12.10 -48.16 -0.97
C TYR B 680 -12.90 -47.69 -2.18
N ILE B 681 -14.10 -48.26 -2.34
CA ILE B 681 -15.02 -47.82 -3.38
C ILE B 681 -16.32 -47.35 -2.72
N SER B 682 -16.80 -46.20 -3.16
CA SER B 682 -18.04 -45.64 -2.63
C SER B 682 -19.20 -46.62 -2.75
N LYS B 683 -20.07 -46.65 -1.75
CA LYS B 683 -21.29 -47.46 -1.80
C LYS B 683 -22.18 -46.92 -2.90
N TYR B 684 -22.11 -45.60 -3.13
CA TYR B 684 -22.81 -44.95 -4.22
C TYR B 684 -22.50 -45.61 -5.56
N GLU B 685 -21.22 -45.63 -5.94
CA GLU B 685 -20.82 -46.18 -7.24
C GLU B 685 -20.95 -47.70 -7.31
N LEU B 686 -21.58 -48.29 -6.30
CA LEU B 686 -21.88 -49.72 -6.28
C LEU B 686 -23.39 -49.96 -6.22
N ASP B 687 -24.16 -48.89 -6.03
CA ASP B 687 -25.61 -48.98 -6.00
C ASP B 687 -26.20 -48.49 -7.33
N LYS B 688 -25.39 -48.51 -8.39
CA LYS B 688 -25.81 -47.98 -9.67
C LYS B 688 -25.69 -49.01 -10.79
N ALA B 689 -26.42 -48.79 -11.89
CA ALA B 689 -26.41 -49.71 -13.02
C ALA B 689 -27.02 -49.06 -14.27
N PHE B 690 -26.91 -47.73 -14.37
CA PHE B 690 -27.68 -46.97 -15.34
C PHE B 690 -26.84 -46.17 -16.32
N SER B 691 -25.81 -46.78 -16.89
CA SER B 691 -24.86 -46.11 -17.79
C SER B 691 -24.09 -44.98 -17.09
N ASP B 692 -24.44 -44.73 -15.83
CA ASP B 692 -23.71 -43.83 -14.96
C ASP B 692 -22.46 -44.58 -14.52
N ARG B 693 -22.43 -45.87 -14.84
CA ARG B 693 -21.33 -46.76 -14.52
C ARG B 693 -20.14 -46.57 -15.48
N ASN B 694 -20.19 -45.51 -16.28
CA ASN B 694 -19.12 -45.21 -17.23
C ASN B 694 -17.93 -44.49 -16.60
N THR B 695 -18.15 -43.87 -15.44
CA THR B 695 -17.06 -43.28 -14.66
C THR B 695 -16.98 -43.94 -13.30
N LEU B 696 -15.77 -44.07 -12.78
CA LEU B 696 -15.54 -44.77 -11.53
C LEU B 696 -14.33 -44.23 -10.79
N ILE B 697 -14.45 -44.07 -9.48
CA ILE B 697 -13.31 -43.63 -8.67
C ILE B 697 -12.94 -44.69 -7.63
N ILE B 698 -11.68 -45.13 -7.69
CA ILE B 698 -11.15 -46.03 -6.68
C ILE B 698 -10.17 -45.28 -5.79
N TYR B 699 -10.42 -45.33 -4.48
CA TYR B 699 -9.57 -44.63 -3.53
C TYR B 699 -8.49 -45.54 -2.98
N LEU B 700 -7.24 -45.07 -3.02
CA LEU B 700 -6.12 -45.84 -2.51
C LEU B 700 -5.57 -45.22 -1.24
N ASP B 701 -5.35 -46.04 -0.21
CA ASP B 701 -4.75 -45.56 1.04
C ASP B 701 -3.33 -45.11 0.81
N LYS B 702 -2.61 -45.84 -0.03
CA LYS B 702 -1.22 -45.54 -0.33
C LYS B 702 -0.92 -45.88 -1.79
N VAL B 703 0.16 -45.33 -2.31
CA VAL B 703 0.72 -45.80 -3.57
C VAL B 703 2.20 -46.03 -3.37
N SER B 704 2.63 -47.29 -3.42
CA SER B 704 4.02 -47.66 -3.21
C SER B 704 4.98 -46.89 -4.10
N HIS B 705 6.20 -46.68 -3.60
CA HIS B 705 7.23 -46.00 -4.37
C HIS B 705 8.39 -46.93 -4.67
N SER B 706 8.35 -48.13 -4.08
CA SER B 706 9.39 -49.12 -4.27
C SER B 706 9.13 -50.03 -5.47
N GLU B 707 7.87 -50.02 -5.93
CA GLU B 707 7.43 -50.95 -6.96
C GLU B 707 6.06 -50.53 -7.50
N ASP B 708 5.59 -51.23 -8.53
CA ASP B 708 4.27 -51.00 -9.09
C ASP B 708 3.18 -51.56 -8.18
N ASP B 709 2.13 -50.76 -7.97
CA ASP B 709 0.92 -51.26 -7.34
C ASP B 709 -0.10 -51.52 -8.44
N CYS B 710 -0.51 -52.78 -8.56
CA CYS B 710 -1.35 -53.21 -9.65
C CYS B 710 -2.71 -53.72 -9.18
N LEU B 711 -3.74 -53.44 -9.96
CA LEU B 711 -5.07 -53.99 -9.72
C LEU B 711 -5.75 -54.28 -11.06
N ALA B 712 -6.70 -55.20 -11.06
CA ALA B 712 -7.39 -55.54 -12.30
C ALA B 712 -8.85 -55.92 -12.11
N PHE B 713 -9.67 -55.60 -13.09
CA PHE B 713 -11.06 -56.01 -13.10
C PHE B 713 -11.60 -56.18 -14.54
N LYS B 714 -12.80 -56.73 -14.66
CA LYS B 714 -13.41 -56.97 -15.96
C LYS B 714 -14.39 -55.88 -16.35
N VAL B 715 -14.58 -55.71 -17.66
CA VAL B 715 -15.54 -54.74 -18.17
C VAL B 715 -16.41 -55.35 -19.28
N HIS B 716 -17.71 -55.09 -19.22
CA HIS B 716 -18.67 -55.72 -20.11
C HIS B 716 -19.26 -54.71 -21.09
N GLN B 717 -19.20 -55.04 -22.38
CA GLN B 717 -19.81 -54.21 -23.40
C GLN B 717 -21.32 -54.36 -23.34
N TYR B 718 -22.03 -53.24 -23.18
CA TYR B 718 -23.48 -53.27 -23.06
C TYR B 718 -24.14 -52.55 -24.23
N PHE B 719 -23.31 -51.94 -25.07
CA PHE B 719 -23.80 -51.06 -26.13
C PHE B 719 -22.82 -51.08 -27.29
N ASN B 720 -23.29 -51.43 -28.47
CA ASN B 720 -22.44 -51.40 -29.66
C ASN B 720 -22.57 -50.09 -30.41
N VAL B 721 -21.47 -49.65 -31.02
CA VAL B 721 -21.45 -48.42 -31.78
C VAL B 721 -20.18 -48.38 -32.64
N GLU B 722 -20.22 -47.60 -33.71
CA GLU B 722 -19.07 -47.45 -34.60
C GLU B 722 -17.93 -46.75 -33.86
N LEU B 723 -18.25 -45.57 -33.32
CA LEU B 723 -17.25 -44.71 -32.69
C LEU B 723 -16.96 -45.06 -31.22
N ILE B 724 -16.07 -46.01 -30.99
CA ILE B 724 -15.67 -46.36 -29.63
C ILE B 724 -14.57 -45.42 -29.13
N GLN B 725 -14.92 -44.59 -28.16
CA GLN B 725 -13.97 -43.64 -27.58
C GLN B 725 -13.07 -44.37 -26.58
N PRO B 726 -11.78 -44.02 -26.54
CA PRO B 726 -10.86 -44.64 -25.59
C PRO B 726 -11.17 -44.26 -24.15
N GLY B 727 -11.00 -45.20 -23.22
CA GLY B 727 -11.16 -44.92 -21.81
C GLY B 727 -9.92 -44.26 -21.26
N ALA B 728 -10.01 -43.72 -20.04
CA ALA B 728 -8.88 -43.04 -19.44
C ALA B 728 -8.73 -43.37 -17.96
N VAL B 729 -7.49 -43.35 -17.48
CA VAL B 729 -7.20 -43.52 -16.06
C VAL B 729 -6.32 -42.37 -15.60
N LYS B 730 -6.76 -41.67 -14.56
CA LYS B 730 -6.00 -40.56 -13.99
C LYS B 730 -5.62 -40.88 -12.55
N VAL B 731 -4.36 -40.64 -12.19
CA VAL B 731 -3.89 -40.87 -10.82
C VAL B 731 -3.31 -39.59 -10.20
N TYR B 732 -3.61 -39.36 -8.92
CA TYR B 732 -3.02 -38.23 -8.19
C TYR B 732 -3.20 -38.39 -6.67
N ALA B 733 -2.36 -37.71 -5.90
CA ALA B 733 -2.55 -37.64 -4.45
C ALA B 733 -3.61 -36.59 -4.17
N TYR B 734 -4.34 -36.74 -3.05
CA TYR B 734 -5.46 -35.86 -2.73
C TYR B 734 -5.04 -34.39 -2.59
N TYR B 735 -3.82 -34.16 -2.13
CA TYR B 735 -3.38 -32.80 -1.81
C TYR B 735 -2.82 -32.05 -3.01
N ASN B 736 -2.67 -32.73 -4.14
CA ASN B 736 -2.14 -32.07 -5.34
C ASN B 736 -2.73 -32.65 -6.61
N LEU B 737 -3.72 -31.94 -7.17
CA LEU B 737 -4.41 -32.37 -8.38
C LEU B 737 -3.54 -32.15 -9.62
N GLU B 738 -2.59 -31.23 -9.53
CA GLU B 738 -1.72 -30.91 -10.66
C GLU B 738 -0.63 -31.94 -10.87
N GLU B 739 -0.24 -32.62 -9.80
CA GLU B 739 0.76 -33.67 -9.91
C GLU B 739 0.12 -34.99 -10.30
N SER B 740 -0.54 -35.01 -11.45
CA SER B 740 -1.28 -36.18 -11.90
C SER B 740 -0.64 -36.85 -13.11
N CYS B 741 -1.23 -37.95 -13.54
CA CYS B 741 -0.79 -38.68 -14.71
C CYS B 741 -1.99 -39.37 -15.36
N THR B 742 -2.16 -39.18 -16.66
CA THR B 742 -3.30 -39.73 -17.39
C THR B 742 -2.87 -40.66 -18.52
N ARG B 743 -3.48 -41.84 -18.58
CA ARG B 743 -3.25 -42.79 -19.68
C ARG B 743 -4.56 -43.22 -20.31
N PHE B 744 -4.60 -43.25 -21.64
CA PHE B 744 -5.79 -43.68 -22.38
C PHE B 744 -5.69 -45.15 -22.77
N TYR B 745 -6.83 -45.83 -22.89
CA TYR B 745 -6.82 -47.23 -23.27
C TYR B 745 -7.93 -47.60 -24.26
N HIS B 746 -7.63 -48.54 -25.15
CA HIS B 746 -8.58 -49.09 -26.13
C HIS B 746 -8.05 -50.38 -26.76
N PRO B 747 -8.96 -51.27 -27.21
CA PRO B 747 -8.59 -52.61 -27.72
C PRO B 747 -7.80 -52.59 -29.02
N GLU B 748 -6.90 -53.57 -29.17
CA GLU B 748 -6.18 -53.80 -30.42
C GLU B 748 -6.24 -55.26 -30.83
N LYS B 749 -5.36 -55.64 -31.75
CA LYS B 749 -5.22 -57.03 -32.21
C LYS B 749 -4.06 -57.69 -31.47
N CYS B 758 -0.56 -45.04 -36.70
CA CYS B 758 -1.61 -45.16 -35.70
C CYS B 758 -2.98 -45.44 -36.35
N ARG B 759 -3.92 -45.94 -35.54
CA ARG B 759 -5.24 -46.35 -36.01
C ARG B 759 -6.24 -46.40 -34.85
N ASP B 760 -7.41 -45.79 -35.01
CA ASP B 760 -7.78 -45.02 -36.19
C ASP B 760 -8.46 -43.72 -35.77
N GLU B 761 -8.94 -42.98 -36.76
CA GLU B 761 -9.95 -41.94 -36.56
C GLU B 761 -9.53 -40.69 -35.77
N LEU B 762 -8.93 -40.86 -34.60
CA LEU B 762 -8.50 -39.70 -33.79
C LEU B 762 -7.04 -39.36 -34.03
N CYS B 763 -6.22 -40.39 -34.10
CA CYS B 763 -4.88 -40.25 -34.59
C CYS B 763 -4.93 -39.61 -35.95
N ARG B 764 -5.75 -40.20 -36.82
CA ARG B 764 -5.91 -39.76 -38.19
C ARG B 764 -6.25 -38.27 -38.34
N CYS B 765 -7.26 -37.85 -37.62
CA CYS B 765 -7.71 -36.47 -37.65
C CYS B 765 -6.62 -35.54 -37.13
N ALA B 766 -5.78 -36.04 -36.25
CA ALA B 766 -4.70 -35.23 -35.68
C ALA B 766 -3.45 -35.22 -36.56
N GLU B 767 -3.35 -36.19 -37.46
CA GLU B 767 -2.23 -36.29 -38.38
C GLU B 767 -2.42 -35.44 -39.63
N GLU B 768 -3.61 -34.87 -39.78
CA GLU B 768 -3.98 -34.19 -41.03
C GLU B 768 -3.11 -32.98 -41.34
N ASN B 769 -2.76 -32.21 -40.31
CA ASN B 769 -1.93 -31.03 -40.50
C ASN B 769 -0.42 -31.28 -40.41
N CYS B 770 -0.05 -32.56 -40.39
CA CYS B 770 1.38 -32.93 -40.43
C CYS B 770 2.03 -32.47 -41.75
N PHE B 771 1.31 -32.67 -42.85
CA PHE B 771 1.76 -32.23 -44.18
C PHE B 771 0.66 -32.49 -45.20
N ILE B 772 0.88 -32.03 -46.43
CA ILE B 772 -0.07 -32.25 -47.51
C ILE B 772 -0.31 -33.74 -47.72
N GLN B 773 -1.53 -34.19 -47.44
CA GLN B 773 -1.87 -35.60 -47.55
C GLN B 773 -2.32 -35.93 -48.98
N LYS B 774 -1.67 -36.91 -49.58
CA LYS B 774 -2.02 -37.37 -50.92
C LYS B 774 -1.88 -38.87 -50.98
N SER B 775 -2.88 -39.52 -51.58
CA SER B 775 -2.76 -40.94 -51.85
C SER B 775 -1.80 -41.16 -53.03
N ASP B 776 -0.71 -41.85 -52.75
CA ASP B 776 0.27 -42.23 -53.75
C ASP B 776 -0.43 -42.89 -54.94
N ASP B 777 0.05 -42.62 -56.15
CA ASP B 777 -0.59 -43.10 -57.39
C ASP B 777 -1.95 -42.43 -57.66
N LYS B 778 -2.13 -41.22 -57.12
CA LYS B 778 -3.19 -40.31 -57.56
C LYS B 778 -2.59 -38.91 -57.77
N VAL B 779 -1.27 -38.85 -57.60
CA VAL B 779 -0.49 -37.65 -57.85
C VAL B 779 -0.03 -37.66 -59.31
N THR B 780 -0.41 -36.64 -60.08
CA THR B 780 0.01 -36.59 -61.48
C THR B 780 1.11 -35.55 -61.71
N LEU B 781 1.71 -35.61 -62.89
CA LEU B 781 2.75 -34.67 -63.29
C LEU B 781 2.23 -33.25 -63.42
N GLU B 782 1.07 -33.10 -64.08
CA GLU B 782 0.46 -31.78 -64.26
C GLU B 782 0.09 -31.19 -62.90
N GLU B 783 -0.37 -32.04 -62.00
CA GLU B 783 -0.77 -31.62 -60.66
C GLU B 783 0.41 -31.04 -59.88
N ARG B 784 1.57 -31.69 -59.94
CA ARG B 784 2.76 -31.21 -59.23
C ARG B 784 3.24 -29.86 -59.79
N LEU B 785 3.22 -29.74 -61.11
CA LEU B 785 3.65 -28.51 -61.77
C LEU B 785 2.71 -27.35 -61.45
N ASP B 786 1.42 -27.65 -61.35
CA ASP B 786 0.41 -26.65 -61.00
C ASP B 786 0.56 -26.15 -59.56
N LYS B 787 0.79 -27.06 -58.61
CA LYS B 787 0.86 -26.69 -57.20
C LYS B 787 2.21 -26.12 -56.81
N ALA B 788 3.28 -26.66 -57.38
CA ALA B 788 4.62 -26.17 -57.07
C ALA B 788 4.84 -24.75 -57.57
N CYS B 789 4.02 -24.34 -58.54
CA CYS B 789 4.15 -23.02 -59.16
C CYS B 789 3.20 -21.94 -58.60
N GLU B 790 2.44 -22.29 -57.57
CA GLU B 790 1.65 -21.29 -56.87
C GLU B 790 2.60 -20.31 -56.19
N PRO B 791 2.40 -19.00 -56.41
CA PRO B 791 3.14 -18.02 -55.61
C PRO B 791 2.78 -18.21 -54.14
N GLY B 792 3.79 -18.25 -53.29
CA GLY B 792 3.58 -18.66 -51.91
C GLY B 792 4.44 -19.89 -51.68
N VAL B 793 4.50 -20.77 -52.67
CA VAL B 793 5.46 -21.85 -52.66
C VAL B 793 6.83 -21.24 -52.94
N ASP B 794 7.65 -21.13 -51.89
CA ASP B 794 8.90 -20.38 -51.99
C ASP B 794 10.14 -21.23 -52.25
N TYR B 795 10.11 -22.49 -51.84
CA TYR B 795 11.25 -23.37 -52.04
C TYR B 795 10.80 -24.72 -52.59
N VAL B 796 11.61 -25.33 -53.45
CA VAL B 796 11.39 -26.70 -53.92
C VAL B 796 12.74 -27.40 -53.97
N TYR B 797 12.92 -28.42 -53.13
CA TYR B 797 14.21 -29.09 -53.01
C TYR B 797 14.12 -30.58 -53.29
N LYS B 798 15.23 -31.14 -53.77
CA LYS B 798 15.46 -32.57 -53.65
C LYS B 798 16.41 -32.79 -52.49
N THR B 799 15.99 -33.60 -51.53
CA THR B 799 16.76 -33.77 -50.30
C THR B 799 17.17 -35.22 -50.06
N ARG B 800 18.16 -35.39 -49.18
CA ARG B 800 18.52 -36.71 -48.69
C ARG B 800 18.56 -36.64 -47.16
N LEU B 801 17.81 -37.52 -46.50
CA LEU B 801 17.75 -37.51 -45.05
C LEU B 801 19.04 -38.06 -44.47
N VAL B 802 19.83 -37.17 -43.88
CA VAL B 802 21.12 -37.53 -43.32
C VAL B 802 20.93 -38.18 -41.95
N LYS B 803 20.05 -37.60 -41.13
CA LYS B 803 19.82 -38.13 -39.79
C LYS B 803 18.51 -37.67 -39.16
N VAL B 804 17.89 -38.57 -38.40
CA VAL B 804 16.75 -38.23 -37.57
C VAL B 804 17.22 -37.86 -36.16
N GLN B 805 16.67 -36.78 -35.61
CA GLN B 805 17.02 -36.37 -34.26
C GLN B 805 15.77 -36.15 -33.43
N LEU B 806 15.82 -36.56 -32.17
CA LEU B 806 14.64 -36.59 -31.31
C LEU B 806 14.71 -35.57 -30.17
N SER B 807 13.54 -35.03 -29.82
CA SER B 807 13.37 -34.26 -28.60
C SER B 807 12.08 -34.78 -27.96
N ASN B 808 11.64 -34.15 -26.88
CA ASN B 808 10.43 -34.61 -26.20
C ASN B 808 9.16 -34.50 -27.05
N ASP B 809 9.00 -33.37 -27.75
CA ASP B 809 7.79 -33.11 -28.52
C ASP B 809 8.04 -32.92 -30.01
N PHE B 810 9.30 -33.02 -30.42
CA PHE B 810 9.65 -32.71 -31.81
C PHE B 810 10.71 -33.64 -32.39
N ASP B 811 10.46 -34.09 -33.62
CA ASP B 811 11.48 -34.75 -34.42
C ASP B 811 12.16 -33.71 -35.30
N GLU B 812 13.48 -33.78 -35.39
CA GLU B 812 14.21 -32.90 -36.27
C GLU B 812 14.89 -33.71 -37.36
N TYR B 813 14.49 -33.47 -38.61
CA TYR B 813 15.06 -34.18 -39.74
C TYR B 813 16.14 -33.34 -40.40
N ILE B 814 17.36 -33.87 -40.42
CA ILE B 814 18.47 -33.15 -41.01
C ILE B 814 18.67 -33.56 -42.47
N MET B 815 18.33 -32.64 -43.37
CA MET B 815 18.32 -32.93 -44.79
C MET B 815 19.54 -32.38 -45.51
N ALA B 816 20.19 -33.22 -46.31
CA ALA B 816 21.19 -32.76 -47.26
C ALA B 816 20.47 -32.25 -48.50
N ILE B 817 20.74 -31.00 -48.88
CA ILE B 817 20.11 -30.42 -50.06
C ILE B 817 20.86 -30.84 -51.32
N GLU B 818 20.27 -31.75 -52.10
CA GLU B 818 20.93 -32.26 -53.29
C GLU B 818 20.64 -31.44 -54.55
N GLN B 819 19.48 -30.80 -54.58
CA GLN B 819 19.12 -29.95 -55.71
C GLN B 819 18.20 -28.83 -55.27
N THR B 820 18.49 -27.61 -55.71
CA THR B 820 17.64 -26.46 -55.44
C THR B 820 16.77 -26.19 -56.66
N ILE B 821 15.65 -26.92 -56.73
CA ILE B 821 14.75 -26.85 -57.88
C ILE B 821 14.12 -25.46 -58.01
N LYS B 822 13.68 -24.90 -56.88
CA LYS B 822 13.20 -23.52 -56.83
C LYS B 822 13.73 -22.89 -55.55
N SER B 823 14.45 -21.78 -55.68
CA SER B 823 15.05 -21.11 -54.53
C SER B 823 14.21 -19.93 -54.07
N GLY B 824 14.16 -19.72 -52.76
CA GLY B 824 13.46 -18.57 -52.20
C GLY B 824 14.38 -17.72 -51.36
N SER B 825 13.85 -17.21 -50.25
CA SER B 825 14.60 -16.34 -49.34
C SER B 825 15.90 -16.95 -48.85
N ASP B 826 15.85 -18.23 -48.47
CA ASP B 826 17.02 -18.95 -48.00
C ASP B 826 17.96 -19.31 -49.16
N GLU B 827 19.17 -18.76 -49.13
CA GLU B 827 20.15 -19.00 -50.20
C GLU B 827 20.98 -20.26 -49.93
N VAL B 828 20.31 -21.38 -49.75
CA VAL B 828 20.99 -22.64 -49.48
C VAL B 828 21.76 -23.10 -50.72
N GLN B 829 22.93 -23.68 -50.50
CA GLN B 829 23.76 -24.19 -51.59
C GLN B 829 23.72 -25.72 -51.63
N VAL B 830 23.89 -26.28 -52.82
CA VAL B 830 23.94 -27.72 -53.01
C VAL B 830 25.03 -28.33 -52.12
N GLY B 831 24.66 -29.36 -51.36
CA GLY B 831 25.59 -30.01 -50.46
C GLY B 831 25.41 -29.59 -49.01
N GLN B 832 24.76 -28.45 -48.80
CA GLN B 832 24.54 -27.95 -47.44
C GLN B 832 23.36 -28.63 -46.77
N GLN B 833 23.29 -28.50 -45.44
CA GLN B 833 22.23 -29.15 -44.67
C GLN B 833 21.23 -28.15 -44.10
N ARG B 834 19.97 -28.57 -44.04
CA ARG B 834 18.93 -27.79 -43.37
C ARG B 834 18.13 -28.72 -42.47
N THR B 835 17.67 -28.18 -41.35
CA THR B 835 16.92 -28.96 -40.38
C THR B 835 15.42 -28.70 -40.55
N PHE B 836 14.67 -29.79 -40.65
CA PHE B 836 13.22 -29.73 -40.79
C PHE B 836 12.61 -30.29 -39.52
N ILE B 837 11.79 -29.50 -38.86
CA ILE B 837 11.23 -29.92 -37.58
C ILE B 837 9.75 -30.27 -37.72
N SER B 838 9.32 -31.26 -36.96
CA SER B 838 7.96 -31.77 -37.04
C SER B 838 7.55 -32.30 -35.67
N PRO B 839 6.27 -32.15 -35.32
CA PRO B 839 5.69 -32.72 -34.08
C PRO B 839 5.86 -34.23 -34.05
N ILE B 840 6.03 -34.80 -32.85
CA ILE B 840 6.22 -36.24 -32.71
C ILE B 840 5.03 -37.06 -33.21
N LYS B 841 3.85 -36.46 -33.19
CA LYS B 841 2.63 -37.11 -33.66
C LYS B 841 2.71 -37.42 -35.16
N CYS B 842 3.56 -36.69 -35.88
CA CYS B 842 3.64 -36.76 -37.34
C CYS B 842 4.65 -37.80 -37.84
N ARG B 843 5.37 -38.43 -36.92
CA ARG B 843 6.47 -39.33 -37.26
C ARG B 843 6.05 -40.51 -38.15
N GLU B 844 4.94 -41.15 -37.80
CA GLU B 844 4.46 -42.30 -38.56
C GLU B 844 3.87 -41.89 -39.90
N ALA B 845 3.19 -40.74 -39.93
CA ALA B 845 2.62 -40.21 -41.15
C ALA B 845 3.71 -39.91 -42.19
N LEU B 846 4.76 -39.22 -41.74
CA LEU B 846 5.87 -38.86 -42.63
C LEU B 846 6.69 -40.06 -43.05
N LYS B 847 6.84 -41.01 -42.14
CA LYS B 847 7.68 -42.22 -42.33
C LYS B 847 9.00 -41.98 -43.05
N LEU B 848 9.70 -40.93 -42.65
CA LEU B 848 11.00 -40.61 -43.22
C LEU B 848 12.06 -41.61 -42.78
N GLU B 849 12.96 -41.96 -43.70
CA GLU B 849 14.03 -42.91 -43.42
C GLU B 849 15.37 -42.32 -43.81
N GLU B 850 16.39 -42.57 -43.02
CA GLU B 850 17.73 -42.09 -43.33
C GLU B 850 18.27 -42.74 -44.60
N LYS B 851 19.08 -41.98 -45.35
CA LYS B 851 19.68 -42.39 -46.62
C LYS B 851 18.75 -42.33 -47.85
N LYS B 852 17.45 -42.18 -47.59
CA LYS B 852 16.47 -42.05 -48.68
C LYS B 852 16.31 -40.61 -49.15
N HIS B 853 15.79 -40.44 -50.36
CA HIS B 853 15.64 -39.13 -50.98
C HIS B 853 14.18 -38.66 -51.01
N TYR B 854 14.00 -37.34 -51.01
CA TYR B 854 12.65 -36.76 -50.98
C TYR B 854 12.51 -35.51 -51.85
N LEU B 855 11.29 -35.29 -52.34
CA LEU B 855 10.94 -34.03 -52.98
C LEU B 855 10.15 -33.24 -51.94
N MET B 856 10.63 -32.04 -51.62
CA MET B 856 10.00 -31.20 -50.60
C MET B 856 9.75 -29.79 -51.12
N TRP B 857 8.54 -29.27 -50.87
CA TRP B 857 8.28 -27.86 -51.14
C TRP B 857 7.36 -27.24 -50.09
N GLY B 858 7.44 -25.93 -49.93
CA GLY B 858 6.66 -25.28 -48.89
C GLY B 858 6.58 -23.77 -48.97
N LEU B 859 5.92 -23.18 -47.98
CA LEU B 859 5.67 -21.74 -47.96
C LEU B 859 6.78 -20.98 -47.25
N SER B 860 6.74 -19.65 -47.38
CA SER B 860 7.62 -18.79 -46.62
C SER B 860 7.28 -18.80 -45.13
N SER B 861 6.04 -19.19 -44.81
CA SER B 861 5.62 -19.33 -43.42
C SER B 861 6.37 -20.46 -42.70
N ASP B 862 6.98 -21.35 -43.47
CA ASP B 862 7.69 -22.50 -42.89
C ASP B 862 9.08 -22.15 -42.35
N PHE B 863 9.60 -20.99 -42.73
CA PHE B 863 10.93 -20.58 -42.27
C PHE B 863 10.94 -20.30 -40.76
N TRP B 864 12.07 -20.55 -40.13
CA TRP B 864 12.21 -20.34 -38.70
C TRP B 864 13.63 -19.91 -38.32
N GLY B 865 13.72 -18.89 -37.47
CA GLY B 865 15.00 -18.37 -37.04
C GLY B 865 15.59 -17.44 -38.07
N GLU B 866 16.89 -17.21 -37.99
CA GLU B 866 17.59 -16.32 -38.91
C GLU B 866 18.97 -16.85 -39.28
N LYS B 867 19.44 -16.45 -40.47
CA LYS B 867 20.74 -16.85 -41.00
C LYS B 867 21.92 -16.51 -40.10
N PRO B 868 22.91 -17.42 -40.02
CA PRO B 868 22.92 -18.72 -40.68
C PRO B 868 22.39 -19.82 -39.75
N ASN B 869 21.21 -19.59 -39.18
CA ASN B 869 20.57 -20.57 -38.32
C ASN B 869 19.09 -20.69 -38.67
N LEU B 870 18.80 -20.46 -39.94
CA LEU B 870 17.44 -20.57 -40.46
C LEU B 870 17.04 -22.05 -40.51
N SER B 871 15.81 -22.33 -40.06
CA SER B 871 15.31 -23.70 -40.01
C SER B 871 13.94 -23.80 -40.68
N TYR B 872 13.47 -25.02 -40.89
CA TYR B 872 12.21 -25.24 -41.57
C TYR B 872 11.19 -25.99 -40.72
N ILE B 873 9.95 -25.55 -40.76
CA ILE B 873 8.87 -26.27 -40.10
C ILE B 873 8.10 -27.04 -41.15
N ILE B 874 7.96 -28.35 -40.96
CA ILE B 874 7.09 -29.13 -41.83
C ILE B 874 5.65 -28.98 -41.32
N GLY B 875 4.83 -28.27 -42.09
CA GLY B 875 3.46 -28.01 -41.68
C GLY B 875 2.44 -28.53 -42.67
N LYS B 876 1.19 -28.09 -42.50
CA LYS B 876 0.06 -28.61 -43.26
C LYS B 876 0.19 -28.30 -44.77
N ASP B 877 0.99 -27.31 -45.10
CA ASP B 877 1.18 -26.90 -46.49
C ASP B 877 2.53 -27.31 -47.06
N THR B 878 3.22 -28.21 -46.35
CA THR B 878 4.49 -28.71 -46.85
C THR B 878 4.28 -30.00 -47.65
N TRP B 879 4.81 -30.02 -48.87
CA TRP B 879 4.79 -31.21 -49.70
C TRP B 879 6.03 -32.04 -49.37
N VAL B 880 5.81 -33.33 -49.12
CA VAL B 880 6.90 -34.25 -48.79
C VAL B 880 6.65 -35.56 -49.51
N GLU B 881 7.46 -35.84 -50.54
CA GLU B 881 7.25 -37.01 -51.36
C GLU B 881 8.53 -37.84 -51.47
N HIS B 882 8.41 -39.15 -51.26
CA HIS B 882 9.55 -40.06 -51.39
C HIS B 882 10.04 -40.19 -52.84
N TRP B 883 11.32 -39.92 -53.05
CA TRP B 883 11.92 -40.01 -54.37
C TRP B 883 12.74 -41.31 -54.50
N PRO B 884 12.22 -42.29 -55.26
CA PRO B 884 12.83 -43.61 -55.40
C PRO B 884 14.30 -43.57 -55.81
N GLU B 885 15.10 -44.45 -55.22
CA GLU B 885 16.50 -44.61 -55.62
C GLU B 885 16.59 -45.09 -57.07
N GLU B 886 17.71 -44.81 -57.72
CA GLU B 886 17.91 -45.13 -59.13
C GLU B 886 17.74 -46.62 -59.46
N ASP B 887 18.06 -47.49 -58.50
CA ASP B 887 17.89 -48.92 -58.71
C ASP B 887 16.43 -49.33 -58.71
N GLU B 888 15.62 -48.69 -57.87
CA GLU B 888 14.17 -48.94 -57.85
C GLU B 888 13.51 -48.47 -59.15
N CYS B 889 13.95 -47.31 -59.64
CA CYS B 889 13.41 -46.70 -60.86
C CYS B 889 13.50 -47.62 -62.08
N GLN B 890 14.44 -48.56 -62.05
CA GLN B 890 14.60 -49.52 -63.14
C GLN B 890 13.43 -50.50 -63.25
N ASP B 891 12.69 -50.69 -62.16
CA ASP B 891 11.51 -51.55 -62.19
C ASP B 891 10.34 -50.86 -62.90
N GLU B 892 9.66 -51.62 -63.74
CA GLU B 892 8.49 -51.16 -64.49
C GLU B 892 7.43 -50.48 -63.59
N GLU B 893 7.26 -50.98 -62.37
CA GLU B 893 6.23 -50.45 -61.49
C GLU B 893 6.57 -49.11 -60.83
N ASN B 894 7.81 -48.65 -60.98
CA ASN B 894 8.22 -47.35 -60.46
C ASN B 894 8.43 -46.30 -61.57
N GLN B 895 8.25 -46.75 -62.80
CA GLN B 895 8.62 -45.95 -63.97
C GLN B 895 7.85 -44.64 -64.05
N LYS B 896 6.54 -44.70 -63.85
CA LYS B 896 5.69 -43.51 -63.94
C LYS B 896 6.13 -42.44 -62.93
N GLN B 897 6.24 -42.82 -61.67
CA GLN B 897 6.66 -41.86 -60.64
C GLN B 897 8.05 -41.29 -60.89
N CYS B 898 9.00 -42.17 -61.22
CA CYS B 898 10.39 -41.74 -61.47
C CYS B 898 10.49 -40.80 -62.66
N GLN B 899 9.87 -41.18 -63.77
CA GLN B 899 9.86 -40.34 -64.97
C GLN B 899 9.12 -39.02 -64.74
N ASP B 900 7.98 -39.09 -64.05
CA ASP B 900 7.22 -37.87 -63.76
C ASP B 900 8.06 -36.90 -62.93
N LEU B 901 8.79 -37.43 -61.94
CA LEU B 901 9.66 -36.60 -61.11
C LEU B 901 10.78 -35.97 -61.94
N GLY B 902 11.37 -36.75 -62.84
CA GLY B 902 12.37 -36.23 -63.75
C GLY B 902 11.84 -35.12 -64.65
N ALA B 903 10.65 -35.32 -65.21
CA ALA B 903 10.07 -34.31 -66.10
C ALA B 903 9.62 -33.09 -65.31
N PHE B 904 9.15 -33.32 -64.10
CA PHE B 904 8.76 -32.24 -63.21
C PHE B 904 9.96 -31.34 -62.97
N THR B 905 11.08 -31.97 -62.58
CA THR B 905 12.29 -31.25 -62.23
C THR B 905 12.84 -30.46 -63.43
N GLU B 906 12.99 -31.12 -64.56
CA GLU B 906 13.47 -30.47 -65.78
C GLU B 906 12.63 -29.24 -66.12
N SER B 907 11.32 -29.36 -66.02
CA SER B 907 10.43 -28.25 -66.33
C SER B 907 10.64 -27.08 -65.37
N MET B 908 10.76 -27.37 -64.08
CA MET B 908 10.92 -26.31 -63.07
C MET B 908 12.27 -25.61 -63.15
N VAL B 909 13.32 -26.34 -63.56
CA VAL B 909 14.65 -25.77 -63.64
C VAL B 909 14.87 -25.00 -64.93
N VAL B 910 14.46 -25.58 -66.06
CA VAL B 910 14.68 -24.96 -67.36
C VAL B 910 13.76 -23.77 -67.63
N PHE B 911 12.48 -23.93 -67.32
CA PHE B 911 11.49 -22.90 -67.67
C PHE B 911 10.96 -22.18 -66.45
N GLY B 912 11.08 -22.80 -65.28
CA GLY B 912 10.56 -22.21 -64.07
C GLY B 912 9.05 -22.16 -64.07
N CYS B 913 8.48 -21.66 -62.98
CA CYS B 913 7.04 -21.50 -62.89
C CYS B 913 6.59 -20.51 -63.96
N PRO B 914 5.38 -20.71 -64.53
CA PRO B 914 4.85 -19.86 -65.61
C PRO B 914 4.99 -18.36 -65.32
N ASN B 915 5.03 -17.57 -66.38
CA ASN B 915 5.26 -16.11 -66.36
C ASN B 915 6.74 -15.73 -66.23
N GLU C 124 -15.70 10.18 -26.39
CA GLU C 124 -16.48 9.68 -25.27
C GLU C 124 -15.74 9.87 -23.94
N LYS C 125 -14.42 9.93 -24.01
CA LYS C 125 -13.60 10.05 -22.81
C LYS C 125 -12.74 11.31 -22.79
N VAL C 126 -12.97 12.14 -21.78
CA VAL C 126 -12.29 13.43 -21.63
C VAL C 126 -10.78 13.29 -21.42
N LEU C 127 -10.01 13.88 -22.34
CA LEU C 127 -8.55 13.89 -22.24
C LEU C 127 -8.00 15.31 -22.26
N CYS C 128 -6.79 15.49 -21.73
CA CYS C 128 -6.17 16.80 -21.71
C CYS C 128 -4.79 16.80 -22.37
N THR C 129 -4.53 17.83 -23.16
CA THR C 129 -3.18 18.12 -23.65
C THR C 129 -2.37 18.60 -22.44
N PRO C 130 -1.04 18.38 -22.45
CA PRO C 130 -0.17 18.67 -21.31
C PRO C 130 -0.39 20.06 -20.71
N PRO C 131 -0.15 20.21 -19.40
CA PRO C 131 -0.28 21.50 -18.71
C PRO C 131 0.73 22.48 -19.28
N PRO C 132 0.45 23.78 -19.16
CA PRO C 132 1.36 24.80 -19.72
C PRO C 132 2.70 24.84 -18.99
N LYS C 133 3.76 25.18 -19.71
CA LYS C 133 5.07 25.36 -19.08
C LYS C 133 5.17 26.78 -18.52
N ILE C 134 6.00 26.94 -17.50
CA ILE C 134 6.15 28.25 -16.87
C ILE C 134 7.61 28.68 -16.77
N LYS C 135 7.82 29.99 -16.83
CA LYS C 135 9.15 30.57 -16.69
C LYS C 135 9.70 30.29 -15.30
N ASN C 136 10.95 29.81 -15.25
CA ASN C 136 11.64 29.49 -13.99
C ASN C 136 10.95 28.45 -13.12
N GLY C 137 10.21 27.54 -13.74
CA GLY C 137 9.50 26.50 -13.02
C GLY C 137 9.33 25.21 -13.82
N LYS C 138 8.67 24.23 -13.22
CA LYS C 138 8.43 22.95 -13.87
C LYS C 138 7.26 22.26 -13.18
N HIS C 139 6.85 21.11 -13.71
CA HIS C 139 5.76 20.36 -13.09
C HIS C 139 6.01 18.87 -13.20
N THR C 140 5.38 18.11 -12.31
CA THR C 140 5.47 16.65 -12.33
C THR C 140 4.90 16.10 -13.64
N PHE C 141 5.31 14.87 -13.97
CA PHE C 141 4.86 14.18 -15.18
C PHE C 141 5.11 14.99 -16.45
N SER C 142 6.29 15.56 -16.57
CA SER C 142 6.65 16.38 -17.73
C SER C 142 6.98 15.52 -18.95
N GLU C 143 7.16 14.22 -18.70
CA GLU C 143 7.39 13.26 -19.78
C GLU C 143 6.07 12.59 -20.20
N VAL C 144 4.97 13.31 -20.01
CA VAL C 144 3.65 12.78 -20.37
C VAL C 144 2.95 13.69 -21.37
N GLU C 145 2.43 13.11 -22.43
CA GLU C 145 1.83 13.88 -23.53
C GLU C 145 0.32 13.78 -23.55
N VAL C 146 -0.21 12.68 -23.02
CA VAL C 146 -1.66 12.49 -22.97
C VAL C 146 -2.14 12.33 -21.54
N PHE C 147 -3.00 13.23 -21.09
CA PHE C 147 -3.48 13.18 -19.71
C PHE C 147 -4.95 12.76 -19.59
N GLU C 148 -5.19 11.81 -18.69
CA GLU C 148 -6.52 11.26 -18.44
C GLU C 148 -7.43 12.22 -17.68
N TYR C 149 -8.59 11.71 -17.27
CA TYR C 149 -9.52 12.46 -16.44
C TYR C 149 -9.09 12.37 -14.98
N LEU C 150 -9.13 13.50 -14.28
CA LEU C 150 -8.70 13.62 -12.88
C LEU C 150 -7.19 13.49 -12.65
N ASP C 151 -6.43 13.22 -13.70
CA ASP C 151 -4.98 13.16 -13.59
C ASP C 151 -4.43 14.51 -13.11
N ALA C 152 -3.59 14.47 -12.08
CA ALA C 152 -3.11 15.69 -11.44
C ALA C 152 -1.60 15.93 -11.60
N VAL C 153 -1.21 17.18 -11.43
CA VAL C 153 0.15 17.62 -11.68
C VAL C 153 0.53 18.74 -10.70
N THR C 154 1.74 18.68 -10.15
CA THR C 154 2.18 19.66 -9.15
C THR C 154 3.36 20.49 -9.62
N TYR C 155 3.21 21.81 -9.55
CA TYR C 155 4.27 22.73 -9.97
C TYR C 155 5.22 23.07 -8.84
N SER C 156 6.46 23.40 -9.20
CA SER C 156 7.45 23.90 -8.26
C SER C 156 8.46 24.76 -9.00
N CYS C 157 9.21 25.58 -8.25
CA CYS C 157 10.11 26.55 -8.84
C CYS C 157 11.54 26.05 -8.96
N ASP C 158 12.26 26.55 -9.96
CA ASP C 158 13.67 26.25 -10.13
C ASP C 158 14.49 27.01 -9.09
N PRO C 159 15.70 26.52 -8.80
CA PRO C 159 16.62 27.30 -7.97
C PRO C 159 16.99 28.62 -8.66
N ALA C 160 17.19 29.67 -7.88
CA ALA C 160 17.47 30.99 -8.44
C ALA C 160 18.96 31.32 -8.40
N PRO C 161 19.44 32.11 -9.37
CA PRO C 161 20.84 32.52 -9.43
C PRO C 161 21.22 33.50 -8.31
N GLY C 162 20.29 34.35 -7.93
CA GLY C 162 20.55 35.37 -6.93
C GLY C 162 20.44 34.87 -5.50
N PRO C 163 20.54 35.78 -4.53
CA PRO C 163 20.48 35.45 -3.10
C PRO C 163 19.04 35.20 -2.62
N ASP C 164 18.07 35.60 -3.43
CA ASP C 164 16.66 35.44 -3.08
C ASP C 164 16.00 34.43 -4.01
N PRO C 165 15.34 33.42 -3.43
CA PRO C 165 14.72 32.36 -4.24
C PRO C 165 13.42 32.81 -4.90
N PHE C 166 12.95 32.05 -5.88
CA PHE C 166 11.64 32.31 -6.47
C PHE C 166 10.52 31.94 -5.49
N SER C 167 9.44 32.73 -5.51
CA SER C 167 8.24 32.37 -4.79
C SER C 167 7.20 31.81 -5.77
N LEU C 168 6.41 30.85 -5.32
CA LEU C 168 5.37 30.26 -6.17
C LEU C 168 4.02 30.96 -5.94
N ILE C 169 3.53 31.63 -6.97
CA ILE C 169 2.27 32.38 -6.88
C ILE C 169 1.10 31.59 -7.46
N GLY C 170 0.08 31.34 -6.64
CA GLY C 170 -1.10 30.62 -7.09
C GLY C 170 -1.10 29.16 -6.65
N GLU C 171 -2.11 28.41 -7.08
CA GLU C 171 -2.21 26.99 -6.75
C GLU C 171 -1.12 26.19 -7.46
N SER C 172 -0.50 25.26 -6.73
CA SER C 172 0.59 24.47 -7.28
C SER C 172 0.10 23.21 -8.00
N THR C 173 -1.09 22.75 -7.61
CA THR C 173 -1.64 21.52 -8.15
C THR C 173 -2.89 21.77 -8.99
N ILE C 174 -2.86 21.31 -10.23
CA ILE C 174 -4.01 21.39 -11.12
C ILE C 174 -4.31 20.01 -11.71
N TYR C 175 -5.56 19.76 -12.09
CA TYR C 175 -5.94 18.47 -12.65
C TYR C 175 -6.77 18.60 -13.92
N CYS C 176 -6.96 17.48 -14.60
CA CYS C 176 -7.76 17.44 -15.83
C CYS C 176 -9.20 17.04 -15.51
N GLY C 177 -10.11 18.01 -15.52
CA GLY C 177 -11.49 17.75 -15.19
C GLY C 177 -12.42 17.71 -16.39
N ASP C 178 -13.58 18.33 -16.26
CA ASP C 178 -14.56 18.39 -17.35
C ASP C 178 -14.04 19.24 -18.50
N ASN C 179 -14.74 19.18 -19.62
CA ASN C 179 -14.48 20.03 -20.79
C ASN C 179 -13.09 19.90 -21.41
N SER C 180 -12.33 18.89 -20.96
CA SER C 180 -10.95 18.69 -21.43
C SER C 180 -10.04 19.89 -21.16
N VAL C 181 -10.34 20.64 -20.11
CA VAL C 181 -9.49 21.75 -19.69
C VAL C 181 -8.90 21.49 -18.30
N TRP C 182 -7.84 22.24 -17.99
CA TRP C 182 -7.22 22.17 -16.68
C TRP C 182 -7.99 23.01 -15.68
N SER C 183 -8.20 22.46 -14.50
CA SER C 183 -9.03 23.07 -13.46
C SER C 183 -8.69 24.52 -13.18
N ARG C 184 -7.40 24.84 -13.22
CA ARG C 184 -6.93 26.18 -12.90
C ARG C 184 -5.84 26.61 -13.87
N ALA C 185 -5.56 27.91 -13.90
CA ALA C 185 -4.40 28.42 -14.63
C ALA C 185 -3.12 28.01 -13.90
N ALA C 186 -2.06 27.75 -14.66
CA ALA C 186 -0.78 27.39 -14.07
C ALA C 186 -0.22 28.54 -13.24
N PRO C 187 0.45 28.21 -12.13
CA PRO C 187 1.00 29.21 -11.20
C PRO C 187 2.20 29.96 -11.79
N GLU C 188 2.80 30.84 -10.99
CA GLU C 188 3.91 31.66 -11.44
C GLU C 188 5.12 31.52 -10.52
N CYS C 189 6.32 31.61 -11.11
CA CYS C 189 7.55 31.50 -10.34
C CYS C 189 8.40 32.75 -10.53
N LYS C 190 8.36 33.66 -9.56
CA LYS C 190 9.18 34.86 -9.64
C LYS C 190 9.64 35.35 -8.26
N VAL C 191 10.68 36.18 -8.27
CA VAL C 191 11.23 36.73 -7.04
C VAL C 191 10.31 37.77 -6.43
N VAL C 192 9.87 37.51 -5.21
CA VAL C 192 9.06 38.44 -4.45
C VAL C 192 9.77 38.76 -3.15
N LYS C 193 9.94 40.05 -2.84
CA LYS C 193 10.70 40.43 -1.66
C LYS C 193 10.31 41.81 -1.12
N CYS C 194 9.49 41.84 -0.08
CA CYS C 194 9.08 43.09 0.53
C CYS C 194 10.19 43.69 1.39
N ARG C 195 10.09 44.98 1.68
CA ARG C 195 11.10 45.65 2.47
C ARG C 195 10.88 45.40 3.95
N PHE C 196 11.93 45.57 4.74
CA PHE C 196 11.83 45.38 6.18
C PHE C 196 10.81 46.34 6.79
N PRO C 197 9.76 45.80 7.42
CA PRO C 197 8.69 46.63 8.01
C PRO C 197 9.10 47.27 9.33
N VAL C 198 8.98 48.58 9.43
CA VAL C 198 9.40 49.32 10.62
C VAL C 198 8.25 50.09 11.25
N VAL C 199 7.96 49.79 12.50
CA VAL C 199 6.89 50.47 13.23
C VAL C 199 7.43 51.23 14.43
N GLU C 200 7.42 52.56 14.32
CA GLU C 200 7.87 53.41 15.42
C GLU C 200 6.98 53.24 16.64
N ASN C 201 7.59 53.12 17.81
CA ASN C 201 6.88 52.91 19.06
C ASN C 201 6.04 51.63 19.07
N GLY C 202 6.40 50.68 18.21
CA GLY C 202 5.72 49.41 18.14
C GLY C 202 6.70 48.24 18.12
N LYS C 203 6.16 47.03 18.12
CA LYS C 203 6.98 45.82 18.11
C LYS C 203 6.35 44.72 17.29
N GLN C 204 7.19 43.91 16.63
CA GLN C 204 6.72 42.69 16.01
C GLN C 204 6.36 41.69 17.08
N ILE C 205 5.29 40.94 16.87
CA ILE C 205 4.95 39.85 17.78
C ILE C 205 4.88 38.53 17.03
N SER C 206 4.96 38.60 15.70
CA SER C 206 5.05 37.41 14.86
C SER C 206 5.79 37.72 13.56
N GLY C 207 6.28 36.66 12.90
CA GLY C 207 6.94 36.82 11.62
C GLY C 207 8.36 37.33 11.70
N PHE C 208 9.02 37.11 12.84
CA PHE C 208 10.40 37.54 13.04
C PHE C 208 11.31 36.99 11.93
N GLY C 209 12.19 37.84 11.43
CA GLY C 209 13.07 37.45 10.34
C GLY C 209 13.73 38.65 9.67
N LYS C 210 14.63 38.36 8.73
CA LYS C 210 15.38 39.39 8.03
C LYS C 210 14.84 39.57 6.62
N LYS C 211 14.19 38.53 6.11
CA LYS C 211 13.75 38.50 4.72
C LYS C 211 12.28 38.15 4.61
N PHE C 212 11.59 38.80 3.66
CA PHE C 212 10.15 38.68 3.55
C PHE C 212 9.73 38.41 2.11
N TYR C 213 9.34 37.16 1.87
CA TYR C 213 8.97 36.71 0.55
C TYR C 213 7.46 36.65 0.43
N TYR C 214 6.96 36.14 -0.69
CA TYR C 214 5.52 36.09 -0.94
C TYR C 214 4.76 35.42 0.22
N LYS C 215 3.66 36.06 0.62
CA LYS C 215 2.80 35.58 1.70
C LYS C 215 3.41 35.63 3.10
N ALA C 216 4.58 36.27 3.24
CA ALA C 216 5.15 36.50 4.56
C ALA C 216 4.18 37.38 5.34
N THR C 217 3.86 36.98 6.57
CA THR C 217 2.90 37.71 7.37
C THR C 217 3.53 38.21 8.67
N VAL C 218 3.33 39.49 8.96
CA VAL C 218 3.89 40.07 10.19
C VAL C 218 2.79 40.70 11.04
N MET C 219 2.80 40.40 12.33
CA MET C 219 1.90 41.04 13.28
C MET C 219 2.64 42.06 14.14
N PHE C 220 1.97 43.17 14.44
CA PHE C 220 2.55 44.19 15.30
C PHE C 220 1.69 44.43 16.53
N GLU C 221 2.27 45.15 17.50
CA GLU C 221 1.58 45.48 18.73
C GLU C 221 2.22 46.74 19.31
N CYS C 222 1.43 47.80 19.40
CA CYS C 222 1.94 49.09 19.89
C CYS C 222 2.42 49.02 21.33
N ASP C 223 3.43 49.83 21.64
CA ASP C 223 3.95 49.94 23.00
C ASP C 223 2.93 50.63 23.88
N LYS C 224 3.14 50.58 25.20
CA LYS C 224 2.22 51.22 26.14
C LYS C 224 2.22 52.73 25.94
N GLY C 225 1.04 53.33 26.04
CA GLY C 225 0.88 54.75 25.78
C GLY C 225 0.71 55.04 24.31
N PHE C 226 0.53 53.97 23.52
CA PHE C 226 0.35 54.10 22.08
C PHE C 226 -0.80 53.22 21.58
N TYR C 227 -1.46 53.68 20.53
CA TYR C 227 -2.58 52.94 19.94
C TYR C 227 -2.35 52.73 18.46
N LEU C 228 -3.04 51.74 17.91
CA LEU C 228 -2.80 51.29 16.54
C LEU C 228 -3.56 52.10 15.50
N ASP C 229 -2.88 52.46 14.42
CA ASP C 229 -3.52 53.14 13.30
C ASP C 229 -3.34 52.33 12.02
N GLY C 230 -4.21 51.34 11.83
CA GLY C 230 -4.11 50.43 10.71
C GLY C 230 -4.23 48.98 11.16
N SER C 231 -4.07 48.06 10.22
CA SER C 231 -4.13 46.65 10.52
C SER C 231 -2.95 46.23 11.40
N ASP C 232 -3.18 45.29 12.31
CA ASP C 232 -2.11 44.77 13.13
C ASP C 232 -1.40 43.62 12.43
N THR C 233 -1.93 43.24 11.26
CA THR C 233 -1.39 42.13 10.47
C THR C 233 -1.17 42.55 9.02
N ILE C 234 0.06 42.38 8.53
CA ILE C 234 0.39 42.75 7.16
C ILE C 234 0.94 41.55 6.37
N VAL C 235 0.66 41.52 5.08
CA VAL C 235 1.08 40.41 4.23
C VAL C 235 1.81 40.92 2.98
N CYS C 236 2.79 40.15 2.52
CA CYS C 236 3.58 40.52 1.34
C CYS C 236 2.91 40.12 0.03
N ASP C 237 2.69 41.10 -0.83
CA ASP C 237 2.02 40.94 -2.13
C ASP C 237 2.85 40.16 -3.15
N SER C 238 2.27 39.96 -4.34
CA SER C 238 3.01 39.38 -5.45
C SER C 238 3.83 40.46 -6.17
N ASN C 239 3.58 41.72 -5.82
CA ASN C 239 4.35 42.83 -6.36
C ASN C 239 5.30 43.41 -5.31
N SER C 240 5.65 42.58 -4.33
CA SER C 240 6.58 42.95 -3.27
C SER C 240 6.17 44.21 -2.50
N THR C 241 4.87 44.29 -2.19
CA THR C 241 4.33 45.40 -1.42
C THR C 241 3.54 44.86 -0.23
N TRP C 242 3.61 45.55 0.91
CA TRP C 242 2.86 45.11 2.09
C TRP C 242 1.36 45.40 1.93
N ASP C 243 0.55 44.39 2.21
CA ASP C 243 -0.91 44.49 2.05
C ASP C 243 -1.60 43.89 3.27
N PRO C 244 -2.24 44.73 4.10
CA PRO C 244 -2.32 46.20 4.03
C PRO C 244 -0.99 46.85 4.40
N PRO C 245 -0.81 48.13 4.07
CA PRO C 245 0.42 48.88 4.41
C PRO C 245 0.81 48.77 5.88
N VAL C 246 2.10 49.01 6.15
CA VAL C 246 2.65 48.98 7.50
C VAL C 246 1.94 50.01 8.38
N PRO C 247 1.40 49.55 9.53
CA PRO C 247 0.64 50.43 10.41
C PRO C 247 1.52 51.44 11.14
N LYS C 248 0.89 52.38 11.82
CA LYS C 248 1.59 53.36 12.64
C LYS C 248 1.15 53.19 14.09
N CYS C 249 2.04 53.52 15.01
CA CYS C 249 1.67 53.54 16.43
C CYS C 249 1.64 54.99 16.92
N LEU C 250 0.45 55.42 17.35
CA LEU C 250 0.20 56.83 17.63
C LEU C 250 0.15 57.16 19.12
N LYS C 251 0.58 58.36 19.47
CA LYS C 251 0.57 58.81 20.86
C LYS C 251 -0.86 58.97 21.38
N VAL C 252 -1.13 58.36 22.53
CA VAL C 252 -2.45 58.36 23.14
C VAL C 252 -2.70 59.64 23.93
C1 NAG D . -19.08 26.05 19.23
C2 NAG D . -19.83 24.74 19.41
C3 NAG D . -20.92 24.58 18.36
C4 NAG D . -21.81 25.81 18.31
C5 NAG D . -21.02 27.12 18.40
C6 NAG D . -21.96 28.28 18.74
C7 NAG D . -18.62 22.93 20.46
C8 NAG D . -19.43 23.26 21.67
N2 NAG D . -18.91 23.61 19.36
O3 NAG D . -21.67 23.44 18.68
O4 NAG D . -22.51 25.81 17.09
O5 NAG D . -20.01 27.10 19.38
O6 NAG D . -22.25 28.24 20.12
O7 NAG D . -17.74 22.07 20.51
C1 NAG D . -23.94 25.64 17.28
C2 NAG D . -24.52 24.89 16.09
C3 NAG D . -26.04 24.76 16.24
C4 NAG D . -26.47 24.37 17.64
C5 NAG D . -25.71 25.13 18.71
C6 NAG D . -26.04 24.63 20.11
C7 NAG D . -23.13 25.27 14.13
C8 NAG D . -22.56 26.37 13.26
N2 NAG D . -24.19 25.59 14.87
O3 NAG D . -26.52 23.79 15.32
O4 NAG D . -27.85 24.64 17.78
O5 NAG D . -24.31 25.00 18.48
O6 NAG D . -25.51 25.52 21.07
O7 NAG D . -22.62 24.15 14.12
C1 NAG E . 13.08 -16.25 -15.17
C2 NAG E . 11.96 -15.89 -14.21
C3 NAG E . 12.35 -16.23 -12.78
C4 NAG E . 12.76 -17.70 -12.71
C5 NAG E . 13.78 -18.08 -13.78
C6 NAG E . 13.94 -19.59 -13.83
C7 NAG E . 10.34 -14.11 -14.50
C8 NAG E . 10.10 -12.66 -14.86
N2 NAG E . 11.60 -14.48 -14.32
O3 NAG E . 11.25 -16.00 -11.92
O4 NAG E . 13.32 -17.96 -11.44
O5 NAG E . 13.41 -17.63 -15.06
O6 NAG E . 12.68 -20.19 -13.98
O7 NAG E . 9.39 -14.89 -14.41
C1 NAG E . 12.42 -18.75 -10.66
C2 NAG E . 13.06 -18.99 -9.29
C3 NAG E . 12.15 -19.79 -8.37
C4 NAG E . 10.65 -19.53 -8.55
C5 NAG E . 10.23 -19.11 -9.96
C6 NAG E . 8.85 -18.49 -9.94
C7 NAG E . 15.46 -19.03 -9.62
C8 NAG E . 16.67 -19.88 -9.93
N2 NAG E . 14.31 -19.68 -9.47
O3 NAG E . 12.49 -19.49 -7.04
O4 NAG E . 9.94 -20.71 -8.20
O5 NAG E . 11.15 -18.18 -10.49
O6 NAG E . 8.80 -17.49 -8.95
O7 NAG E . 15.57 -17.81 -9.51
C1 BMA E . 9.47 -20.57 -6.85
C2 BMA E . 8.27 -21.48 -6.59
C3 BMA E . 7.70 -21.15 -5.22
C4 BMA E . 8.78 -21.10 -4.11
C5 BMA E . 10.03 -20.30 -4.57
C6 BMA E . 11.21 -20.44 -3.61
O2 BMA E . 8.68 -22.85 -6.56
O3 BMA E . 6.65 -22.06 -4.85
O4 BMA E . 8.25 -20.51 -2.94
O5 BMA E . 10.45 -20.76 -5.86
O6 BMA E . 12.28 -19.64 -4.10
C1 EDO F . -5.09 -8.54 26.85
O1 EDO F . -4.83 -9.73 27.58
C2 EDO F . -6.10 -7.68 27.61
O2 EDO F . -5.57 -7.33 28.90
C1 EDO G . -19.28 26.49 24.04
O1 EDO G . -18.32 25.62 23.41
C2 EDO G . -20.18 27.10 22.97
O2 EDO G . -20.93 26.07 22.32
C1 EDO H . -15.63 17.01 -3.47
O1 EDO H . -16.96 16.54 -3.73
C2 EDO H . -15.57 18.52 -3.69
O2 EDO H . -14.20 18.95 -3.65
C1 EDO I . -19.06 -11.24 51.09
O1 EDO I . -20.22 -11.67 51.80
C2 EDO I . -17.82 -11.91 51.68
O2 EDO I . -16.93 -10.92 52.20
C1 EDO J . 48.78 31.34 4.52
O1 EDO J . 48.03 30.91 3.37
C2 EDO J . 50.11 30.61 4.53
O2 EDO J . 49.88 29.22 4.74
C1 EDO K . 48.69 24.91 18.12
O1 EDO K . 47.50 25.01 18.92
C2 EDO K . 48.35 24.26 16.78
O2 EDO K . 49.48 24.37 15.89
C1 EDO L . 41.44 21.74 -2.24
O1 EDO L . 40.33 21.61 -3.14
C2 EDO L . 42.73 21.94 -3.02
O2 EDO L . 42.64 23.14 -3.80
C1 EDO M . 26.83 38.01 32.27
O1 EDO M . 26.46 38.89 31.20
C2 EDO M . 28.34 37.79 32.24
O2 EDO M . 28.65 36.68 31.41
C1 EDO N . 9.33 20.71 29.18
O1 EDO N . 8.11 21.15 28.58
C2 EDO N . 10.12 21.91 29.70
O2 EDO N . 9.55 22.39 30.92
C1 EDO O . 11.14 17.22 28.43
O1 EDO O . 11.48 16.19 27.49
C2 EDO O . 12.22 17.31 29.49
O2 EDO O . 11.93 18.41 30.38
C1 EDO P . 10.74 33.56 17.91
O1 EDO P . 11.66 33.46 19.01
C2 EDO P . 9.35 33.82 18.45
O2 EDO P . 8.97 32.78 19.36
C1 EDO Q . 3.16 -32.40 -12.86
O1 EDO Q . 3.65 -32.85 -14.12
C2 EDO Q . 3.83 -33.17 -11.74
O2 EDO Q . 5.20 -32.77 -11.62
C1 EDO R . 31.85 13.08 19.95
O1 EDO R . 30.54 13.50 20.34
C2 EDO R . 32.18 13.66 18.59
O2 EDO R . 33.46 13.16 18.15
C1 EDO S . 31.55 59.63 24.29
O1 EDO S . 31.49 59.13 25.63
C2 EDO S . 32.95 59.41 23.75
O2 EDO S . 33.92 59.82 24.73
C1 EDO T . 40.98 54.22 25.33
O1 EDO T . 39.76 54.53 25.99
C2 EDO T . 41.08 55.00 24.02
O2 EDO T . 42.36 54.77 23.42
C1 EDO U . 15.29 30.04 31.18
O1 EDO U . 16.22 30.29 32.24
C2 EDO U . 15.17 28.54 30.93
O2 EDO U . 14.47 28.30 29.71
C1 EDO V . 31.53 39.00 33.37
O1 EDO V . 32.75 39.25 34.09
C2 EDO V . 31.85 38.47 31.97
O2 EDO V . 32.53 37.20 32.06
C1 EDO W . 52.03 34.67 -2.23
O1 EDO W . 51.47 33.53 -2.89
C2 EDO W . 51.59 35.94 -2.94
O2 EDO W . 52.20 37.08 -2.33
C1 EDO X . 47.77 41.80 4.39
O1 EDO X . 48.13 40.98 3.28
C2 EDO X . 48.48 41.32 5.64
O2 EDO X . 47.91 41.98 6.78
C1 EDO Y . 48.01 46.54 6.29
O1 EDO Y . 47.19 47.72 6.28
C2 EDO Y . 47.63 45.66 5.09
O2 EDO Y . 48.72 44.79 4.78
C1 EDO Z . 17.02 -34.86 -60.52
O1 EDO Z . 18.21 -34.16 -60.12
C2 EDO Z . 16.59 -34.37 -61.89
O2 EDO Z . 15.28 -34.87 -62.18
C1 EDO AA . 16.79 -40.32 -55.74
O1 EDO AA . 16.39 -41.25 -56.76
C2 EDO AA . 17.98 -39.49 -56.25
O2 EDO AA . 17.58 -38.74 -57.39
C1 EDO BA . 26.30 2.83 -9.59
O1 EDO BA . 25.91 1.95 -8.53
C2 EDO BA . 27.83 2.92 -9.63
O2 EDO BA . 28.23 3.79 -10.70
C1 EDO CA . 10.72 20.44 17.85
O1 EDO CA . 11.52 19.75 18.82
C2 EDO CA . 10.85 21.94 18.07
O2 EDO CA . 12.23 22.32 18.04
C1 EDO DA . 39.24 45.60 19.31
O1 EDO DA . 38.65 46.25 20.44
C2 EDO DA . 40.62 45.05 19.65
O2 EDO DA . 41.53 46.10 20.00
C1 EDO EA . 30.32 31.99 29.43
O1 EDO EA . 29.09 32.16 28.71
C2 EDO EA . 30.80 33.35 29.94
O2 EDO EA . 32.06 33.17 30.59
C1 EDO FA . 21.01 58.60 4.99
O1 EDO FA . 21.50 59.23 6.18
C2 EDO FA . 20.96 57.09 5.21
O2 EDO FA . 20.47 56.43 4.04
C1 EDO GA . 7.22 -38.48 -67.74
O1 EDO GA . 6.10 -39.20 -67.21
C2 EDO GA . 6.74 -37.39 -68.69
O2 EDO GA . 7.77 -37.14 -69.66
C1 EDO HA . 14.11 -53.32 -55.65
O1 EDO HA . 13.99 -53.42 -54.23
C2 EDO HA . 13.98 -54.70 -56.27
O2 EDO HA . 14.28 -54.65 -57.67
C1 EDO IA . 10.99 28.50 30.76
O1 EDO IA . 9.87 29.22 30.22
C2 EDO IA . 11.30 28.97 32.18
O2 EDO IA . 12.36 28.16 32.71
C1 EDO JA . 30.83 21.11 18.78
O1 EDO JA . 30.58 19.73 18.48
C2 EDO JA . 32.27 21.45 18.42
O2 EDO JA . 33.15 20.51 19.07
C1 EDO KA . 28.15 16.30 18.10
O1 EDO KA . 28.61 16.62 19.41
C2 EDO KA . 29.10 15.29 17.48
O2 EDO KA . 28.50 14.76 16.29
#